data_8JKF
#
_entry.id   8JKF
#
_cell.length_a   1.00
_cell.length_b   1.00
_cell.length_c   1.00
_cell.angle_alpha   90.00
_cell.angle_beta   90.00
_cell.angle_gamma   90.00
#
_symmetry.space_group_name_H-M   'P 1'
#
loop_
_entity.id
_entity.type
_entity.pdbx_description
1 polymer 'the heavy chain of antibody 3G2'
2 polymer 'the light chain of antibody 3G2'
3 polymer NS1
#
loop_
_entity_poly.entity_id
_entity_poly.type
_entity_poly.pdbx_seq_one_letter_code
_entity_poly.pdbx_strand_id
1 'polypeptide(L)'
;EVQLLESGGGLIQPGGSLRLSCAASGLTVSNNYMNWVRQAPGKGLEWVSIIYSSGSTYYADSVKGRFTISRDTRKNTLYL
QMHSLRVEDTAVYYCARERGWLDYWGQGTLVTVSS
;
H,h,M,m
2 'polypeptide(L)'
;VIWMTQSPSSLSASVGDRVTITCRASQSVSSHLNWYQQKPGKAPKLLIYAVSSLQSGVPSRFSGGDSGTDFTLTIASLQP
EDFATYYCQQTYTIPRTFGQGTKVEIK
;
L,l,N,n
3 'polypeptide(L)'
;HHHHHHGCSVDFSKKETRCGTGVFVYNDVEAWRDRYKYHPDSPRRLAAAVKQAWEDGICGISSVSRMENIMWRSVEGELN
AILEENGVQLTVVVGSVKNPMWRGPQRLPVPVNELPHGWKAWGKSYFVRAAKTNNSFVVDGDTLKECPLKHRAWNSFLVE
DHGFGVFHTSVWLKVREDYSLECDPAVIGTAVKGKEAVHSDLGYWIESEKNDTWRLKRAHLIEMKTCEWPKSHTLWTDGI
EESDLIIPKSLAGPLSHHNTREGYRTQMKGPWHSEELEIRFEECPGTKVHVEETCGTRGPSLRSTTASGRVIEEWCCREC
TMPPLSFRAKDGCWYGMEIRPRKEPESNLVRSMVTAGS
;
a,A,B,b
#
# COMPACT_ATOMS: atom_id res chain seq x y z
N VAL A 2 -7.55 -5.75 51.65
CA VAL A 2 -8.75 -5.92 50.85
C VAL A 2 -9.94 -6.30 51.71
N GLN A 3 -11.02 -5.54 51.57
CA GLN A 3 -12.24 -5.79 52.32
C GLN A 3 -13.42 -5.89 51.35
N LEU A 4 -14.33 -6.81 51.63
CA LEU A 4 -15.56 -6.97 50.87
C LEU A 4 -16.72 -6.97 51.85
N LEU A 5 -17.56 -5.94 51.80
CA LEU A 5 -18.69 -5.80 52.71
C LEU A 5 -19.98 -5.92 51.91
N GLU A 6 -20.95 -6.61 52.48
CA GLU A 6 -22.15 -7.01 51.78
C GLU A 6 -23.38 -6.49 52.50
N SER A 7 -24.45 -6.29 51.75
CA SER A 7 -25.69 -5.76 52.33
C SER A 7 -26.84 -6.07 51.39
N GLY A 8 -28.06 -5.81 51.88
CA GLY A 8 -29.26 -5.95 51.09
C GLY A 8 -30.13 -7.14 51.44
N GLY A 9 -29.67 -8.02 52.32
CA GLY A 9 -30.44 -9.19 52.65
C GLY A 9 -31.62 -8.88 53.56
N GLY A 10 -32.47 -9.88 53.72
CA GLY A 10 -33.63 -9.74 54.60
C GLY A 10 -34.73 -10.69 54.18
N LEU A 11 -35.88 -10.51 54.83
CA LEU A 11 -37.05 -11.31 54.52
C LEU A 11 -37.76 -10.76 53.29
N ILE A 12 -38.29 -11.66 52.47
CA ILE A 12 -38.98 -11.28 51.25
C ILE A 12 -40.09 -12.29 50.98
N GLN A 13 -41.16 -11.81 50.36
CA GLN A 13 -42.28 -12.67 50.02
C GLN A 13 -41.92 -13.55 48.82
N PRO A 14 -42.43 -14.77 48.74
CA PRO A 14 -42.26 -15.56 47.52
C PRO A 14 -42.83 -14.83 46.32
N GLY A 15 -42.09 -14.87 45.22
CA GLY A 15 -42.46 -14.09 44.05
C GLY A 15 -42.02 -12.65 44.09
N GLY A 16 -41.27 -12.25 45.11
CA GLY A 16 -40.82 -10.88 45.23
C GLY A 16 -39.54 -10.62 44.46
N SER A 17 -38.95 -9.46 44.72
CA SER A 17 -37.70 -9.08 44.10
C SER A 17 -36.78 -8.45 45.14
N LEU A 18 -35.48 -8.55 44.91
CA LEU A 18 -34.47 -8.12 45.87
C LEU A 18 -33.23 -7.70 45.11
N ARG A 19 -32.33 -7.01 45.81
CA ARG A 19 -31.08 -6.55 45.21
C ARG A 19 -29.99 -6.53 46.27
N LEU A 20 -28.93 -7.29 46.04
CA LEU A 20 -27.79 -7.32 46.94
C LEU A 20 -26.64 -6.49 46.35
N SER A 21 -25.75 -6.05 47.23
CA SER A 21 -24.60 -5.27 46.83
C SER A 21 -23.38 -5.76 47.59
N CYS A 22 -22.21 -5.55 46.99
CA CYS A 22 -20.93 -5.91 47.60
C CYS A 22 -19.96 -4.77 47.30
N ALA A 23 -19.51 -4.09 48.35
CA ALA A 23 -18.62 -2.95 48.22
C ALA A 23 -17.18 -3.39 48.39
N ALA A 24 -16.32 -2.98 47.46
CA ALA A 24 -14.93 -3.42 47.43
C ALA A 24 -14.03 -2.30 47.91
N SER A 25 -13.16 -2.61 48.87
CA SER A 25 -12.13 -1.67 49.35
C SER A 25 -10.79 -2.37 49.26
N GLY A 26 -9.84 -1.74 48.57
CA GLY A 26 -8.54 -2.33 48.33
C GLY A 26 -8.36 -2.90 46.95
N LEU A 27 -9.42 -3.00 46.15
CA LEU A 27 -9.31 -3.47 44.78
C LEU A 27 -10.43 -2.86 43.96
N THR A 28 -10.26 -2.88 42.64
CA THR A 28 -11.23 -2.35 41.69
C THR A 28 -12.02 -3.51 41.10
N VAL A 29 -13.35 -3.46 41.21
CA VAL A 29 -14.17 -4.54 40.69
C VAL A 29 -14.11 -4.61 39.17
N SER A 30 -13.65 -3.55 38.52
CA SER A 30 -13.58 -3.51 37.07
C SER A 30 -12.34 -4.19 36.51
N ASN A 31 -11.39 -4.57 37.36
CA ASN A 31 -10.16 -5.21 36.93
C ASN A 31 -10.08 -6.67 37.37
N ASN A 32 -11.14 -7.20 37.97
CA ASN A 32 -11.12 -8.52 38.57
C ASN A 32 -12.29 -9.35 38.05
N TYR A 33 -12.20 -10.65 38.24
CA TYR A 33 -13.34 -11.54 38.03
C TYR A 33 -14.02 -11.71 39.38
N MET A 34 -15.33 -11.46 39.44
CA MET A 34 -16.07 -11.49 40.68
C MET A 34 -17.18 -12.52 40.62
N ASN A 35 -17.35 -13.27 41.71
CA ASN A 35 -18.30 -14.37 41.81
C ASN A 35 -19.36 -14.07 42.85
N TRP A 36 -20.49 -14.76 42.74
CA TRP A 36 -21.47 -14.86 43.80
C TRP A 36 -21.64 -16.34 44.14
N VAL A 37 -21.51 -16.67 45.43
CA VAL A 37 -21.63 -18.04 45.91
C VAL A 37 -22.64 -18.07 47.04
N ARG A 38 -23.51 -19.06 47.05
CA ARG A 38 -24.55 -19.18 48.07
C ARG A 38 -24.48 -20.53 48.75
N GLN A 39 -24.89 -20.55 50.03
CA GLN A 39 -24.94 -21.77 50.82
C GLN A 39 -26.27 -21.85 51.53
N ALA A 40 -27.04 -22.89 51.23
CA ALA A 40 -28.29 -23.13 51.94
C ALA A 40 -28.00 -23.51 53.39
N PRO A 41 -28.93 -23.25 54.30
CA PRO A 41 -28.72 -23.61 55.71
C PRO A 41 -28.50 -25.10 55.89
N GLY A 42 -27.30 -25.46 56.36
CA GLY A 42 -26.95 -26.84 56.60
C GLY A 42 -26.48 -27.61 55.39
N LYS A 43 -26.23 -26.94 54.27
CA LYS A 43 -25.89 -27.59 53.01
C LYS A 43 -24.51 -27.15 52.55
N GLY A 44 -24.13 -27.57 51.34
CA GLY A 44 -22.84 -27.24 50.78
C GLY A 44 -22.86 -25.94 49.98
N LEU A 45 -21.75 -25.69 49.31
CA LEU A 45 -21.56 -24.48 48.53
C LEU A 45 -22.05 -24.67 47.10
N GLU A 46 -22.69 -23.62 46.57
CA GLU A 46 -23.20 -23.63 45.21
C GLU A 46 -22.80 -22.35 44.51
N TRP A 47 -22.32 -22.46 43.28
CA TRP A 47 -21.92 -21.30 42.49
C TRP A 47 -23.13 -20.68 41.81
N VAL A 48 -23.19 -19.35 41.80
CA VAL A 48 -24.34 -18.63 41.26
C VAL A 48 -23.98 -17.89 39.97
N SER A 49 -23.00 -16.98 40.04
CA SER A 49 -22.70 -16.12 38.90
C SER A 49 -21.23 -15.74 38.91
N ILE A 50 -20.79 -15.22 37.76
CA ILE A 50 -19.46 -14.64 37.62
C ILE A 50 -19.55 -13.52 36.59
N ILE A 51 -18.73 -12.50 36.77
CA ILE A 51 -18.58 -11.44 35.79
C ILE A 51 -17.09 -11.30 35.48
N TYR A 52 -16.75 -11.36 34.20
CA TYR A 52 -15.36 -11.20 33.80
C TYR A 52 -14.95 -9.73 33.91
N SER A 53 -13.64 -9.49 33.93
CA SER A 53 -13.15 -8.12 33.91
C SER A 53 -13.46 -7.42 32.60
N SER A 54 -13.72 -8.18 31.54
CA SER A 54 -14.14 -7.61 30.27
C SER A 54 -15.65 -7.32 30.23
N GLY A 55 -16.42 -7.87 31.15
CA GLY A 55 -17.85 -7.65 31.19
C GLY A 55 -18.70 -8.86 30.85
N SER A 56 -18.11 -9.99 30.50
CA SER A 56 -18.89 -11.18 30.21
C SER A 56 -19.46 -11.79 31.49
N THR A 57 -20.66 -12.35 31.38
CA THR A 57 -21.39 -12.86 32.53
C THR A 57 -21.86 -14.28 32.25
N TYR A 58 -21.89 -15.09 33.31
CA TYR A 58 -22.38 -16.46 33.24
C TYR A 58 -23.20 -16.75 34.48
N TYR A 59 -24.17 -17.66 34.34
CA TYR A 59 -25.11 -17.97 35.40
C TYR A 59 -25.27 -19.48 35.52
N ALA A 60 -25.66 -19.92 36.71
CA ALA A 60 -26.00 -21.32 36.94
C ALA A 60 -27.37 -21.64 36.36
N ASP A 61 -27.54 -22.89 35.94
CA ASP A 61 -28.80 -23.28 35.31
C ASP A 61 -29.98 -23.16 36.27
N SER A 62 -29.74 -23.26 37.58
CA SER A 62 -30.81 -23.16 38.55
C SER A 62 -31.40 -21.75 38.58
N VAL A 63 -30.56 -20.73 38.45
CA VAL A 63 -30.98 -19.34 38.61
C VAL A 63 -31.04 -18.59 37.30
N LYS A 64 -30.74 -19.25 36.18
CA LYS A 64 -30.66 -18.56 34.91
C LYS A 64 -32.03 -18.06 34.47
N GLY A 65 -32.10 -16.80 34.07
CA GLY A 65 -33.33 -16.17 33.67
C GLY A 65 -33.97 -15.29 34.72
N ARG A 66 -33.56 -15.42 35.97
CA ARG A 66 -34.13 -14.64 37.06
C ARG A 66 -33.12 -13.72 37.74
N PHE A 67 -31.84 -14.07 37.75
CA PHE A 67 -30.81 -13.29 38.40
C PHE A 67 -30.06 -12.46 37.37
N THR A 68 -29.43 -11.38 37.83
CA THR A 68 -28.64 -10.51 36.97
C THR A 68 -27.49 -9.93 37.76
N ILE A 69 -26.28 -10.11 37.25
CA ILE A 69 -25.06 -9.62 37.89
C ILE A 69 -24.56 -8.42 37.10
N SER A 70 -24.14 -7.38 37.82
CA SER A 70 -23.69 -6.14 37.18
C SER A 70 -22.74 -5.42 38.14
N ARG A 71 -22.18 -4.32 37.66
CA ARG A 71 -21.21 -3.58 38.44
C ARG A 71 -21.30 -2.10 38.09
N ASP A 72 -20.82 -1.27 39.02
CA ASP A 72 -20.77 0.18 38.85
C ASP A 72 -19.34 0.65 39.06
N THR A 73 -18.77 1.33 38.06
CA THR A 73 -17.38 1.77 38.18
C THR A 73 -17.25 2.97 39.11
N ARG A 74 -18.25 3.86 39.15
CA ARG A 74 -18.16 5.05 39.99
C ARG A 74 -18.17 4.68 41.47
N LYS A 75 -19.13 3.86 41.88
CA LYS A 75 -19.26 3.47 43.28
C LYS A 75 -18.39 2.29 43.66
N ASN A 76 -17.80 1.59 42.69
CA ASN A 76 -16.96 0.42 42.94
C ASN A 76 -17.74 -0.65 43.72
N THR A 77 -18.87 -1.05 43.16
CA THR A 77 -19.75 -2.02 43.81
C THR A 77 -20.14 -3.12 42.82
N LEU A 78 -20.41 -4.29 43.38
CA LEU A 78 -20.91 -5.43 42.63
C LEU A 78 -22.36 -5.69 43.04
N TYR A 79 -23.23 -5.83 42.05
CA TYR A 79 -24.66 -5.96 42.28
C TYR A 79 -25.15 -7.35 41.89
N LEU A 80 -26.24 -7.77 42.52
CA LEU A 80 -26.94 -8.99 42.14
C LEU A 80 -28.44 -8.73 42.27
N GLN A 81 -29.12 -8.61 41.14
CA GLN A 81 -30.55 -8.34 41.11
C GLN A 81 -31.31 -9.65 41.00
N MET A 82 -32.26 -9.85 41.89
CA MET A 82 -33.04 -11.08 41.96
C MET A 82 -34.50 -10.78 41.69
N HIS A 83 -35.11 -11.57 40.81
CA HIS A 83 -36.51 -11.43 40.45
C HIS A 83 -37.20 -12.77 40.59
N SER A 84 -38.51 -12.72 40.84
CA SER A 84 -39.35 -13.92 40.89
C SER A 84 -38.79 -14.95 41.86
N LEU A 85 -38.50 -14.50 43.08
CA LEU A 85 -37.85 -15.34 44.07
C LEU A 85 -38.70 -16.54 44.44
N ARG A 86 -38.05 -17.66 44.68
CA ARG A 86 -38.69 -18.90 45.11
C ARG A 86 -38.28 -19.22 46.53
N VAL A 87 -38.98 -20.20 47.13
CA VAL A 87 -38.68 -20.59 48.51
C VAL A 87 -37.30 -21.20 48.62
N GLU A 88 -36.92 -22.04 47.65
CA GLU A 88 -35.64 -22.74 47.65
C GLU A 88 -34.45 -21.81 47.40
N ASP A 89 -34.64 -20.50 47.36
CA ASP A 89 -33.56 -19.55 47.22
C ASP A 89 -33.05 -19.06 48.58
N THR A 90 -33.55 -19.61 49.67
CA THR A 90 -33.08 -19.24 51.00
C THR A 90 -31.66 -19.74 51.21
N ALA A 91 -30.73 -18.83 51.46
CA ALA A 91 -29.32 -19.18 51.58
C ALA A 91 -28.57 -17.98 52.15
N VAL A 92 -27.27 -18.15 52.33
CA VAL A 92 -26.35 -17.06 52.64
C VAL A 92 -25.49 -16.83 51.41
N TYR A 93 -25.45 -15.59 50.93
CA TYR A 93 -24.78 -15.24 49.68
C TYR A 93 -23.47 -14.53 49.97
N TYR A 94 -22.41 -14.95 49.28
CA TYR A 94 -21.09 -14.34 49.41
C TYR A 94 -20.64 -13.74 48.07
N CYS A 95 -19.81 -12.71 48.15
CA CYS A 95 -19.06 -12.22 47.00
C CYS A 95 -17.59 -12.57 47.19
N ALA A 96 -16.95 -13.04 46.12
CA ALA A 96 -15.55 -13.44 46.19
C ALA A 96 -14.82 -13.01 44.92
N ARG A 97 -13.52 -12.79 45.06
CA ARG A 97 -12.65 -12.43 43.95
C ARG A 97 -11.96 -13.69 43.43
N GLU A 98 -11.93 -13.85 42.11
CA GLU A 98 -11.29 -14.99 41.47
C GLU A 98 -10.05 -14.55 40.72
N ARG A 99 -8.95 -15.25 40.95
CA ARG A 99 -7.71 -15.10 40.18
C ARG A 99 -7.17 -16.48 39.83
N GLY A 100 -8.07 -17.36 39.39
CA GLY A 100 -7.81 -18.78 39.33
C GLY A 100 -8.23 -19.52 40.58
N TRP A 101 -8.39 -18.79 41.69
CA TRP A 101 -8.84 -19.34 42.97
C TRP A 101 -9.49 -18.21 43.74
N LEU A 102 -10.40 -18.55 44.64
CA LEU A 102 -11.13 -17.55 45.42
C LEU A 102 -10.37 -17.28 46.71
N ASP A 103 -9.53 -16.24 46.69
CA ASP A 103 -8.68 -15.92 47.81
C ASP A 103 -9.27 -14.87 48.75
N TYR A 104 -10.24 -14.09 48.29
CA TYR A 104 -10.90 -13.08 49.12
C TYR A 104 -12.39 -13.35 49.13
N TRP A 105 -12.99 -13.32 50.31
CA TRP A 105 -14.41 -13.56 50.49
C TRP A 105 -15.05 -12.40 51.23
N GLY A 106 -16.37 -12.39 51.26
CA GLY A 106 -17.13 -11.49 52.09
C GLY A 106 -17.46 -12.11 53.43
N GLN A 107 -18.56 -11.66 54.03
CA GLN A 107 -19.06 -12.27 55.25
C GLN A 107 -20.40 -12.98 55.06
N GLY A 108 -21.16 -12.64 54.02
CA GLY A 108 -22.42 -13.30 53.77
C GLY A 108 -23.62 -12.54 54.30
N THR A 109 -24.67 -12.45 53.49
CA THR A 109 -25.95 -11.89 53.91
C THR A 109 -27.03 -12.93 53.72
N LEU A 110 -27.79 -13.19 54.79
CA LEU A 110 -28.85 -14.17 54.73
C LEU A 110 -30.07 -13.61 53.99
N VAL A 111 -30.63 -14.42 53.10
CA VAL A 111 -31.85 -14.10 52.38
C VAL A 111 -32.88 -15.17 52.72
N THR A 112 -34.04 -14.74 53.17
CA THR A 112 -35.12 -15.64 53.54
C THR A 112 -36.33 -15.38 52.66
N VAL A 113 -36.93 -16.45 52.14
CA VAL A 113 -38.11 -16.35 51.29
C VAL A 113 -39.17 -17.23 51.93
N SER A 114 -40.01 -16.62 52.78
CA SER A 114 -41.06 -17.33 53.48
C SER A 114 -42.37 -16.57 53.35
N SER A 115 -43.45 -17.31 53.10
CA SER A 115 -44.77 -16.73 52.96
C SER A 115 -45.34 -16.28 54.30
N ILE B 2 -18.59 -30.99 34.49
CA ILE B 2 -17.61 -31.64 35.34
C ILE B 2 -18.18 -31.82 36.75
N TRP B 3 -18.32 -33.08 37.16
CA TRP B 3 -18.85 -33.41 38.48
C TRP B 3 -17.70 -33.78 39.40
N MET B 4 -17.67 -33.17 40.58
CA MET B 4 -16.61 -33.40 41.55
C MET B 4 -17.18 -34.24 42.69
N THR B 5 -16.82 -35.52 42.71
CA THR B 5 -17.31 -36.45 43.72
C THR B 5 -16.25 -36.62 44.79
N GLN B 6 -16.61 -36.33 46.03
CA GLN B 6 -15.69 -36.28 47.15
C GLN B 6 -15.99 -37.41 48.12
N SER B 7 -14.95 -38.12 48.56
CA SER B 7 -15.07 -39.17 49.55
C SER B 7 -13.90 -39.08 50.51
N PRO B 8 -14.11 -39.44 51.80
CA PRO B 8 -15.38 -39.86 52.38
C PRO B 8 -16.25 -38.68 52.79
N SER B 9 -17.55 -38.93 52.98
CA SER B 9 -18.45 -37.86 53.41
C SER B 9 -18.16 -37.43 54.84
N SER B 10 -17.70 -38.34 55.69
CA SER B 10 -17.33 -38.01 57.05
C SER B 10 -16.21 -38.92 57.50
N LEU B 11 -15.40 -38.44 58.45
CA LEU B 11 -14.36 -39.26 59.04
C LEU B 11 -14.03 -38.68 60.41
N SER B 12 -13.61 -39.56 61.32
CA SER B 12 -13.22 -39.18 62.66
C SER B 12 -11.76 -39.52 62.89
N ALA B 13 -11.08 -38.70 63.68
CA ALA B 13 -9.67 -38.90 63.95
C ALA B 13 -9.32 -38.28 65.29
N SER B 14 -8.17 -38.66 65.80
CA SER B 14 -7.62 -38.11 67.04
C SER B 14 -6.55 -37.07 66.73
N VAL B 15 -6.23 -36.26 67.73
CA VAL B 15 -5.21 -35.23 67.57
C VAL B 15 -3.87 -35.90 67.33
N GLY B 16 -3.14 -35.41 66.33
CA GLY B 16 -1.85 -35.96 65.96
C GLY B 16 -1.87 -37.06 64.93
N ASP B 17 -3.05 -37.51 64.50
CA ASP B 17 -3.13 -38.54 63.48
C ASP B 17 -2.90 -37.95 62.09
N ARG B 18 -3.05 -38.80 61.08
CA ARG B 18 -2.87 -38.44 59.68
C ARG B 18 -4.21 -38.56 58.98
N VAL B 19 -4.58 -37.52 58.22
CA VAL B 19 -5.88 -37.46 57.57
C VAL B 19 -5.64 -37.32 56.06
N THR B 20 -6.48 -38.00 55.28
CA THR B 20 -6.40 -37.91 53.83
C THR B 20 -7.80 -37.89 53.24
N ILE B 21 -8.07 -36.88 52.41
CA ILE B 21 -9.36 -36.71 51.76
C ILE B 21 -9.16 -36.76 50.25
N THR B 22 -10.06 -37.43 49.55
CA THR B 22 -9.92 -37.67 48.12
C THR B 22 -11.06 -36.99 47.36
N CYS B 23 -10.70 -36.29 46.28
CA CYS B 23 -11.64 -35.67 45.36
C CYS B 23 -11.40 -36.25 43.97
N ARG B 24 -12.48 -36.60 43.28
CA ARG B 24 -12.38 -37.17 41.93
C ARG B 24 -13.23 -36.38 40.97
N ALA B 25 -12.66 -36.01 39.83
CA ALA B 25 -13.33 -35.20 38.84
C ALA B 25 -13.87 -36.08 37.70
N SER B 26 -15.04 -35.70 37.18
CA SER B 26 -15.65 -36.46 36.09
C SER B 26 -14.80 -36.39 34.82
N GLN B 27 -14.29 -35.21 34.50
CA GLN B 27 -13.42 -34.99 33.35
C GLN B 27 -12.06 -34.50 33.85
N SER B 28 -11.21 -34.10 32.93
CA SER B 28 -9.84 -33.70 33.27
C SER B 28 -9.80 -32.19 33.45
N VAL B 29 -9.76 -31.74 34.69
CA VAL B 29 -9.28 -30.40 34.98
C VAL B 29 -7.78 -30.40 34.78
N SER B 30 -7.26 -29.39 34.08
CA SER B 30 -5.85 -29.44 33.72
C SER B 30 -4.98 -29.47 34.96
N SER B 31 -4.95 -28.36 35.69
CA SER B 31 -4.45 -28.39 37.06
C SER B 31 -5.21 -27.42 37.96
N HIS B 32 -6.41 -27.02 37.57
CA HIS B 32 -7.17 -26.01 38.29
C HIS B 32 -8.07 -26.70 39.31
N LEU B 33 -7.47 -27.05 40.45
CA LEU B 33 -8.24 -27.63 41.54
C LEU B 33 -7.80 -27.04 42.87
N ASN B 34 -8.77 -26.70 43.70
CA ASN B 34 -8.58 -25.84 44.86
C ASN B 34 -9.18 -26.53 46.08
N TRP B 35 -8.71 -26.13 47.27
CA TRP B 35 -9.23 -26.66 48.52
C TRP B 35 -9.62 -25.51 49.45
N TYR B 36 -10.77 -25.65 50.11
CA TYR B 36 -11.28 -24.65 51.03
C TYR B 36 -11.68 -25.29 52.35
N GLN B 37 -11.46 -24.56 53.44
CA GLN B 37 -11.84 -25.00 54.78
C GLN B 37 -12.87 -24.03 55.34
N GLN B 38 -14.00 -24.57 55.81
CA GLN B 38 -15.08 -23.73 56.33
C GLN B 38 -15.48 -24.23 57.73
N LYS B 39 -15.06 -23.49 58.75
CA LYS B 39 -15.55 -23.77 60.09
C LYS B 39 -16.98 -23.27 60.22
N PRO B 40 -17.79 -23.91 61.06
CA PRO B 40 -19.22 -23.55 61.13
C PRO B 40 -19.43 -22.13 61.61
N GLY B 41 -20.19 -21.37 60.83
CA GLY B 41 -20.59 -20.02 61.19
C GLY B 41 -19.82 -18.90 60.54
N LYS B 42 -18.90 -19.19 59.61
CA LYS B 42 -18.14 -18.14 58.95
C LYS B 42 -17.94 -18.52 57.49
N ALA B 43 -17.17 -17.71 56.78
CA ALA B 43 -16.95 -17.87 55.34
C ALA B 43 -15.86 -18.91 55.07
N PRO B 44 -15.86 -19.49 53.88
CA PRO B 44 -14.79 -20.42 53.51
C PRO B 44 -13.44 -19.72 53.42
N LYS B 45 -12.39 -20.49 53.62
CA LYS B 45 -11.02 -19.99 53.63
C LYS B 45 -10.16 -20.85 52.73
N LEU B 46 -9.30 -20.21 51.94
CA LEU B 46 -8.49 -20.93 50.97
C LEU B 46 -7.24 -21.50 51.63
N LEU B 47 -6.97 -22.78 51.35
CA LEU B 47 -5.77 -23.46 51.82
C LEU B 47 -4.81 -23.77 50.69
N ILE B 48 -5.28 -24.46 49.65
CA ILE B 48 -4.34 -24.90 48.58
C ILE B 48 -4.93 -24.55 47.21
N TYR B 49 -4.09 -24.04 46.29
CA TYR B 49 -4.54 -23.75 44.91
C TYR B 49 -3.63 -24.50 43.92
N ALA B 50 -4.04 -24.61 42.66
CA ALA B 50 -3.25 -25.34 41.64
C ALA B 50 -2.89 -26.74 42.13
N VAL B 51 -3.82 -27.44 42.81
CA VAL B 51 -3.64 -28.83 43.33
C VAL B 51 -2.52 -28.94 44.38
N SER B 52 -1.53 -28.05 44.41
CA SER B 52 -0.39 -28.21 45.35
C SER B 52 0.04 -26.86 45.94
N SER B 53 0.13 -25.81 45.10
CA SER B 53 0.61 -24.48 45.57
C SER B 53 -0.09 -24.09 46.88
N LEU B 54 0.69 -23.90 47.95
CA LEU B 54 0.10 -23.59 49.28
C LEU B 54 -0.21 -22.10 49.39
N GLN B 55 -1.39 -21.76 49.92
CA GLN B 55 -1.74 -20.37 50.14
C GLN B 55 -0.94 -19.77 51.29
N SER B 56 -0.61 -18.49 51.16
CA SER B 56 0.23 -17.84 52.16
C SER B 56 -0.49 -17.76 53.50
N GLY B 57 0.27 -18.03 54.57
CA GLY B 57 -0.23 -17.89 55.92
C GLY B 57 -0.85 -19.13 56.52
N VAL B 58 -0.97 -20.23 55.77
CA VAL B 58 -1.56 -21.44 56.33
C VAL B 58 -0.43 -22.37 56.77
N PRO B 59 -0.63 -23.18 57.80
CA PRO B 59 0.46 -24.02 58.30
C PRO B 59 0.91 -25.05 57.28
N SER B 60 2.18 -25.44 57.38
CA SER B 60 2.80 -26.35 56.43
C SER B 60 2.43 -27.81 56.66
N ARG B 61 1.41 -28.10 57.47
CA ARG B 61 0.95 -29.46 57.65
C ARG B 61 -0.13 -29.85 56.64
N PHE B 62 -0.51 -28.96 55.74
CA PHE B 62 -1.47 -29.25 54.69
C PHE B 62 -0.73 -29.50 53.37
N SER B 63 -1.20 -30.49 52.62
CA SER B 63 -0.55 -30.87 51.37
C SER B 63 -1.61 -31.19 50.33
N GLY B 64 -1.22 -31.10 49.06
CA GLY B 64 -2.07 -31.49 47.96
C GLY B 64 -1.35 -32.41 47.02
N GLY B 65 -2.09 -33.37 46.46
CA GLY B 65 -1.51 -34.40 45.64
C GLY B 65 -2.25 -34.57 44.33
N ASP B 66 -1.59 -35.25 43.40
CA ASP B 66 -2.12 -35.48 42.06
C ASP B 66 -1.95 -36.95 41.69
N SER B 67 -2.86 -37.43 40.84
CA SER B 67 -2.87 -38.82 40.40
C SER B 67 -3.66 -38.88 39.09
N GLY B 68 -4.11 -40.07 38.72
CA GLY B 68 -4.87 -40.25 37.51
C GLY B 68 -6.29 -39.72 37.65
N THR B 69 -6.42 -38.39 37.62
CA THR B 69 -7.68 -37.67 37.87
C THR B 69 -8.18 -37.87 39.29
N ASP B 70 -7.26 -38.15 40.21
CA ASP B 70 -7.55 -38.24 41.63
C ASP B 70 -6.68 -37.23 42.37
N PHE B 71 -7.29 -36.54 43.33
CA PHE B 71 -6.63 -35.47 44.07
C PHE B 71 -6.82 -35.70 45.56
N THR B 72 -5.76 -35.48 46.33
CA THR B 72 -5.78 -35.75 47.76
C THR B 72 -5.36 -34.52 48.54
N LEU B 73 -6.00 -34.32 49.68
CA LEU B 73 -5.57 -33.35 50.67
C LEU B 73 -5.15 -34.09 51.92
N THR B 74 -3.99 -33.75 52.47
CA THR B 74 -3.39 -34.48 53.56
C THR B 74 -3.04 -33.54 54.70
N ILE B 75 -3.39 -33.92 55.92
CA ILE B 75 -2.94 -33.24 57.12
C ILE B 75 -1.89 -34.12 57.77
N ALA B 76 -0.68 -33.57 57.95
CA ALA B 76 0.42 -34.35 58.50
C ALA B 76 0.17 -34.71 59.97
N SER B 77 -0.35 -33.78 60.75
CA SER B 77 -0.62 -34.03 62.16
C SER B 77 -1.84 -33.21 62.55
N LEU B 78 -2.95 -33.89 62.83
CA LEU B 78 -4.19 -33.21 63.16
C LEU B 78 -4.03 -32.38 64.43
N GLN B 79 -4.71 -31.24 64.46
CA GLN B 79 -4.70 -30.30 65.56
C GLN B 79 -6.12 -29.97 65.95
N PRO B 80 -6.34 -29.47 67.17
CA PRO B 80 -7.72 -29.12 67.59
C PRO B 80 -8.38 -28.09 66.70
N GLU B 81 -7.62 -27.19 66.07
CA GLU B 81 -8.17 -26.16 65.21
C GLU B 81 -8.31 -26.62 63.76
N ASP B 82 -8.25 -27.93 63.51
CA ASP B 82 -8.33 -28.48 62.17
C ASP B 82 -9.67 -29.16 61.88
N PHE B 83 -10.65 -29.01 62.76
CA PHE B 83 -11.93 -29.69 62.62
C PHE B 83 -12.90 -28.76 61.91
N ALA B 84 -13.29 -29.11 60.69
CA ALA B 84 -14.16 -28.28 59.87
C ALA B 84 -14.72 -29.13 58.74
N THR B 85 -15.30 -28.48 57.74
CA THR B 85 -15.69 -29.10 56.49
C THR B 85 -14.76 -28.62 55.38
N TYR B 86 -14.43 -29.53 54.47
CA TYR B 86 -13.46 -29.26 53.42
C TYR B 86 -14.10 -29.48 52.05
N TYR B 87 -13.91 -28.52 51.15
CA TYR B 87 -14.49 -28.56 49.82
C TYR B 87 -13.41 -28.51 48.76
N CYS B 88 -13.58 -29.29 47.69
CA CYS B 88 -12.72 -29.22 46.52
C CYS B 88 -13.47 -28.54 45.39
N GLN B 89 -12.77 -27.65 44.67
CA GLN B 89 -13.37 -26.89 43.60
C GLN B 89 -12.50 -26.93 42.36
N GLN B 90 -13.13 -26.86 41.19
CA GLN B 90 -12.45 -26.71 39.92
C GLN B 90 -12.80 -25.37 39.30
N THR B 91 -11.79 -24.69 38.75
CA THR B 91 -11.98 -23.41 38.07
C THR B 91 -11.55 -23.50 36.61
N TYR B 92 -11.84 -24.63 35.97
CA TYR B 92 -11.43 -24.83 34.58
C TYR B 92 -12.53 -24.48 33.58
N THR B 93 -13.78 -24.84 33.85
CA THR B 93 -14.88 -24.62 32.93
C THR B 93 -16.05 -23.96 33.66
N ILE B 94 -16.99 -23.47 32.87
CA ILE B 94 -18.26 -22.95 33.36
C ILE B 94 -19.30 -24.04 33.17
N PRO B 95 -20.09 -24.40 34.20
CA PRO B 95 -20.19 -23.86 35.56
C PRO B 95 -19.05 -24.26 36.50
N ARG B 96 -18.81 -23.43 37.51
CA ARG B 96 -17.83 -23.74 38.53
C ARG B 96 -18.46 -24.63 39.58
N THR B 97 -17.88 -25.81 39.82
CA THR B 97 -18.50 -26.83 40.64
C THR B 97 -17.65 -27.10 41.87
N PHE B 98 -18.32 -27.37 42.99
CA PHE B 98 -17.71 -27.73 44.25
C PHE B 98 -17.94 -29.22 44.52
N GLY B 99 -17.20 -29.74 45.50
CA GLY B 99 -17.52 -31.03 46.06
C GLY B 99 -18.63 -30.92 47.08
N GLN B 100 -19.12 -32.08 47.54
CA GLN B 100 -20.22 -32.05 48.48
C GLN B 100 -19.77 -31.86 49.92
N GLY B 101 -18.48 -31.88 50.20
CA GLY B 101 -17.98 -31.59 51.52
C GLY B 101 -17.55 -32.83 52.27
N THR B 102 -16.74 -32.62 53.30
CA THR B 102 -16.27 -33.70 54.16
C THR B 102 -16.04 -33.14 55.55
N LYS B 103 -16.75 -33.69 56.53
CA LYS B 103 -16.68 -33.22 57.91
C LYS B 103 -15.68 -34.08 58.68
N VAL B 104 -14.75 -33.42 59.38
CA VAL B 104 -13.72 -34.09 60.16
C VAL B 104 -14.04 -33.89 61.62
N GLU B 105 -14.40 -34.97 62.31
CA GLU B 105 -14.82 -34.89 63.71
C GLU B 105 -13.65 -35.17 64.65
N ILE B 106 -13.85 -34.84 65.92
CA ILE B 106 -12.84 -35.00 66.95
C ILE B 106 -13.13 -36.28 67.72
N LYS B 107 -12.08 -37.04 68.00
CA LYS B 107 -12.23 -38.32 68.68
C LYS B 107 -11.32 -38.40 69.91
N VAL C 2 -52.82 -26.55 4.07
CA VAL C 2 -51.94 -26.27 5.19
C VAL C 2 -52.61 -26.62 6.53
N GLN C 3 -51.86 -27.31 7.38
CA GLN C 3 -52.35 -27.73 8.68
C GLN C 3 -51.16 -28.07 9.57
N LEU C 4 -51.27 -27.73 10.85
CA LEU C 4 -50.21 -27.97 11.83
C LEU C 4 -50.72 -28.91 12.90
N LEU C 5 -49.93 -29.94 13.20
CA LEU C 5 -50.30 -30.94 14.19
C LEU C 5 -49.18 -31.09 15.20
N GLU C 6 -49.52 -30.94 16.49
CA GLU C 6 -48.54 -31.03 17.56
C GLU C 6 -48.74 -32.32 18.34
N SER C 7 -47.65 -32.79 18.95
CA SER C 7 -47.67 -34.04 19.70
C SER C 7 -46.56 -34.01 20.74
N GLY C 8 -46.69 -34.85 21.75
CA GLY C 8 -45.72 -34.95 22.82
C GLY C 8 -46.23 -34.59 24.19
N GLY C 9 -47.50 -34.22 24.34
CA GLY C 9 -48.02 -33.87 25.64
C GLY C 9 -48.40 -35.09 26.47
N GLY C 10 -48.62 -34.84 27.75
CA GLY C 10 -48.99 -35.92 28.65
C GLY C 10 -48.68 -35.52 30.09
N LEU C 11 -48.57 -36.54 30.94
CA LEU C 11 -48.32 -36.35 32.36
C LEU C 11 -46.83 -36.46 32.64
N ILE C 12 -46.33 -35.54 33.45
CA ILE C 12 -44.91 -35.51 33.82
C ILE C 12 -44.82 -35.05 35.26
N GLN C 13 -43.81 -35.56 35.96
CA GLN C 13 -43.58 -35.19 37.35
C GLN C 13 -42.99 -33.79 37.44
N PRO C 14 -43.18 -33.11 38.56
CA PRO C 14 -42.51 -31.81 38.76
C PRO C 14 -41.00 -31.97 38.70
N GLY C 15 -40.34 -31.01 38.07
CA GLY C 15 -38.92 -31.09 37.83
C GLY C 15 -38.50 -31.92 36.64
N GLY C 16 -39.45 -32.45 35.88
CA GLY C 16 -39.15 -33.31 34.76
C GLY C 16 -38.82 -32.53 33.51
N SER C 17 -38.69 -33.27 32.41
CA SER C 17 -38.36 -32.70 31.11
C SER C 17 -39.32 -33.24 30.06
N LEU C 18 -39.75 -32.36 29.16
CA LEU C 18 -40.68 -32.73 28.10
C LEU C 18 -40.22 -32.10 26.79
N ARG C 19 -40.68 -32.66 25.69
CA ARG C 19 -40.31 -32.17 24.36
C ARG C 19 -41.52 -32.24 23.45
N LEU C 20 -42.04 -31.08 23.06
CA LEU C 20 -43.17 -31.01 22.15
C LEU C 20 -42.68 -30.84 20.72
N SER C 21 -43.53 -31.23 19.77
CA SER C 21 -43.24 -31.13 18.37
C SER C 21 -44.44 -30.50 17.66
N CYS C 22 -44.20 -29.99 16.46
CA CYS C 22 -45.26 -29.43 15.64
C CYS C 22 -44.86 -29.65 14.19
N ALA C 23 -45.51 -30.60 13.52
CA ALA C 23 -45.21 -30.95 12.15
C ALA C 23 -46.01 -30.06 11.20
N ALA C 24 -45.34 -29.45 10.25
CA ALA C 24 -45.95 -28.47 9.35
C ALA C 24 -46.16 -29.09 7.98
N SER C 25 -47.38 -29.00 7.48
CA SER C 25 -47.73 -29.43 6.14
C SER C 25 -48.33 -28.25 5.39
N GLY C 26 -47.77 -27.93 4.24
CA GLY C 26 -48.21 -26.80 3.45
C GLY C 26 -47.33 -25.57 3.56
N LEU C 27 -46.33 -25.57 4.44
CA LEU C 27 -45.40 -24.46 4.55
C LEU C 27 -44.07 -24.98 5.05
N THR C 28 -43.05 -24.12 4.96
CA THR C 28 -41.72 -24.41 5.47
C THR C 28 -41.51 -23.62 6.75
N VAL C 29 -41.05 -24.30 7.80
CA VAL C 29 -40.83 -23.63 9.07
C VAL C 29 -39.65 -22.66 8.99
N SER C 30 -38.80 -22.79 7.98
CA SER C 30 -37.62 -21.95 7.85
C SER C 30 -37.89 -20.62 7.16
N ASN C 31 -39.07 -20.44 6.59
CA ASN C 31 -39.43 -19.21 5.90
C ASN C 31 -40.51 -18.43 6.64
N ASN C 32 -40.86 -18.83 7.85
CA ASN C 32 -41.97 -18.24 8.58
C ASN C 32 -41.53 -17.92 10.00
N TYR C 33 -42.28 -17.04 10.65
CA TYR C 33 -42.10 -16.80 12.07
C TYR C 33 -43.09 -17.69 12.81
N MET C 34 -42.59 -18.51 13.73
CA MET C 34 -43.42 -19.50 14.41
C MET C 34 -43.50 -19.19 15.90
N ASN C 35 -44.70 -19.34 16.46
CA ASN C 35 -44.98 -19.01 17.86
C ASN C 35 -45.38 -20.25 18.63
N TRP C 36 -45.25 -20.16 19.96
CA TRP C 36 -45.83 -21.11 20.88
C TRP C 36 -46.71 -20.33 21.86
N VAL C 37 -47.98 -20.73 21.96
CA VAL C 37 -48.95 -20.09 22.84
C VAL C 37 -49.56 -21.16 23.74
N ARG C 38 -49.84 -20.80 24.98
CA ARG C 38 -50.43 -21.73 25.93
C ARG C 38 -51.63 -21.09 26.62
N GLN C 39 -52.59 -21.93 27.00
CA GLN C 39 -53.80 -21.51 27.71
C GLN C 39 -53.98 -22.42 28.92
N ALA C 40 -53.81 -21.87 30.11
CA ALA C 40 -54.00 -22.62 31.33
C ALA C 40 -55.48 -22.99 31.50
N PRO C 41 -55.77 -24.05 32.24
CA PRO C 41 -57.18 -24.45 32.44
C PRO C 41 -58.00 -23.32 33.06
N GLY C 42 -59.00 -22.87 32.31
CA GLY C 42 -59.88 -21.81 32.77
C GLY C 42 -59.27 -20.42 32.74
N LYS C 43 -58.24 -20.20 31.92
CA LYS C 43 -57.58 -18.90 31.86
C LYS C 43 -57.52 -18.39 30.43
N GLY C 44 -56.81 -17.28 30.23
CA GLY C 44 -56.67 -16.69 28.92
C GLY C 44 -55.45 -17.19 28.17
N LEU C 45 -55.19 -16.55 27.03
CA LEU C 45 -54.05 -16.91 26.20
C LEU C 45 -52.79 -16.21 26.68
N GLU C 46 -51.66 -16.92 26.61
CA GLU C 46 -50.37 -16.36 27.00
C GLU C 46 -49.32 -16.75 25.98
N TRP C 47 -48.50 -15.79 25.58
CA TRP C 47 -47.43 -16.02 24.63
C TRP C 47 -46.22 -16.64 25.33
N VAL C 48 -45.57 -17.58 24.66
CA VAL C 48 -44.43 -18.30 25.24
C VAL C 48 -43.13 -17.93 24.53
N SER C 49 -43.02 -18.19 23.23
CA SER C 49 -41.77 -17.93 22.54
C SER C 49 -42.02 -17.82 21.04
N ILE C 50 -41.07 -17.17 20.36
CA ILE C 50 -41.11 -16.99 18.91
C ILE C 50 -39.73 -17.30 18.34
N ILE C 51 -39.71 -17.69 17.07
CA ILE C 51 -38.48 -17.85 16.31
C ILE C 51 -38.66 -17.16 14.96
N TYR C 52 -37.68 -16.36 14.56
CA TYR C 52 -37.75 -15.63 13.30
C TYR C 52 -37.30 -16.52 12.15
N SER C 53 -37.48 -16.01 10.92
CA SER C 53 -36.93 -16.69 9.76
C SER C 53 -35.41 -16.68 9.78
N SER C 54 -34.82 -15.60 10.31
CA SER C 54 -33.39 -15.56 10.50
C SER C 54 -32.91 -16.65 11.44
N GLY C 55 -33.64 -16.88 12.53
CA GLY C 55 -33.26 -17.86 13.51
C GLY C 55 -33.15 -17.27 14.89
N SER C 56 -33.57 -16.02 15.03
CA SER C 56 -33.54 -15.33 16.32
C SER C 56 -34.73 -15.75 17.15
N THR C 57 -34.49 -15.95 18.45
CA THR C 57 -35.48 -16.49 19.36
C THR C 57 -35.71 -15.53 20.51
N TYR C 58 -36.95 -15.47 20.98
CA TYR C 58 -37.33 -14.65 22.13
C TYR C 58 -38.24 -15.45 23.02
N TYR C 59 -38.22 -15.16 24.32
CA TYR C 59 -38.97 -15.93 25.30
C TYR C 59 -39.68 -15.00 26.26
N ALA C 60 -40.73 -15.52 26.88
CA ALA C 60 -41.42 -14.80 27.95
C ALA C 60 -40.59 -14.86 29.23
N ASP C 61 -40.78 -13.86 30.08
CA ASP C 61 -39.98 -13.74 31.30
C ASP C 61 -40.18 -14.95 32.22
N SER C 62 -41.39 -15.49 32.28
CA SER C 62 -41.66 -16.61 33.17
C SER C 62 -40.89 -17.86 32.77
N VAL C 63 -40.83 -18.15 31.47
CA VAL C 63 -40.23 -19.39 30.99
C VAL C 63 -38.77 -19.21 30.56
N LYS C 64 -38.24 -17.99 30.64
CA LYS C 64 -36.88 -17.74 30.18
C LYS C 64 -35.88 -18.54 31.00
N GLY C 65 -34.94 -19.18 30.31
CA GLY C 65 -33.92 -19.97 30.94
C GLY C 65 -34.23 -21.45 31.09
N ARG C 66 -35.51 -21.83 30.99
CA ARG C 66 -35.93 -23.23 31.10
C ARG C 66 -36.42 -23.81 29.79
N PHE C 67 -37.11 -23.02 28.97
CA PHE C 67 -37.64 -23.48 27.70
C PHE C 67 -36.64 -23.19 26.59
N THR C 68 -36.86 -23.84 25.44
CA THR C 68 -35.97 -23.67 24.29
C THR C 68 -36.73 -24.03 23.03
N ILE C 69 -36.75 -23.10 22.07
CA ILE C 69 -37.44 -23.31 20.80
C ILE C 69 -36.38 -23.56 19.73
N SER C 70 -36.68 -24.48 18.82
CA SER C 70 -35.76 -24.85 17.76
C SER C 70 -36.55 -25.49 16.63
N ARG C 71 -35.89 -25.65 15.49
CA ARG C 71 -36.54 -26.19 14.31
C ARG C 71 -35.58 -27.10 13.56
N ASP C 72 -36.14 -27.96 12.71
CA ASP C 72 -35.39 -28.89 11.88
C ASP C 72 -35.83 -28.72 10.45
N THR C 73 -34.87 -28.43 9.56
CA THR C 73 -35.21 -28.22 8.15
C THR C 73 -35.46 -29.53 7.43
N ARG C 74 -34.72 -30.58 7.77
CA ARG C 74 -34.89 -31.86 7.10
C ARG C 74 -36.24 -32.48 7.40
N LYS C 75 -36.68 -32.42 8.64
CA LYS C 75 -37.98 -32.96 9.04
C LYS C 75 -39.11 -31.94 8.94
N ASN C 76 -38.79 -30.66 8.72
CA ASN C 76 -39.77 -29.58 8.64
C ASN C 76 -40.68 -29.55 9.87
N THR C 77 -40.05 -29.45 11.03
CA THR C 77 -40.76 -29.54 12.30
C THR C 77 -40.22 -28.49 13.26
N LEU C 78 -41.09 -28.08 14.19
CA LEU C 78 -40.76 -27.09 15.21
C LEU C 78 -40.77 -27.76 16.58
N TYR C 79 -39.86 -27.36 17.44
CA TYR C 79 -39.65 -28.02 18.72
C TYR C 79 -39.78 -27.03 19.88
N LEU C 80 -40.12 -27.57 21.05
CA LEU C 80 -40.10 -26.82 22.30
C LEU C 80 -39.59 -27.75 23.38
N GLN C 81 -38.37 -27.48 23.87
CA GLN C 81 -37.76 -28.30 24.90
C GLN C 81 -38.03 -27.66 26.26
N MET C 82 -38.61 -28.43 27.16
CA MET C 82 -39.00 -27.95 28.47
C MET C 82 -38.19 -28.66 29.54
N HIS C 83 -37.62 -27.89 30.46
CA HIS C 83 -36.80 -28.42 31.54
C HIS C 83 -37.24 -27.83 32.86
N SER C 84 -37.05 -28.59 33.94
CA SER C 84 -37.34 -28.15 35.30
C SER C 84 -38.78 -27.67 35.43
N LEU C 85 -39.70 -28.48 34.93
CA LEU C 85 -41.11 -28.10 34.88
C LEU C 85 -41.67 -27.85 36.27
N ARG C 86 -42.56 -26.86 36.36
CA ARG C 86 -43.23 -26.50 37.60
C ARG C 86 -44.71 -26.85 37.49
N VAL C 87 -45.44 -26.57 38.57
CA VAL C 87 -46.86 -26.89 38.61
C VAL C 87 -47.64 -25.97 37.67
N GLU C 88 -47.29 -24.68 37.64
CA GLU C 88 -47.99 -23.71 36.83
C GLU C 88 -47.76 -23.88 35.34
N ASP C 89 -46.88 -24.78 34.92
CA ASP C 89 -46.66 -25.01 33.50
C ASP C 89 -47.75 -25.86 32.85
N THR C 90 -48.71 -26.36 33.63
CA THR C 90 -49.79 -27.16 33.06
C THR C 90 -50.75 -26.29 32.26
N ALA C 91 -50.97 -26.67 31.00
CA ALA C 91 -51.77 -25.89 30.06
C ALA C 91 -51.92 -26.64 28.75
N VAL C 92 -52.64 -26.06 27.80
CA VAL C 92 -52.70 -26.57 26.44
C VAL C 92 -51.84 -25.67 25.56
N TYR C 93 -50.91 -26.28 24.83
CA TYR C 93 -49.92 -25.55 24.05
C TYR C 93 -50.25 -25.64 22.56
N TYR C 94 -50.16 -24.51 21.86
CA TYR C 94 -50.41 -24.44 20.42
C TYR C 94 -49.18 -23.93 19.70
N CYS C 95 -49.04 -24.32 18.43
CA CYS C 95 -48.09 -23.72 17.51
C CYS C 95 -48.87 -22.95 16.46
N ALA C 96 -48.42 -21.74 16.14
CA ALA C 96 -49.13 -20.87 15.21
C ALA C 96 -48.14 -20.18 14.29
N ARG C 97 -48.62 -19.83 13.10
CA ARG C 97 -47.83 -19.13 12.10
C ARG C 97 -48.14 -17.64 12.15
N GLU C 98 -47.10 -16.82 12.19
CA GLU C 98 -47.24 -15.37 12.30
C GLU C 98 -46.77 -14.70 11.02
N ARG C 99 -47.58 -13.77 10.52
CA ARG C 99 -47.24 -12.93 9.38
C ARG C 99 -47.68 -11.51 9.64
N GLY C 100 -47.47 -11.03 10.87
CA GLY C 100 -48.14 -9.87 11.38
C GLY C 100 -49.41 -10.19 12.16
N TRP C 101 -49.95 -11.39 11.96
CA TRP C 101 -51.11 -11.90 12.66
C TRP C 101 -51.02 -13.42 12.64
N LEU C 102 -51.68 -14.06 13.60
CA LEU C 102 -51.64 -15.52 13.71
C LEU C 102 -52.83 -16.10 12.97
N ASP C 103 -52.64 -16.41 11.70
CA ASP C 103 -53.74 -16.89 10.87
C ASP C 103 -53.85 -18.41 10.81
N TYR C 104 -52.79 -19.14 11.12
CA TYR C 104 -52.83 -20.59 11.14
C TYR C 104 -52.43 -21.08 12.52
N TRP C 105 -53.26 -21.93 13.11
CA TRP C 105 -53.03 -22.52 14.42
C TRP C 105 -52.94 -24.03 14.29
N GLY C 106 -52.61 -24.67 15.41
CA GLY C 106 -52.66 -26.10 15.53
C GLY C 106 -53.94 -26.56 16.19
N GLN C 107 -53.87 -27.71 16.87
CA GLN C 107 -54.99 -28.20 17.66
C GLN C 107 -54.74 -28.18 19.15
N GLY C 108 -53.48 -28.20 19.58
CA GLY C 108 -53.16 -28.13 20.98
C GLY C 108 -52.81 -29.46 21.61
N THR C 109 -51.85 -29.47 22.52
CA THR C 109 -51.51 -30.63 23.33
C THR C 109 -51.53 -30.24 24.79
N LEU C 110 -52.22 -31.03 25.60
CA LEU C 110 -52.31 -30.75 27.03
C LEU C 110 -51.08 -31.30 27.74
N VAL C 111 -50.48 -30.48 28.60
CA VAL C 111 -49.35 -30.88 29.42
C VAL C 111 -49.79 -30.79 30.88
N THR C 112 -49.61 -31.88 31.61
CA THR C 112 -49.99 -31.95 33.02
C THR C 112 -48.75 -32.22 33.85
N VAL C 113 -48.58 -31.44 34.92
CA VAL C 113 -47.43 -31.56 35.81
C VAL C 113 -47.94 -31.73 37.23
N SER C 114 -47.81 -32.93 37.76
CA SER C 114 -48.23 -33.22 39.14
C SER C 114 -47.66 -34.59 39.53
N SER C 115 -48.01 -35.03 40.73
CA SER C 115 -47.55 -36.30 41.26
C SER C 115 -48.68 -37.33 41.30
N ILE D 2 -46.10 -3.28 26.62
CA ILE D 2 -47.42 -2.84 26.18
C ILE D 2 -48.50 -3.75 26.76
N TRP D 3 -49.26 -3.22 27.72
CA TRP D 3 -50.34 -3.97 28.34
C TRP D 3 -51.64 -3.75 27.58
N MET D 4 -52.40 -4.83 27.42
CA MET D 4 -53.71 -4.78 26.79
C MET D 4 -54.77 -4.85 27.87
N THR D 5 -55.68 -3.88 27.87
CA THR D 5 -56.79 -3.83 28.81
C THR D 5 -58.09 -3.91 28.03
N GLN D 6 -58.89 -4.93 28.33
CA GLN D 6 -60.12 -5.20 27.60
C GLN D 6 -61.30 -4.98 28.53
N SER D 7 -62.31 -4.26 28.05
CA SER D 7 -63.54 -4.03 28.80
C SER D 7 -64.71 -4.08 27.83
N PRO D 8 -65.86 -4.63 28.24
CA PRO D 8 -66.10 -5.24 29.55
C PRO D 8 -65.54 -6.65 29.66
N SER D 9 -65.52 -7.19 30.88
CA SER D 9 -65.06 -8.56 31.10
C SER D 9 -66.14 -9.60 30.80
N SER D 10 -67.40 -9.18 30.68
CA SER D 10 -68.49 -10.10 30.36
C SER D 10 -69.65 -9.30 29.82
N LEU D 11 -70.28 -9.80 28.76
CA LEU D 11 -71.34 -9.08 28.06
C LEU D 11 -72.48 -10.04 27.74
N SER D 12 -73.71 -9.53 27.86
CA SER D 12 -74.91 -10.31 27.61
C SER D 12 -75.82 -9.55 26.65
N ALA D 13 -76.28 -10.22 25.61
CA ALA D 13 -77.15 -9.59 24.64
C ALA D 13 -77.96 -10.65 23.91
N SER D 14 -79.04 -10.22 23.27
CA SER D 14 -79.95 -11.10 22.56
C SER D 14 -79.61 -11.13 21.08
N VAL D 15 -80.30 -12.02 20.35
CA VAL D 15 -80.08 -12.12 18.91
C VAL D 15 -80.56 -10.86 18.23
N GLY D 16 -79.90 -10.51 17.12
CA GLY D 16 -80.23 -9.31 16.40
C GLY D 16 -79.80 -8.02 17.06
N ASP D 17 -79.14 -8.10 18.21
CA ASP D 17 -78.71 -6.91 18.95
C ASP D 17 -77.32 -6.49 18.50
N ARG D 18 -76.89 -5.34 19.01
CA ARG D 18 -75.57 -4.78 18.72
C ARG D 18 -74.69 -4.89 19.96
N VAL D 19 -73.47 -5.39 19.77
CA VAL D 19 -72.49 -5.50 20.85
C VAL D 19 -71.19 -4.82 20.39
N THR D 20 -70.52 -4.17 21.32
CA THR D 20 -69.25 -3.51 21.04
C THR D 20 -68.27 -3.82 22.16
N ILE D 21 -67.09 -4.31 21.78
CA ILE D 21 -66.04 -4.69 22.72
C ILE D 21 -64.89 -3.70 22.59
N THR D 22 -64.31 -3.31 23.72
CA THR D 22 -63.33 -2.24 23.79
C THR D 22 -62.01 -2.76 24.31
N CYS D 23 -60.93 -2.50 23.58
CA CYS D 23 -59.58 -2.86 23.97
C CYS D 23 -58.73 -1.60 24.05
N ARG D 24 -57.84 -1.53 25.02
CA ARG D 24 -57.03 -0.35 25.27
C ARG D 24 -55.57 -0.75 25.42
N ALA D 25 -54.67 0.07 24.87
CA ALA D 25 -53.25 -0.19 24.86
C ALA D 25 -52.52 0.83 25.72
N SER D 26 -51.56 0.35 26.52
CA SER D 26 -50.79 1.24 27.38
C SER D 26 -49.76 2.06 26.62
N GLN D 27 -49.49 1.72 25.37
CA GLN D 27 -48.54 2.46 24.54
C GLN D 27 -49.15 2.60 23.15
N SER D 28 -48.34 3.03 22.20
CA SER D 28 -48.79 3.17 20.82
C SER D 28 -48.32 1.96 20.02
N VAL D 29 -49.27 1.21 19.48
CA VAL D 29 -49.02 0.24 18.42
C VAL D 29 -49.36 0.94 17.12
N SER D 30 -48.52 0.76 16.10
CA SER D 30 -48.72 1.51 14.87
C SER D 30 -50.10 1.22 14.29
N SER D 31 -50.28 0.00 13.78
CA SER D 31 -51.63 -0.49 13.51
C SER D 31 -51.72 -1.99 13.77
N HIS D 32 -50.79 -2.54 14.54
CA HIS D 32 -50.68 -3.99 14.71
C HIS D 32 -51.56 -4.41 15.88
N LEU D 33 -52.85 -4.55 15.59
CA LEU D 33 -53.81 -5.03 16.58
C LEU D 33 -54.73 -6.03 15.91
N ASN D 34 -54.98 -7.16 16.56
CA ASN D 34 -55.78 -8.23 15.99
C ASN D 34 -56.83 -8.69 16.99
N TRP D 35 -57.89 -9.29 16.45
CA TRP D 35 -58.99 -9.82 17.24
C TRP D 35 -59.17 -11.30 16.94
N TYR D 36 -59.38 -12.11 17.99
CA TYR D 36 -59.53 -13.55 17.86
C TYR D 36 -60.81 -14.00 18.54
N GLN D 37 -61.32 -15.15 18.09
CA GLN D 37 -62.52 -15.77 18.65
C GLN D 37 -62.19 -17.19 19.05
N GLN D 38 -62.57 -17.57 20.28
CA GLN D 38 -62.31 -18.91 20.80
C GLN D 38 -63.60 -19.50 21.38
N LYS D 39 -64.23 -20.38 20.61
CA LYS D 39 -65.30 -21.20 21.17
C LYS D 39 -64.72 -22.25 22.12
N PRO D 40 -65.46 -22.64 23.14
CA PRO D 40 -64.88 -23.54 24.16
C PRO D 40 -64.49 -24.89 23.58
N GLY D 41 -63.36 -25.42 24.06
CA GLY D 41 -62.85 -26.69 23.61
C GLY D 41 -62.04 -26.64 22.33
N LYS D 42 -61.84 -25.47 21.74
CA LYS D 42 -61.16 -25.37 20.46
C LYS D 42 -60.00 -24.37 20.52
N ALA D 43 -59.39 -24.09 19.34
CA ALA D 43 -58.30 -23.15 19.17
C ALA D 43 -58.81 -21.83 18.63
N PRO D 44 -58.15 -20.72 18.96
CA PRO D 44 -58.62 -19.41 18.54
C PRO D 44 -58.63 -19.25 17.03
N LYS D 45 -59.55 -18.42 16.54
CA LYS D 45 -59.71 -18.15 15.12
C LYS D 45 -59.55 -16.66 14.87
N LEU D 46 -58.85 -16.31 13.80
CA LEU D 46 -58.61 -14.92 13.47
C LEU D 46 -59.84 -14.32 12.79
N LEU D 47 -60.31 -13.19 13.32
CA LEU D 47 -61.40 -12.44 12.73
C LEU D 47 -60.93 -11.16 12.07
N ILE D 48 -60.28 -10.28 12.84
CA ILE D 48 -59.88 -8.97 12.26
C ILE D 48 -58.37 -8.78 12.43
N TYR D 49 -57.69 -8.34 11.37
CA TYR D 49 -56.23 -8.05 11.47
C TYR D 49 -55.97 -6.60 11.00
N ALA D 50 -54.81 -6.04 11.34
CA ALA D 50 -54.45 -4.67 10.92
C ALA D 50 -55.58 -3.68 11.24
N VAL D 51 -56.16 -3.76 12.45
CA VAL D 51 -57.24 -2.81 12.91
C VAL D 51 -58.53 -3.00 12.10
N SER D 52 -58.55 -2.64 10.82
CA SER D 52 -59.81 -2.69 10.02
C SER D 52 -59.64 -3.53 8.75
N SER D 53 -59.28 -4.81 8.89
CA SER D 53 -59.17 -5.72 7.71
C SER D 53 -59.61 -7.11 8.12
N LEU D 54 -60.77 -7.57 7.65
CA LEU D 54 -61.30 -8.88 8.11
C LEU D 54 -60.68 -10.04 7.33
N GLN D 55 -60.40 -11.16 8.01
CA GLN D 55 -59.88 -12.34 7.37
C GLN D 55 -60.88 -12.88 6.35
N SER D 56 -60.36 -13.45 5.26
CA SER D 56 -61.20 -14.01 4.23
C SER D 56 -62.03 -15.16 4.76
N GLY D 57 -63.33 -15.14 4.45
CA GLY D 57 -64.26 -16.12 4.95
C GLY D 57 -65.02 -15.69 6.19
N VAL D 58 -64.53 -14.68 6.90
CA VAL D 58 -65.24 -14.17 8.09
C VAL D 58 -66.45 -13.37 7.64
N PRO D 59 -67.61 -13.53 8.27
CA PRO D 59 -68.80 -12.79 7.83
C PRO D 59 -68.65 -11.28 8.02
N SER D 60 -69.43 -10.54 7.25
CA SER D 60 -69.35 -9.09 7.22
C SER D 60 -69.95 -8.42 8.45
N ARG D 61 -70.60 -9.18 9.34
CA ARG D 61 -71.11 -8.60 10.58
C ARG D 61 -69.98 -7.99 11.40
N PHE D 62 -68.87 -8.70 11.52
CA PHE D 62 -67.78 -8.26 12.37
C PHE D 62 -67.05 -7.08 11.74
N SER D 63 -66.78 -6.08 12.57
CA SER D 63 -66.08 -4.89 12.12
C SER D 63 -65.22 -4.37 13.26
N GLY D 64 -64.12 -3.69 12.90
CA GLY D 64 -63.23 -3.15 13.89
C GLY D 64 -62.67 -1.82 13.43
N GLY D 65 -62.07 -1.10 14.38
CA GLY D 65 -61.43 0.15 14.06
C GLY D 65 -61.81 1.26 15.00
N ASP D 66 -60.83 2.02 15.46
CA ASP D 66 -61.11 3.17 16.31
C ASP D 66 -59.95 4.15 16.21
N SER D 67 -60.20 5.37 16.67
CA SER D 67 -59.21 6.43 16.66
C SER D 67 -58.83 6.81 18.08
N GLY D 68 -57.56 7.17 18.26
CA GLY D 68 -57.05 7.57 19.56
C GLY D 68 -56.29 6.47 20.26
N THR D 69 -56.44 6.40 21.58
CA THR D 69 -55.81 5.35 22.38
C THR D 69 -56.69 4.12 22.51
N ASP D 70 -57.83 4.09 21.83
CA ASP D 70 -58.86 3.08 22.02
C ASP D 70 -59.08 2.30 20.73
N PHE D 71 -59.45 1.03 20.89
CA PHE D 71 -59.81 0.17 19.77
C PHE D 71 -61.09 -0.56 20.09
N THR D 72 -61.90 -0.82 19.08
CA THR D 72 -63.22 -1.42 19.28
C THR D 72 -63.47 -2.51 18.25
N LEU D 73 -64.21 -3.53 18.69
CA LEU D 73 -64.74 -4.56 17.82
C LEU D 73 -66.26 -4.56 17.95
N THR D 74 -66.96 -4.50 16.81
CA THR D 74 -68.42 -4.40 16.81
C THR D 74 -69.01 -5.55 16.02
N ILE D 75 -70.11 -6.10 16.52
CA ILE D 75 -70.90 -7.10 15.82
C ILE D 75 -72.28 -6.48 15.58
N ALA D 76 -72.69 -6.46 14.31
CA ALA D 76 -73.93 -5.77 13.95
C ALA D 76 -75.15 -6.49 14.51
N SER D 77 -75.37 -7.74 14.09
CA SER D 77 -76.45 -8.57 14.60
C SER D 77 -75.84 -9.83 15.21
N LEU D 78 -76.16 -10.09 16.46
CA LEU D 78 -75.54 -11.18 17.21
C LEU D 78 -76.24 -12.49 16.89
N GLN D 79 -75.74 -13.18 15.87
CA GLN D 79 -76.29 -14.46 15.47
C GLN D 79 -76.02 -15.52 16.54
N PRO D 80 -76.77 -16.62 16.55
CA PRO D 80 -76.57 -17.64 17.58
C PRO D 80 -75.16 -18.21 17.64
N GLU D 81 -74.45 -18.26 16.52
CA GLU D 81 -73.11 -18.82 16.48
C GLU D 81 -72.02 -17.79 16.78
N ASP D 82 -72.36 -16.73 17.51
CA ASP D 82 -71.41 -15.67 17.83
C ASP D 82 -71.23 -15.50 19.34
N PHE D 83 -71.50 -16.55 20.12
CA PHE D 83 -71.33 -16.49 21.56
C PHE D 83 -70.04 -17.24 21.90
N ALA D 84 -68.99 -16.49 22.23
CA ALA D 84 -67.68 -17.04 22.49
C ALA D 84 -66.91 -16.05 23.35
N THR D 85 -65.59 -16.23 23.42
CA THR D 85 -64.69 -15.29 24.07
C THR D 85 -63.80 -14.63 23.04
N TYR D 86 -63.48 -13.36 23.27
CA TYR D 86 -62.76 -12.54 22.30
C TYR D 86 -61.52 -11.94 22.93
N TYR D 87 -60.41 -11.96 22.20
CA TYR D 87 -59.12 -11.46 22.67
C TYR D 87 -58.57 -10.45 21.70
N CYS D 88 -57.90 -9.42 22.21
CA CYS D 88 -57.16 -8.46 21.40
C CYS D 88 -55.67 -8.66 21.61
N GLN D 89 -54.91 -8.63 20.52
CA GLN D 89 -53.48 -8.90 20.56
C GLN D 89 -52.73 -7.86 19.76
N GLN D 90 -51.57 -7.43 20.28
CA GLN D 90 -50.66 -6.56 19.55
C GLN D 90 -49.44 -7.36 19.12
N THR D 91 -49.03 -7.18 17.87
CA THR D 91 -47.83 -7.81 17.34
C THR D 91 -46.81 -6.76 16.93
N TYR D 92 -46.62 -5.76 17.78
CA TYR D 92 -45.70 -4.66 17.49
C TYR D 92 -44.33 -4.84 18.16
N THR D 93 -44.30 -5.09 19.46
CA THR D 93 -43.04 -5.28 20.18
C THR D 93 -43.02 -6.65 20.87
N ILE D 94 -41.85 -6.99 21.37
CA ILE D 94 -41.64 -8.22 22.13
C ILE D 94 -41.61 -7.85 23.61
N PRO D 95 -42.35 -8.57 24.49
CA PRO D 95 -43.17 -9.77 24.26
C PRO D 95 -44.52 -9.49 23.62
N ARG D 96 -45.04 -10.45 22.88
CA ARG D 96 -46.40 -10.35 22.36
C ARG D 96 -47.39 -10.52 23.51
N THR D 97 -48.40 -9.65 23.56
CA THR D 97 -49.34 -9.64 24.66
C THR D 97 -50.76 -9.76 24.15
N PHE D 98 -51.61 -10.36 24.98
CA PHE D 98 -53.00 -10.61 24.68
C PHE D 98 -53.90 -9.83 25.64
N GLY D 99 -55.16 -9.68 25.24
CA GLY D 99 -56.16 -9.14 26.14
C GLY D 99 -56.64 -10.17 27.13
N GLN D 100 -57.31 -9.68 28.18
CA GLN D 100 -57.82 -10.55 29.22
C GLN D 100 -58.96 -11.44 28.75
N GLY D 101 -59.65 -11.07 27.69
CA GLY D 101 -60.76 -11.85 27.19
C GLY D 101 -62.10 -11.28 27.60
N THR D 102 -63.11 -11.48 26.75
CA THR D 102 -64.46 -11.00 27.01
C THR D 102 -65.44 -12.06 26.53
N LYS D 103 -66.13 -12.70 27.47
CA LYS D 103 -67.14 -13.70 27.13
C LYS D 103 -68.46 -13.01 26.85
N VAL D 104 -69.13 -13.47 25.79
CA VAL D 104 -70.42 -12.93 25.38
C VAL D 104 -71.44 -14.05 25.54
N GLU D 105 -72.24 -13.98 26.61
CA GLU D 105 -73.27 -14.97 26.87
C GLU D 105 -74.58 -14.56 26.21
N ILE D 106 -75.54 -15.49 26.22
CA ILE D 106 -76.85 -15.27 25.61
C ILE D 106 -77.83 -14.82 26.68
N LYS D 107 -78.60 -13.78 26.37
CA LYS D 107 -79.55 -13.21 27.30
C LYS D 107 -80.98 -13.54 26.90
N HIS E 4 -9.12 -13.88 -1.88
CA HIS E 4 -10.12 -13.09 -1.12
C HIS E 4 -10.27 -11.69 -1.76
N HIS E 5 -9.91 -10.64 -1.01
CA HIS E 5 -10.03 -9.25 -1.53
C HIS E 5 -8.72 -8.50 -1.27
N HIS E 6 -8.00 -8.12 -2.33
CA HIS E 6 -6.71 -7.41 -2.20
C HIS E 6 -6.95 -5.91 -2.04
N GLY E 7 -6.18 -5.26 -1.16
CA GLY E 7 -6.32 -3.80 -0.95
C GLY E 7 -5.27 -3.24 -0.02
N CYS E 8 -4.93 -1.94 -0.18
CA CYS E 8 -3.94 -1.28 0.70
C CYS E 8 -4.63 -0.21 1.55
N SER E 9 -4.03 0.20 2.68
CA SER E 9 -4.66 1.15 3.57
C SER E 9 -3.59 1.97 4.30
N VAL E 10 -4.02 3.12 4.81
CA VAL E 10 -3.16 4.05 5.52
C VAL E 10 -3.82 4.41 6.85
N ASP E 11 -3.01 4.55 7.90
CA ASP E 11 -3.47 4.95 9.23
C ASP E 11 -2.78 6.26 9.59
N PHE E 12 -3.55 7.35 9.56
CA PHE E 12 -2.96 8.67 9.76
C PHE E 12 -2.56 8.91 11.22
N SER E 13 -3.21 8.22 12.16
CA SER E 13 -2.85 8.38 13.57
C SER E 13 -1.50 7.75 13.87
N LYS E 14 -1.28 6.52 13.40
CA LYS E 14 -0.01 5.84 13.61
C LYS E 14 1.04 6.23 12.60
N LYS E 15 0.66 6.86 11.49
CA LYS E 15 1.55 7.18 10.39
C LYS E 15 2.19 5.92 9.82
N GLU E 16 1.34 5.03 9.33
CA GLU E 16 1.77 3.75 8.77
C GLU E 16 0.90 3.39 7.57
N THR E 17 1.47 2.58 6.67
CA THR E 17 0.76 2.04 5.52
C THR E 17 1.07 0.56 5.40
N ARG E 18 0.17 -0.18 4.76
CA ARG E 18 0.37 -1.61 4.56
C ARG E 18 -0.55 -2.09 3.43
N CYS E 19 -0.29 -3.32 2.98
CA CYS E 19 -1.08 -3.97 1.96
C CYS E 19 -1.34 -5.41 2.36
N GLY E 20 -2.15 -6.10 1.57
CA GLY E 20 -2.44 -7.50 1.81
C GLY E 20 -3.83 -7.84 1.35
N THR E 21 -4.25 -9.06 1.68
CA THR E 21 -5.60 -9.55 1.42
C THR E 21 -6.41 -9.56 2.71
N GLY E 22 -7.72 -9.46 2.58
CA GLY E 22 -8.56 -9.46 3.76
C GLY E 22 -10.03 -9.12 3.54
N VAL E 23 -10.60 -8.40 4.50
CA VAL E 23 -12.02 -8.05 4.49
C VAL E 23 -12.16 -6.58 4.86
N PHE E 24 -12.83 -5.81 4.00
CA PHE E 24 -12.89 -4.36 4.14
C PHE E 24 -14.34 -3.89 4.16
N VAL E 25 -14.67 -3.04 5.12
CA VAL E 25 -16.00 -2.45 5.27
C VAL E 25 -15.86 -0.94 5.15
N TYR E 26 -16.62 -0.35 4.23
CA TYR E 26 -16.49 1.05 3.88
C TYR E 26 -17.63 1.88 4.45
N ASN E 27 -17.36 3.16 4.65
CA ASN E 27 -18.35 4.15 5.10
C ASN E 27 -19.20 4.53 3.89
N ASP E 28 -20.29 3.80 3.70
CA ASP E 28 -21.16 3.98 2.54
C ASP E 28 -22.37 4.85 2.86
N VAL E 29 -22.20 5.84 3.72
CA VAL E 29 -23.31 6.70 4.11
C VAL E 29 -23.32 7.96 3.27
N ASP E 34 -25.11 8.56 -7.79
CA ASP E 34 -24.44 7.86 -6.70
C ASP E 34 -23.62 6.70 -7.23
N ARG E 35 -22.79 6.11 -6.36
CA ARG E 35 -21.91 5.03 -6.80
C ARG E 35 -22.67 3.73 -7.09
N TYR E 36 -23.87 3.57 -6.54
CA TYR E 36 -24.67 2.37 -6.76
C TYR E 36 -26.01 2.75 -7.36
N LYS E 37 -26.48 1.94 -8.31
CA LYS E 37 -27.78 2.14 -8.93
C LYS E 37 -28.76 1.11 -8.37
N TYR E 38 -29.81 1.60 -7.73
CA TYR E 38 -30.84 0.75 -7.11
C TYR E 38 -32.08 0.78 -7.98
N HIS E 39 -32.42 -0.37 -8.56
CA HIS E 39 -33.56 -0.49 -9.45
C HIS E 39 -34.29 -1.79 -9.14
N PRO E 40 -35.60 -1.85 -9.41
CA PRO E 40 -36.32 -3.10 -9.25
C PRO E 40 -35.86 -4.14 -10.26
N ASP E 41 -36.22 -5.39 -9.97
CA ASP E 41 -35.80 -6.49 -10.85
C ASP E 41 -36.52 -6.41 -12.19
N SER E 42 -37.85 -6.25 -12.17
CA SER E 42 -38.65 -6.20 -13.38
C SER E 42 -39.72 -5.14 -13.21
N PRO E 43 -39.89 -4.25 -14.20
CA PRO E 43 -40.94 -3.22 -14.07
C PRO E 43 -42.35 -3.77 -14.25
N ARG E 44 -42.55 -4.67 -15.21
CA ARG E 44 -43.89 -5.19 -15.46
C ARG E 44 -44.40 -5.99 -14.26
N ARG E 45 -43.51 -6.74 -13.62
CA ARG E 45 -43.92 -7.51 -12.44
C ARG E 45 -44.23 -6.59 -11.27
N LEU E 46 -43.50 -5.50 -11.11
CA LEU E 46 -43.82 -4.52 -10.07
C LEU E 46 -45.16 -3.85 -10.33
N ALA E 47 -45.46 -3.54 -11.60
CA ALA E 47 -46.75 -2.98 -11.94
C ALA E 47 -47.88 -3.94 -11.61
N ALA E 48 -47.68 -5.23 -11.93
CA ALA E 48 -48.68 -6.23 -11.58
C ALA E 48 -48.87 -6.33 -10.08
N ALA E 49 -47.77 -6.28 -9.32
CA ALA E 49 -47.86 -6.33 -7.86
C ALA E 49 -48.64 -5.14 -7.30
N VAL E 50 -48.37 -3.94 -7.81
CA VAL E 50 -49.09 -2.75 -7.36
C VAL E 50 -50.58 -2.87 -7.70
N LYS E 51 -50.89 -3.36 -8.90
CA LYS E 51 -52.29 -3.52 -9.28
C LYS E 51 -53.00 -4.51 -8.36
N GLN E 52 -52.36 -5.64 -8.07
CA GLN E 52 -52.97 -6.63 -7.18
C GLN E 52 -53.16 -6.07 -5.78
N ALA E 53 -52.17 -5.32 -5.28
CA ALA E 53 -52.31 -4.71 -3.95
C ALA E 53 -53.46 -3.72 -3.91
N TRP E 54 -53.62 -2.91 -4.96
CA TRP E 54 -54.75 -1.99 -5.01
C TRP E 54 -56.07 -2.74 -5.07
N GLU E 55 -56.09 -3.91 -5.73
CA GLU E 55 -57.31 -4.70 -5.77
C GLU E 55 -57.73 -5.17 -4.38
N ASP E 56 -56.77 -5.28 -3.45
CA ASP E 56 -57.01 -5.87 -2.14
C ASP E 56 -57.05 -4.83 -1.02
N GLY E 57 -57.35 -3.58 -1.34
CA GLY E 57 -57.48 -2.55 -0.33
C GLY E 57 -56.20 -2.14 0.37
N ILE E 58 -55.10 -2.02 -0.38
CA ILE E 58 -53.86 -1.46 0.12
C ILE E 58 -53.63 -0.18 -0.66
N CYS E 59 -53.83 0.97 -0.01
CA CYS E 59 -53.86 2.23 -0.75
C CYS E 59 -52.50 2.88 -0.95
N GLY E 60 -51.45 2.41 -0.28
CA GLY E 60 -50.21 3.14 -0.39
C GLY E 60 -49.03 2.40 0.18
N ILE E 61 -47.90 3.10 0.19
CA ILE E 61 -46.61 2.55 0.61
C ILE E 61 -45.98 3.52 1.60
N SER E 62 -45.43 2.98 2.68
N SER E 62 -45.44 2.99 2.69
CA SER E 62 -44.58 3.71 3.61
CA SER E 62 -44.58 3.74 3.60
C SER E 62 -43.16 3.17 3.47
C SER E 62 -43.17 3.18 3.47
N SER E 63 -42.22 4.04 3.11
CA SER E 63 -40.87 3.58 2.84
C SER E 63 -40.15 3.17 4.11
N VAL E 64 -39.21 2.24 3.97
CA VAL E 64 -38.37 1.81 5.08
C VAL E 64 -37.15 2.71 5.23
N SER E 65 -36.50 3.05 4.12
CA SER E 65 -35.32 3.89 4.14
C SER E 65 -35.43 4.92 3.02
N ARG E 66 -34.37 5.73 2.87
CA ARG E 66 -34.33 6.69 1.77
C ARG E 66 -34.04 6.01 0.43
N MET E 67 -33.36 4.86 0.45
CA MET E 67 -33.12 4.09 -0.76
C MET E 67 -34.41 3.76 -1.48
N GLU E 68 -35.41 3.30 -0.72
CA GLU E 68 -36.66 2.89 -1.34
C GLU E 68 -37.38 4.09 -1.95
N ASN E 69 -37.36 5.23 -1.26
CA ASN E 69 -37.97 6.43 -1.81
C ASN E 69 -37.27 6.86 -3.10
N ILE E 70 -35.94 6.78 -3.13
CA ILE E 70 -35.20 7.13 -4.33
C ILE E 70 -35.57 6.20 -5.48
N MET E 71 -35.66 4.89 -5.19
CA MET E 71 -36.02 3.93 -6.23
C MET E 71 -37.41 4.20 -6.77
N TRP E 72 -38.37 4.51 -5.88
CA TRP E 72 -39.72 4.82 -6.32
C TRP E 72 -39.74 6.08 -7.19
N ARG E 73 -39.00 7.13 -6.78
CA ARG E 73 -38.93 8.33 -7.59
C ARG E 73 -38.31 8.04 -8.96
N SER E 74 -37.37 7.09 -9.01
CA SER E 74 -36.72 6.78 -10.29
C SER E 74 -37.63 5.99 -11.22
N VAL E 75 -38.50 5.12 -10.68
CA VAL E 75 -39.32 4.26 -11.55
C VAL E 75 -40.76 4.74 -11.67
N GLU E 76 -41.11 5.88 -11.07
CA GLU E 76 -42.50 6.32 -11.07
C GLU E 76 -43.06 6.51 -12.48
N GLY E 77 -42.31 7.19 -13.36
CA GLY E 77 -42.83 7.48 -14.68
C GLY E 77 -43.05 6.22 -15.52
N GLU E 78 -42.07 5.33 -15.53
CA GLU E 78 -42.21 4.09 -16.28
C GLU E 78 -43.32 3.22 -15.71
N LEU E 79 -43.46 3.20 -14.39
CA LEU E 79 -44.54 2.41 -13.78
C LEU E 79 -45.90 2.96 -14.20
N ASN E 80 -46.04 4.29 -14.21
CA ASN E 80 -47.29 4.88 -14.65
C ASN E 80 -47.59 4.57 -16.11
N ALA E 81 -46.55 4.61 -16.95
CA ALA E 81 -46.73 4.29 -18.37
C ALA E 81 -47.17 2.85 -18.57
N ILE E 82 -46.54 1.91 -17.85
CA ILE E 82 -46.92 0.50 -17.96
C ILE E 82 -48.36 0.31 -17.48
N LEU E 83 -48.74 1.00 -16.40
CA LEU E 83 -50.12 0.90 -15.92
C LEU E 83 -51.10 1.43 -16.95
N GLU E 84 -50.75 2.55 -17.60
CA GLU E 84 -51.65 3.13 -18.60
C GLU E 84 -51.76 2.25 -19.84
N GLU E 85 -50.69 1.55 -20.20
CA GLU E 85 -50.73 0.70 -21.39
C GLU E 85 -51.63 -0.52 -21.23
N ASN E 86 -52.09 -0.81 -20.02
CA ASN E 86 -53.00 -1.94 -19.79
C ASN E 86 -54.42 -1.51 -19.50
N GLY E 87 -54.73 -0.22 -19.58
CA GLY E 87 -56.07 0.25 -19.32
C GLY E 87 -56.47 0.24 -17.87
N VAL E 88 -55.50 0.25 -16.95
CA VAL E 88 -55.79 0.23 -15.53
C VAL E 88 -55.82 1.66 -15.02
N GLN E 89 -56.90 2.03 -14.32
CA GLN E 89 -57.10 3.39 -13.83
C GLN E 89 -56.44 3.52 -12.46
N LEU E 90 -55.14 3.77 -12.48
CA LEU E 90 -54.37 3.89 -11.24
C LEU E 90 -53.07 4.61 -11.54
N THR E 91 -52.69 5.54 -10.67
CA THR E 91 -51.45 6.28 -10.79
C THR E 91 -50.68 6.24 -9.49
N VAL E 92 -49.36 6.24 -9.61
CA VAL E 92 -48.45 6.16 -8.47
C VAL E 92 -47.90 7.55 -8.19
N VAL E 93 -48.15 8.06 -6.98
CA VAL E 93 -47.69 9.38 -6.58
C VAL E 93 -46.64 9.19 -5.49
N VAL E 94 -45.44 9.72 -5.72
CA VAL E 94 -44.32 9.58 -4.79
C VAL E 94 -44.06 10.92 -4.14
N GLY E 95 -44.03 10.95 -2.82
CA GLY E 95 -43.78 12.17 -2.08
C GLY E 95 -42.50 12.11 -1.27
N SER E 96 -42.30 13.07 -0.38
CA SER E 96 -41.10 13.12 0.45
C SER E 96 -41.31 12.35 1.75
N VAL E 97 -40.21 12.09 2.45
CA VAL E 97 -40.23 11.34 3.70
C VAL E 97 -39.91 12.27 4.86
N LYS E 98 -40.59 12.07 5.98
CA LYS E 98 -40.32 12.77 7.22
C LYS E 98 -40.00 11.76 8.31
N ASN E 99 -39.06 12.08 9.12
CA ASN E 99 -38.64 11.15 10.15
C ASN E 99 -39.45 11.34 11.43
N PRO E 100 -39.68 10.27 12.22
CA PRO E 100 -39.29 8.88 11.96
C PRO E 100 -40.17 8.22 10.90
N MET E 101 -39.65 7.15 10.29
CA MET E 101 -40.32 6.50 9.17
C MET E 101 -41.13 5.33 9.75
N TRP E 102 -42.41 5.56 9.98
CA TRP E 102 -43.22 4.62 10.76
C TRP E 102 -43.48 3.34 9.97
N ARG E 103 -43.89 2.30 10.71
CA ARG E 103 -43.98 0.93 10.21
C ARG E 103 -45.44 0.59 9.90
N GLY E 104 -45.66 0.00 8.73
CA GLY E 104 -46.98 -0.38 8.30
C GLY E 104 -47.25 -1.87 8.40
N PRO E 105 -48.51 -2.25 8.62
CA PRO E 105 -48.82 -3.66 8.87
C PRO E 105 -48.99 -4.52 7.63
N GLN E 106 -49.16 -3.95 6.46
CA GLN E 106 -49.43 -4.74 5.27
C GLN E 106 -48.15 -5.05 4.50
N ARG E 107 -48.28 -5.88 3.47
CA ARG E 107 -47.17 -6.26 2.62
C ARG E 107 -47.65 -6.34 1.18
N LEU E 108 -46.72 -6.20 0.24
CA LEU E 108 -47.05 -6.32 -1.17
C LEU E 108 -47.19 -7.79 -1.56
N PRO E 109 -48.16 -8.13 -2.41
CA PRO E 109 -48.32 -9.52 -2.85
C PRO E 109 -47.50 -9.84 -4.09
N VAL E 110 -46.86 -11.00 -4.06
CA VAL E 110 -46.10 -11.49 -5.21
C VAL E 110 -47.09 -11.89 -6.30
N PRO E 111 -47.02 -11.31 -7.50
CA PRO E 111 -47.97 -11.65 -8.54
C PRO E 111 -47.60 -12.96 -9.23
N VAL E 112 -48.61 -13.72 -9.62
CA VAL E 112 -48.37 -14.99 -10.30
C VAL E 112 -47.77 -14.76 -11.67
N ASN E 113 -48.37 -13.87 -12.46
CA ASN E 113 -47.92 -13.57 -13.80
C ASN E 113 -48.01 -12.07 -14.04
N GLU E 114 -46.98 -11.53 -14.69
CA GLU E 114 -46.89 -10.10 -14.90
C GLU E 114 -47.87 -9.64 -15.99
N LEU E 115 -48.00 -8.32 -16.13
CA LEU E 115 -48.90 -7.75 -17.11
C LEU E 115 -48.42 -8.10 -18.53
N PRO E 116 -49.34 -8.28 -19.47
CA PRO E 116 -48.92 -8.79 -20.79
C PRO E 116 -48.23 -7.74 -21.66
N HIS E 117 -48.70 -6.51 -21.63
CA HIS E 117 -48.12 -5.46 -22.47
C HIS E 117 -47.07 -4.68 -21.70
N GLY E 118 -46.04 -4.25 -22.42
CA GLY E 118 -45.00 -3.43 -21.85
C GLY E 118 -43.65 -3.83 -22.40
N TRP E 119 -42.60 -3.27 -21.79
CA TRP E 119 -41.23 -3.54 -22.17
C TRP E 119 -40.44 -4.03 -20.98
N LYS E 120 -39.59 -5.03 -21.20
CA LYS E 120 -38.76 -5.60 -20.14
C LYS E 120 -37.46 -4.83 -19.94
N ALA E 121 -37.26 -3.72 -20.65
CA ALA E 121 -36.11 -2.87 -20.44
C ALA E 121 -36.35 -1.97 -19.22
N TRP E 122 -35.38 -1.12 -18.93
CA TRP E 122 -35.46 -0.25 -17.76
C TRP E 122 -35.44 1.23 -18.17
N PHE E 127 -41.91 5.55 -23.70
CA PHE E 127 -41.35 6.82 -23.23
C PHE E 127 -42.29 7.98 -23.52
N VAL E 128 -43.52 7.85 -23.06
CA VAL E 128 -44.56 8.87 -23.23
C VAL E 128 -45.09 9.25 -21.85
N ARG E 129 -45.25 10.55 -21.62
CA ARG E 129 -45.73 11.02 -20.33
C ARG E 129 -47.18 10.62 -20.12
N ALA E 130 -47.47 10.12 -18.93
CA ALA E 130 -48.81 9.66 -18.58
C ALA E 130 -49.67 10.80 -18.07
N ALA E 131 -50.98 10.60 -18.14
CA ALA E 131 -51.96 11.59 -17.70
C ALA E 131 -52.61 11.15 -16.39
N LYS E 132 -53.03 12.13 -15.60
CA LYS E 132 -53.56 11.85 -14.27
C LYS E 132 -54.88 11.08 -14.37
N THR E 133 -55.11 10.23 -13.38
CA THR E 133 -56.31 9.41 -13.25
C THR E 133 -56.97 9.73 -11.91
N ASN E 134 -58.21 9.24 -11.74
CA ASN E 134 -58.91 9.46 -10.48
C ASN E 134 -58.21 8.79 -9.30
N ASN E 135 -57.75 7.55 -9.48
CA ASN E 135 -57.21 6.77 -8.38
C ASN E 135 -55.70 6.96 -8.25
N SER E 136 -55.25 7.14 -7.01
CA SER E 136 -53.85 7.41 -6.72
C SER E 136 -53.31 6.43 -5.70
N PHE E 137 -52.20 5.77 -6.04
CA PHE E 137 -51.51 4.84 -5.16
C PHE E 137 -50.33 5.60 -4.56
N VAL E 138 -50.56 6.21 -3.40
CA VAL E 138 -49.60 7.16 -2.84
C VAL E 138 -48.44 6.42 -2.20
N VAL E 139 -47.23 6.85 -2.51
CA VAL E 139 -46.04 6.39 -1.83
C VAL E 139 -45.72 7.43 -0.76
N ASP E 140 -44.80 7.08 0.15
CA ASP E 140 -44.51 7.86 1.35
C ASP E 140 -44.59 9.35 1.09
N GLY E 141 -45.39 10.04 1.92
CA GLY E 141 -45.59 11.46 1.75
C GLY E 141 -46.50 11.99 2.82
N ASP E 142 -47.02 13.19 2.62
CA ASP E 142 -47.94 13.80 3.57
C ASP E 142 -49.40 13.59 3.13
N THR E 143 -49.78 12.31 3.10
CA THR E 143 -51.12 11.90 2.69
C THR E 143 -51.73 10.95 3.72
N LEU E 144 -51.56 11.26 5.00
CA LEU E 144 -52.02 10.37 6.06
C LEU E 144 -53.54 10.35 6.20
N LYS E 145 -54.25 11.22 5.51
CA LYS E 145 -55.71 11.22 5.56
C LYS E 145 -56.34 10.53 4.36
N GLU E 146 -55.76 10.69 3.19
CA GLU E 146 -56.22 9.92 2.02
C GLU E 146 -55.97 8.44 2.23
N CYS E 147 -54.82 8.10 2.82
CA CYS E 147 -54.43 6.70 3.05
C CYS E 147 -53.81 6.62 4.44
N PRO E 148 -54.55 6.13 5.43
CA PRO E 148 -53.99 6.02 6.79
C PRO E 148 -52.95 4.92 6.88
N LEU E 149 -52.17 4.97 7.96
CA LEU E 149 -51.04 4.06 8.12
C LEU E 149 -51.46 2.61 8.12
N LYS E 150 -52.69 2.31 8.55
CA LYS E 150 -53.14 0.93 8.68
C LYS E 150 -53.42 0.25 7.35
N HIS E 151 -53.38 0.98 6.23
CA HIS E 151 -53.64 0.41 4.92
C HIS E 151 -52.42 0.45 4.02
N ARG E 152 -51.23 0.66 4.58
CA ARG E 152 -50.02 0.85 3.79
C ARG E 152 -49.04 -0.30 4.01
N ALA E 153 -48.40 -0.72 2.93
CA ALA E 153 -47.37 -1.74 2.97
C ALA E 153 -46.05 -1.17 3.45
N TRP E 154 -45.17 -2.06 3.92
CA TRP E 154 -43.90 -1.66 4.51
C TRP E 154 -42.95 -2.85 4.44
N ASN E 155 -41.71 -2.60 4.00
CA ASN E 155 -40.66 -3.62 3.96
C ASN E 155 -41.06 -4.80 3.06
N SER E 156 -41.35 -4.48 1.80
CA SER E 156 -41.84 -5.45 0.84
C SER E 156 -40.79 -5.89 -0.17
N PHE E 157 -39.58 -5.36 -0.11
CA PHE E 157 -38.57 -5.59 -1.12
C PHE E 157 -37.39 -6.34 -0.53
N LEU E 158 -36.77 -7.18 -1.35
CA LEU E 158 -35.59 -7.95 -0.99
C LEU E 158 -34.43 -7.48 -1.84
N VAL E 159 -33.37 -7.01 -1.19
CA VAL E 159 -32.20 -6.48 -1.89
C VAL E 159 -31.27 -7.62 -2.25
N GLU E 160 -30.72 -7.58 -3.46
CA GLU E 160 -29.77 -8.60 -3.88
C GLU E 160 -28.45 -8.44 -3.12
N ASP E 161 -27.76 -9.57 -2.94
CA ASP E 161 -26.58 -9.64 -2.10
C ASP E 161 -25.33 -9.89 -2.92
N HIS E 162 -24.26 -9.17 -2.59
CA HIS E 162 -22.97 -9.33 -3.23
C HIS E 162 -21.86 -9.64 -2.23
N GLY E 163 -22.16 -9.67 -0.94
CA GLY E 163 -21.15 -10.02 0.04
C GLY E 163 -20.13 -8.90 0.23
N PHE E 164 -18.86 -9.30 0.33
CA PHE E 164 -17.77 -8.35 0.53
C PHE E 164 -17.33 -7.66 -0.76
N GLY E 165 -17.89 -8.02 -1.91
CA GLY E 165 -17.47 -7.40 -3.16
C GLY E 165 -17.89 -5.95 -3.25
N VAL E 166 -17.11 -5.17 -3.99
CA VAL E 166 -17.32 -3.73 -4.10
C VAL E 166 -17.37 -3.23 -5.54
N PHE E 167 -17.26 -4.11 -6.54
CA PHE E 167 -17.29 -3.70 -7.94
C PHE E 167 -18.50 -4.31 -8.62
N HIS E 168 -19.67 -3.68 -8.46
CA HIS E 168 -20.85 -4.11 -9.21
C HIS E 168 -21.65 -2.96 -9.82
N THR E 169 -21.67 -1.77 -9.21
CA THR E 169 -22.33 -0.57 -9.73
C THR E 169 -23.84 -0.72 -9.90
N SER E 170 -24.42 -1.86 -9.51
CA SER E 170 -25.83 -2.10 -9.74
C SER E 170 -26.37 -3.06 -8.69
N VAL E 171 -27.57 -2.77 -8.21
CA VAL E 171 -28.29 -3.60 -7.24
C VAL E 171 -29.73 -3.72 -7.70
N TRP E 172 -30.32 -4.91 -7.59
CA TRP E 172 -31.72 -5.07 -7.94
C TRP E 172 -32.53 -5.44 -6.71
N LEU E 173 -33.81 -5.07 -6.73
CA LEU E 173 -34.74 -5.34 -5.65
C LEU E 173 -35.96 -6.03 -6.21
N LYS E 174 -36.47 -7.02 -5.48
CA LYS E 174 -37.66 -7.72 -5.93
C LYS E 174 -38.59 -7.94 -4.74
N VAL E 175 -39.88 -8.12 -5.06
CA VAL E 175 -40.90 -8.21 -4.03
C VAL E 175 -40.71 -9.50 -3.23
N ARG E 176 -40.71 -9.36 -1.91
CA ARG E 176 -40.52 -10.49 -1.01
C ARG E 176 -41.68 -11.47 -1.10
N GLU E 177 -41.38 -12.75 -0.92
CA GLU E 177 -42.40 -13.78 -0.85
C GLU E 177 -42.80 -14.14 0.57
N ASP E 178 -41.96 -13.84 1.55
CA ASP E 178 -42.20 -14.23 2.94
C ASP E 178 -42.10 -13.01 3.84
N TYR E 179 -42.84 -13.06 4.94
CA TYR E 179 -42.91 -11.95 5.88
C TYR E 179 -41.56 -11.76 6.58
N SER E 180 -41.26 -10.50 6.92
CA SER E 180 -40.02 -10.19 7.59
C SER E 180 -40.17 -8.90 8.38
N LEU E 181 -39.49 -8.85 9.53
CA LEU E 181 -39.48 -7.66 10.38
C LEU E 181 -38.16 -6.93 10.39
N GLU E 182 -37.08 -7.58 9.97
CA GLU E 182 -35.74 -7.06 10.18
C GLU E 182 -35.27 -6.21 9.01
N CYS E 183 -34.26 -5.38 9.27
CA CYS E 183 -33.63 -4.62 8.22
C CYS E 183 -32.93 -5.57 7.25
N ASP E 184 -32.82 -5.16 6.01
CA ASP E 184 -32.27 -6.05 4.99
C ASP E 184 -30.78 -6.24 5.22
N PRO E 185 -30.30 -7.46 5.43
CA PRO E 185 -28.89 -7.66 5.79
C PRO E 185 -27.93 -7.54 4.62
N ALA E 186 -28.41 -7.38 3.40
CA ALA E 186 -27.53 -7.31 2.24
C ALA E 186 -26.70 -6.04 2.21
N VAL E 187 -27.05 -5.03 3.00
CA VAL E 187 -26.35 -3.75 2.99
C VAL E 187 -25.76 -3.41 4.36
N ILE E 188 -25.80 -4.35 5.30
CA ILE E 188 -25.28 -4.13 6.64
C ILE E 188 -23.85 -4.63 6.69
N GLY E 189 -22.96 -3.83 7.28
CA GLY E 189 -21.62 -4.30 7.54
C GLY E 189 -21.11 -3.86 8.89
N THR E 190 -20.76 -4.82 9.75
CA THR E 190 -20.19 -4.52 11.06
C THR E 190 -18.81 -5.13 11.15
N ALA E 191 -17.93 -4.46 11.90
CA ALA E 191 -16.56 -4.93 12.02
C ALA E 191 -15.96 -4.38 13.31
N VAL E 192 -15.12 -5.19 13.95
CA VAL E 192 -14.35 -4.78 15.11
C VAL E 192 -12.89 -5.15 14.85
N LYS E 193 -11.99 -4.25 15.25
CA LYS E 193 -10.56 -4.47 15.03
C LYS E 193 -9.82 -3.81 16.18
N GLY E 194 -9.51 -4.59 17.21
CA GLY E 194 -8.75 -4.08 18.33
C GLY E 194 -9.60 -3.40 19.38
N LYS E 195 -9.64 -2.05 19.35
CA LYS E 195 -10.40 -1.27 20.31
C LYS E 195 -11.41 -0.36 19.63
N GLU E 196 -11.74 -0.61 18.37
CA GLU E 196 -12.74 0.19 17.65
C GLU E 196 -13.66 -0.74 16.90
N ALA E 197 -14.97 -0.49 16.98
CA ALA E 197 -15.98 -1.26 16.29
C ALA E 197 -16.91 -0.33 15.53
N VAL E 198 -17.69 -0.88 14.62
CA VAL E 198 -18.70 -0.13 13.90
C VAL E 198 -19.86 -1.05 13.54
N HIS E 199 -21.08 -0.55 13.70
CA HIS E 199 -22.28 -1.14 13.11
C HIS E 199 -22.80 -0.15 12.08
N SER E 200 -23.01 -0.60 10.85
CA SER E 200 -23.32 0.36 9.80
C SER E 200 -24.21 -0.25 8.73
N ASP E 201 -24.93 0.61 8.04
CA ASP E 201 -25.68 0.28 6.84
C ASP E 201 -25.69 1.52 5.95
N LEU E 202 -26.63 1.59 5.02
CA LEU E 202 -26.69 2.73 4.11
C LEU E 202 -27.03 4.04 4.80
N GLY E 203 -27.68 4.00 5.96
CA GLY E 203 -28.08 5.22 6.64
C GLY E 203 -27.50 5.44 8.02
N TYR E 204 -26.97 4.39 8.63
CA TYR E 204 -26.42 4.45 9.97
C TYR E 204 -24.91 4.24 9.95
N TRP E 205 -24.21 4.92 10.85
CA TRP E 205 -22.79 4.68 11.06
C TRP E 205 -22.53 4.86 12.55
N ILE E 206 -22.54 3.76 13.29
CA ILE E 206 -22.52 3.75 14.75
C ILE E 206 -21.16 3.25 15.20
N GLU E 207 -20.43 4.08 15.95
CA GLU E 207 -19.08 3.78 16.37
C GLU E 207 -19.02 3.50 17.87
N SER E 208 -18.10 2.61 18.24
CA SER E 208 -17.95 2.20 19.63
C SER E 208 -16.46 2.07 19.94
N GLU E 209 -16.13 2.13 21.23
CA GLU E 209 -14.74 2.10 21.65
C GLU E 209 -14.61 1.33 22.96
N LYS E 210 -13.37 1.15 23.39
CA LYS E 210 -13.04 0.39 24.60
C LYS E 210 -12.21 1.30 25.51
N ASN E 211 -12.85 1.90 26.50
CA ASN E 211 -12.12 2.68 27.52
C ASN E 211 -11.84 1.85 28.77
N ASP E 212 -12.89 1.43 29.46
CA ASP E 212 -12.82 0.44 30.52
C ASP E 212 -13.75 -0.73 30.28
N THR E 213 -14.91 -0.48 29.68
CA THR E 213 -15.71 -1.47 29.01
C THR E 213 -16.22 -0.85 27.73
N TRP E 214 -16.72 -1.69 26.82
CA TRP E 214 -17.17 -1.18 25.54
C TRP E 214 -18.38 -0.25 25.72
N ARG E 215 -18.39 0.85 24.97
CA ARG E 215 -19.41 1.87 25.11
C ARG E 215 -19.61 2.56 23.77
N LEU E 216 -20.69 3.33 23.69
CA LEU E 216 -20.98 4.10 22.48
C LEU E 216 -20.10 5.34 22.40
N LYS E 217 -19.50 5.57 21.23
CA LYS E 217 -18.60 6.69 21.02
C LYS E 217 -19.25 7.82 20.25
N ARG E 218 -19.82 7.54 19.09
CA ARG E 218 -20.56 8.53 18.31
C ARG E 218 -21.38 7.81 17.26
N ALA E 219 -22.41 8.49 16.78
CA ALA E 219 -23.27 7.96 15.73
C ALA E 219 -23.59 9.07 14.76
N HIS E 220 -23.94 8.68 13.53
CA HIS E 220 -24.29 9.62 12.48
C HIS E 220 -25.44 9.02 11.68
N LEU E 221 -26.65 9.53 11.91
CA LEU E 221 -27.86 8.99 11.30
C LEU E 221 -28.39 10.00 10.29
N ILE E 222 -28.60 9.57 9.05
CA ILE E 222 -29.23 10.40 8.03
C ILE E 222 -30.69 10.01 7.82
N GLU E 223 -31.21 9.11 8.65
CA GLU E 223 -32.61 8.73 8.63
C GLU E 223 -32.92 8.06 9.97
N MET E 224 -34.20 7.92 10.26
CA MET E 224 -34.67 7.18 11.44
C MET E 224 -35.73 6.18 10.98
N LYS E 225 -35.28 4.95 10.73
CA LYS E 225 -36.15 3.87 10.28
C LYS E 225 -36.56 3.00 11.46
N THR E 226 -37.55 2.14 11.22
CA THR E 226 -38.18 1.37 12.28
C THR E 226 -38.13 -0.14 12.06
N CYS E 227 -37.15 -0.64 11.29
CA CYS E 227 -36.95 -2.07 11.23
C CYS E 227 -36.18 -2.54 12.46
N GLU E 228 -35.92 -3.84 12.54
CA GLU E 228 -35.12 -4.41 13.60
C GLU E 228 -33.76 -4.79 13.06
N TRP E 229 -32.71 -4.42 13.78
CA TRP E 229 -31.36 -4.82 13.41
C TRP E 229 -31.20 -6.32 13.66
N PRO E 230 -30.84 -7.10 12.65
CA PRO E 230 -30.72 -8.56 12.84
C PRO E 230 -29.62 -8.94 13.81
N LYS E 231 -29.88 -10.01 14.58
CA LYS E 231 -28.92 -10.46 15.57
C LYS E 231 -27.69 -11.10 14.94
N SER E 232 -27.84 -11.67 13.74
CA SER E 232 -26.71 -12.29 13.06
C SER E 232 -25.64 -11.28 12.67
N HIS E 233 -25.98 -10.00 12.59
CA HIS E 233 -25.05 -8.95 12.20
C HIS E 233 -24.72 -8.03 13.37
N THR E 234 -24.72 -8.55 14.60
CA THR E 234 -24.51 -7.75 15.79
C THR E 234 -23.46 -8.41 16.67
N LEU E 235 -22.60 -7.60 17.27
CA LEU E 235 -21.56 -8.08 18.15
C LEU E 235 -22.05 -8.06 19.60
N TRP E 236 -21.86 -9.18 20.30
CA TRP E 236 -22.14 -9.26 21.74
C TRP E 236 -23.62 -9.00 22.04
N THR E 237 -24.46 -9.92 21.58
CA THR E 237 -25.90 -9.79 21.68
C THR E 237 -26.49 -10.32 22.98
N ASP E 238 -25.69 -10.89 23.87
CA ASP E 238 -26.23 -11.58 25.03
C ASP E 238 -26.06 -10.76 26.30
N GLY E 239 -26.99 -10.93 27.22
CA GLY E 239 -26.95 -10.29 28.52
C GLY E 239 -27.11 -8.79 28.49
N ILE E 240 -28.02 -8.27 27.67
CA ILE E 240 -28.23 -6.84 27.54
C ILE E 240 -29.73 -6.56 27.65
N GLU E 241 -30.09 -5.53 28.42
CA GLU E 241 -31.47 -5.12 28.57
C GLU E 241 -31.83 -4.10 27.50
N GLU E 242 -33.09 -4.15 27.04
CA GLU E 242 -33.53 -3.20 26.03
C GLU E 242 -33.70 -1.79 26.57
N SER E 243 -33.81 -1.64 27.89
CA SER E 243 -33.93 -0.32 28.50
C SER E 243 -32.60 0.39 28.63
N ASP E 244 -31.48 -0.27 28.31
CA ASP E 244 -30.16 0.32 28.41
C ASP E 244 -29.59 0.79 27.08
N LEU E 245 -30.20 0.38 25.96
CA LEU E 245 -29.70 0.78 24.65
C LEU E 245 -29.89 2.27 24.43
N ILE E 246 -28.83 2.97 24.02
CA ILE E 246 -28.94 4.40 23.79
C ILE E 246 -29.88 4.69 22.63
N ILE E 247 -29.67 4.04 21.50
CA ILE E 247 -30.56 4.12 20.35
C ILE E 247 -31.65 3.07 20.53
N PRO E 248 -32.93 3.44 20.54
CA PRO E 248 -33.97 2.47 20.87
C PRO E 248 -34.04 1.32 19.88
N LYS E 249 -34.50 0.17 20.37
CA LYS E 249 -34.70 -0.99 19.52
C LYS E 249 -35.75 -0.73 18.45
N SER E 250 -36.71 0.15 18.74
CA SER E 250 -37.75 0.48 17.78
C SER E 250 -37.23 1.35 16.63
N LEU E 251 -36.08 1.98 16.80
CA LEU E 251 -35.46 2.80 15.76
C LEU E 251 -34.28 2.11 15.11
N ALA E 252 -34.36 0.78 14.96
CA ALA E 252 -33.32 -0.03 14.32
C ALA E 252 -31.97 0.13 15.01
N GLY E 253 -31.99 0.27 16.33
CA GLY E 253 -30.77 0.33 17.10
C GLY E 253 -30.25 -1.06 17.40
N PRO E 254 -28.96 -1.28 17.21
CA PRO E 254 -28.39 -2.61 17.46
C PRO E 254 -28.56 -3.01 18.91
N LEU E 255 -28.86 -4.29 19.12
CA LEU E 255 -29.10 -4.84 20.45
C LEU E 255 -27.79 -5.44 20.96
N SER E 256 -26.94 -4.58 21.51
CA SER E 256 -25.59 -5.00 21.87
C SER E 256 -25.05 -4.11 22.98
N HIS E 257 -23.95 -4.56 23.58
CA HIS E 257 -23.25 -3.77 24.58
C HIS E 257 -22.49 -2.59 23.97
N HIS E 258 -22.27 -2.62 22.66
CA HIS E 258 -21.68 -1.49 21.96
C HIS E 258 -22.66 -0.34 21.80
N ASN E 259 -23.93 -0.55 22.14
CA ASN E 259 -24.99 0.45 22.03
C ASN E 259 -25.42 0.93 23.41
N THR E 260 -24.46 1.08 24.33
CA THR E 260 -24.76 1.47 25.70
C THR E 260 -23.75 2.50 26.16
N ARG E 261 -24.13 3.26 27.17
CA ARG E 261 -23.25 4.20 27.83
C ARG E 261 -23.64 4.27 29.30
N GLU E 262 -22.64 4.26 30.18
CA GLU E 262 -22.91 4.26 31.62
C GLU E 262 -23.55 5.57 32.05
N GLY E 263 -24.56 5.45 32.92
CA GLY E 263 -25.27 6.61 33.40
C GLY E 263 -26.43 7.06 32.55
N TYR E 264 -26.69 6.39 31.43
CA TYR E 264 -27.77 6.76 30.54
C TYR E 264 -28.67 5.55 30.30
N ARG E 265 -29.90 5.84 29.89
CA ARG E 265 -30.87 4.82 29.53
C ARG E 265 -31.34 5.09 28.10
N THR E 266 -32.37 4.37 27.67
CA THR E 266 -32.84 4.51 26.31
C THR E 266 -33.49 5.87 26.09
N GLN E 267 -33.08 6.55 25.02
CA GLN E 267 -33.58 7.88 24.70
C GLN E 267 -34.83 7.76 23.85
N MET E 268 -35.93 7.42 24.53
CA MET E 268 -37.18 7.17 23.85
C MET E 268 -37.80 8.44 23.29
N LYS E 269 -37.43 9.60 23.82
CA LYS E 269 -38.05 10.87 23.48
C LYS E 269 -37.02 11.91 23.08
N GLY E 270 -36.09 11.53 22.20
CA GLY E 270 -35.12 12.44 21.65
C GLY E 270 -35.67 13.20 20.47
N PRO E 271 -34.85 14.01 19.83
CA PRO E 271 -35.31 14.78 18.66
C PRO E 271 -35.33 13.95 17.38
N TRP E 272 -36.20 12.96 17.34
CA TRP E 272 -36.25 12.05 16.20
C TRP E 272 -37.02 12.63 15.02
N HIS E 273 -37.56 13.84 15.14
CA HIS E 273 -38.24 14.50 14.03
C HIS E 273 -37.27 15.11 13.02
N SER E 274 -35.98 15.15 13.34
CA SER E 274 -35.00 15.84 12.52
C SER E 274 -34.80 15.12 11.19
N GLU E 275 -34.09 15.79 10.28
CA GLU E 275 -33.78 15.21 8.98
C GLU E 275 -32.45 14.50 8.96
N GLU E 276 -31.53 14.89 9.82
CA GLU E 276 -30.19 14.30 9.87
C GLU E 276 -29.60 14.63 11.22
N LEU E 277 -29.34 13.61 12.03
CA LEU E 277 -28.92 13.78 13.41
C LEU E 277 -27.49 13.31 13.57
N GLU E 278 -26.92 13.59 14.74
CA GLU E 278 -25.57 13.13 15.06
C GLU E 278 -25.41 13.09 16.56
N ILE E 279 -25.23 11.90 17.11
CA ILE E 279 -25.06 11.73 18.55
C ILE E 279 -23.57 11.83 18.88
N ARG E 280 -23.25 12.62 19.88
CA ARG E 280 -21.88 12.72 20.37
C ARG E 280 -21.91 13.11 21.84
N PHE E 281 -20.79 12.93 22.51
CA PHE E 281 -20.70 13.16 23.94
C PHE E 281 -19.78 14.35 24.18
N GLU E 282 -20.37 15.54 24.26
CA GLU E 282 -19.69 16.81 24.42
C GLU E 282 -20.73 17.88 24.67
N GLU E 283 -20.34 18.90 25.44
CA GLU E 283 -21.26 19.99 25.77
C GLU E 283 -21.57 20.82 24.54
N CYS E 284 -22.81 21.31 24.48
CA CYS E 284 -23.20 22.23 23.43
C CYS E 284 -22.40 23.53 23.58
N PRO E 285 -22.15 24.25 22.48
CA PRO E 285 -21.30 25.44 22.58
C PRO E 285 -21.88 26.48 23.53
N GLY E 286 -21.01 27.03 24.37
CA GLY E 286 -21.41 28.00 25.38
C GLY E 286 -22.38 27.45 26.40
N THR E 287 -22.10 26.26 26.93
CA THR E 287 -23.00 25.62 27.88
C THR E 287 -22.18 24.84 28.89
N LYS E 288 -22.75 24.62 30.08
CA LYS E 288 -22.08 23.92 31.16
C LYS E 288 -23.09 23.04 31.88
N VAL E 289 -22.72 21.77 32.12
CA VAL E 289 -23.60 20.79 32.75
C VAL E 289 -22.94 20.33 34.05
N HIS E 290 -23.74 20.25 35.10
CA HIS E 290 -23.28 19.91 36.43
C HIS E 290 -24.07 18.72 36.96
N VAL E 291 -23.47 18.00 37.90
CA VAL E 291 -24.07 16.80 38.49
C VAL E 291 -24.51 17.15 39.90
N GLU E 292 -25.83 17.18 40.13
CA GLU E 292 -26.41 17.44 41.44
C GLU E 292 -27.50 16.43 41.73
N GLU E 293 -27.81 16.28 43.01
CA GLU E 293 -28.86 15.39 43.48
C GLU E 293 -30.22 16.07 43.56
N THR E 294 -30.32 17.32 43.14
CA THR E 294 -31.55 18.11 43.26
C THR E 294 -32.05 18.57 41.89
N CYS E 295 -31.99 17.70 40.90
CA CYS E 295 -32.43 18.01 39.55
C CYS E 295 -33.71 17.25 39.22
N GLY E 296 -34.31 17.61 38.09
CA GLY E 296 -35.52 16.96 37.64
C GLY E 296 -35.26 15.58 37.06
N THR E 297 -36.35 14.84 36.86
CA THR E 297 -36.26 13.48 36.37
C THR E 297 -36.11 13.48 34.85
N ARG E 298 -36.21 12.30 34.25
CA ARG E 298 -36.14 12.18 32.80
C ARG E 298 -37.35 12.83 32.15
N GLY E 299 -37.15 13.38 30.97
CA GLY E 299 -38.21 14.00 30.22
C GLY E 299 -37.84 14.22 28.78
N PRO E 300 -38.70 14.92 28.04
CA PRO E 300 -38.42 15.19 26.63
C PRO E 300 -37.12 15.95 26.45
N SER E 301 -36.46 15.70 25.33
CA SER E 301 -35.21 16.39 25.03
C SER E 301 -35.48 17.86 24.74
N LEU E 302 -34.61 18.73 25.27
CA LEU E 302 -34.77 20.17 25.17
C LEU E 302 -33.64 20.77 24.35
N ARG E 303 -34.00 21.68 23.45
CA ARG E 303 -32.99 22.39 22.66
C ARG E 303 -32.26 23.40 23.53
N SER E 304 -31.01 23.69 23.15
CA SER E 304 -30.19 24.58 23.96
C SER E 304 -30.60 26.05 23.79
N THR E 305 -31.09 26.43 22.63
CA THR E 305 -31.50 27.81 22.36
C THR E 305 -33.02 27.91 22.40
N THR E 306 -33.51 29.07 22.84
CA THR E 306 -34.94 29.33 22.93
C THR E 306 -35.51 29.63 21.54
N ALA E 307 -36.82 29.80 21.48
CA ALA E 307 -37.46 30.18 20.22
C ALA E 307 -37.03 31.56 19.75
N SER E 308 -36.52 32.38 20.66
CA SER E 308 -35.98 33.69 20.32
C SER E 308 -34.47 33.67 20.11
N GLY E 309 -33.83 32.51 20.24
CA GLY E 309 -32.41 32.39 19.99
C GLY E 309 -31.52 32.55 21.21
N ARG E 310 -32.08 32.87 22.37
CA ARG E 310 -31.27 33.00 23.58
C ARG E 310 -30.74 31.65 24.02
N VAL E 311 -29.54 31.64 24.57
CA VAL E 311 -28.84 30.41 24.97
C VAL E 311 -28.94 30.26 26.48
N ILE E 312 -29.50 29.13 26.92
CA ILE E 312 -29.47 28.77 28.34
C ILE E 312 -28.11 28.17 28.64
N GLU E 313 -27.55 28.53 29.80
CA GLU E 313 -26.15 28.23 30.07
C GLU E 313 -25.96 27.30 31.26
N GLU E 314 -26.93 27.22 32.17
CA GLU E 314 -26.89 26.29 33.30
C GLU E 314 -27.80 25.10 33.06
N TRP E 315 -27.22 23.90 33.06
CA TRP E 315 -27.96 22.65 33.00
C TRP E 315 -27.40 21.71 34.06
N CYS E 316 -28.22 20.74 34.45
CA CYS E 316 -27.79 19.78 35.47
C CYS E 316 -28.42 18.42 35.21
N CYS E 317 -27.78 17.39 35.78
CA CYS E 317 -28.26 16.02 35.68
C CYS E 317 -28.14 15.34 37.04
N ARG E 318 -28.98 14.34 37.27
CA ARG E 318 -29.00 13.67 38.56
C ARG E 318 -27.78 12.78 38.75
N GLU E 319 -27.63 11.76 37.89
CA GLU E 319 -26.60 10.75 38.11
C GLU E 319 -25.95 10.36 36.78
N CYS E 320 -25.89 11.28 35.83
CA CYS E 320 -25.33 11.01 34.51
C CYS E 320 -23.81 11.05 34.58
N THR E 321 -23.14 10.93 33.42
CA THR E 321 -21.69 10.97 33.35
C THR E 321 -21.25 11.94 32.26
N MET E 322 -20.12 12.62 32.50
CA MET E 322 -19.46 13.61 31.67
C MET E 322 -18.43 12.95 30.77
N PRO E 323 -18.32 13.36 29.49
CA PRO E 323 -19.10 14.41 28.80
C PRO E 323 -20.55 14.03 28.56
N PRO E 324 -21.43 15.02 28.50
CA PRO E 324 -22.86 14.73 28.39
C PRO E 324 -23.29 14.35 26.97
N LEU E 325 -24.46 13.73 26.89
CA LEU E 325 -25.01 13.31 25.61
C LEU E 325 -25.71 14.48 24.94
N SER E 326 -25.38 14.73 23.68
CA SER E 326 -25.98 15.82 22.93
C SER E 326 -26.27 15.37 21.51
N PHE E 327 -27.35 15.90 20.95
CA PHE E 327 -27.76 15.63 19.57
C PHE E 327 -27.46 16.87 18.72
N ARG E 328 -26.64 16.70 17.70
CA ARG E 328 -26.24 17.80 16.81
C ARG E 328 -27.15 17.78 15.59
N ALA E 329 -28.30 18.43 15.70
CA ALA E 329 -29.18 18.62 14.56
C ALA E 329 -28.76 19.88 13.80
N LYS E 330 -29.50 20.17 12.73
CA LYS E 330 -29.19 21.35 11.93
C LYS E 330 -29.67 22.64 12.59
N ASP E 331 -30.77 22.59 13.33
CA ASP E 331 -31.35 23.79 13.91
C ASP E 331 -30.90 24.05 15.35
N GLY E 332 -30.01 23.24 15.90
CA GLY E 332 -29.54 23.49 17.25
C GLY E 332 -28.78 22.31 17.80
N CYS E 333 -28.62 22.33 19.13
CA CYS E 333 -27.87 21.31 19.87
C CYS E 333 -28.75 20.86 21.04
N TRP E 334 -29.49 19.78 20.84
CA TRP E 334 -30.36 19.26 21.88
C TRP E 334 -29.54 18.48 22.91
N TYR E 335 -30.14 18.29 24.08
CA TYR E 335 -29.48 17.56 25.17
C TYR E 335 -30.25 16.28 25.48
N GLY E 336 -29.62 15.43 26.28
CA GLY E 336 -30.21 14.15 26.62
C GLY E 336 -31.40 14.28 27.53
N MET E 337 -32.13 13.17 27.65
CA MET E 337 -33.32 13.14 28.50
C MET E 337 -32.98 13.25 29.97
N GLU E 338 -31.73 13.05 30.35
CA GLU E 338 -31.32 13.12 31.75
C GLU E 338 -30.82 14.49 32.17
N ILE E 339 -30.75 15.45 31.24
CA ILE E 339 -30.16 16.75 31.50
C ILE E 339 -31.25 17.81 31.33
N ARG E 340 -31.47 18.60 32.39
CA ARG E 340 -32.52 19.59 32.46
C ARG E 340 -31.91 20.93 32.85
N PRO E 341 -32.58 22.05 32.53
CA PRO E 341 -32.06 23.36 32.94
C PRO E 341 -32.08 23.49 34.46
N ARG E 342 -30.99 24.04 35.00
CA ARG E 342 -30.84 24.08 36.45
C ARG E 342 -31.72 25.14 37.10
N LYS E 343 -31.79 26.33 36.50
CA LYS E 343 -32.56 27.44 37.05
C LYS E 343 -33.77 27.83 36.22
N GLU E 344 -33.60 27.93 34.90
CA GLU E 344 -34.68 28.39 34.05
C GLU E 344 -35.80 27.35 33.99
N PRO E 345 -37.05 27.73 34.23
CA PRO E 345 -38.16 26.80 34.03
C PRO E 345 -38.28 26.39 32.56
N GLU E 346 -38.86 25.21 32.34
CA GLU E 346 -38.88 24.57 31.03
C GLU E 346 -40.07 24.96 30.19
N SER E 347 -40.90 25.90 30.64
CA SER E 347 -42.12 26.25 29.92
C SER E 347 -41.80 26.86 28.56
N ASN E 348 -40.80 27.73 28.49
CA ASN E 348 -40.44 28.40 27.25
C ASN E 348 -39.45 27.61 26.40
N LEU E 349 -38.88 26.53 26.94
CA LEU E 349 -37.92 25.73 26.21
C LEU E 349 -38.60 24.96 25.09
N VAL E 350 -37.86 24.73 24.01
CA VAL E 350 -38.33 23.87 22.93
C VAL E 350 -38.10 22.42 23.33
N ARG E 351 -39.14 21.59 23.19
CA ARG E 351 -39.06 20.18 23.55
C ARG E 351 -39.57 19.35 22.39
N SER E 352 -39.14 18.09 22.35
CA SER E 352 -39.48 17.20 21.26
C SER E 352 -40.85 16.57 21.46
N MET E 353 -41.63 16.54 20.38
CA MET E 353 -42.99 15.99 20.39
C MET E 353 -43.05 14.54 19.93
N VAL E 354 -41.91 13.89 19.74
CA VAL E 354 -41.86 12.53 19.22
C VAL E 354 -41.41 11.58 20.32
N THR E 355 -41.90 10.34 20.24
CA THR E 355 -41.49 9.28 21.14
C THR E 355 -41.28 8.01 20.33
N ALA E 356 -40.41 7.14 20.83
CA ALA E 356 -40.10 5.89 20.14
C ALA E 356 -40.88 4.73 20.76
N HIS F 2 -10.77 12.93 13.46
CA HIS F 2 -11.70 12.57 12.37
C HIS F 2 -11.42 11.14 11.88
N HIS F 3 -11.46 10.92 10.57
CA HIS F 3 -11.17 9.57 10.00
C HIS F 3 -9.67 9.46 9.72
N HIS F 4 -9.05 8.37 10.18
CA HIS F 4 -7.60 8.14 9.95
C HIS F 4 -7.40 6.85 9.15
N HIS F 5 -8.37 5.94 9.20
CA HIS F 5 -8.29 4.66 8.45
C HIS F 5 -8.85 4.84 7.04
N HIS F 6 -7.98 5.08 6.05
CA HIS F 6 -8.42 5.20 4.63
C HIS F 6 -7.77 4.08 3.83
N GLY F 7 -8.40 3.61 2.74
CA GLY F 7 -7.85 2.50 1.99
C GLY F 7 -8.50 2.36 0.62
N CYS F 8 -7.96 1.42 -0.16
CA CYS F 8 -8.44 1.15 -1.50
C CYS F 8 -8.44 -0.34 -1.76
N SER F 9 -9.32 -0.77 -2.66
CA SER F 9 -9.40 -2.16 -3.10
C SER F 9 -9.10 -2.24 -4.59
N VAL F 10 -8.38 -3.27 -5.00
CA VAL F 10 -7.93 -3.42 -6.37
C VAL F 10 -8.49 -4.71 -6.95
N ASP F 11 -8.90 -4.65 -8.22
CA ASP F 11 -9.45 -5.79 -8.94
C ASP F 11 -8.49 -6.14 -10.07
N PHE F 12 -7.66 -7.16 -9.86
CA PHE F 12 -6.62 -7.50 -10.81
C PHE F 12 -7.15 -8.05 -12.12
N SER F 13 -8.44 -8.38 -12.20
CA SER F 13 -9.03 -8.92 -13.42
C SER F 13 -9.77 -7.87 -14.25
N LYS F 14 -9.99 -6.67 -13.70
CA LYS F 14 -10.66 -5.60 -14.44
C LYS F 14 -9.93 -4.26 -14.33
N LYS F 15 -8.82 -4.18 -13.62
CA LYS F 15 -8.03 -2.96 -13.48
C LYS F 15 -8.82 -1.82 -12.85
N GLU F 16 -9.81 -2.16 -12.04
CA GLU F 16 -10.63 -1.17 -11.35
C GLU F 16 -10.18 -1.04 -9.91
N THR F 17 -10.29 0.17 -9.37
CA THR F 17 -9.89 0.46 -8.00
C THR F 17 -10.99 1.27 -7.32
N ARG F 18 -11.30 0.91 -6.07
CA ARG F 18 -12.34 1.57 -5.29
C ARG F 18 -11.76 1.95 -3.93
N CYS F 19 -11.96 3.21 -3.54
CA CYS F 19 -11.35 3.75 -2.34
C CYS F 19 -12.41 4.33 -1.41
N GLY F 20 -12.01 4.53 -0.15
CA GLY F 20 -12.92 5.06 0.83
C GLY F 20 -12.30 4.99 2.21
N THR F 21 -13.15 5.20 3.22
CA THR F 21 -12.74 5.13 4.61
C THR F 21 -13.57 4.06 5.33
N GLY F 22 -13.01 3.49 6.39
CA GLY F 22 -13.71 2.47 7.12
C GLY F 22 -12.87 1.63 8.07
N VAL F 23 -13.17 0.33 8.13
CA VAL F 23 -12.47 -0.63 8.98
C VAL F 23 -11.95 -1.76 8.10
N PHE F 24 -10.69 -2.13 8.29
CA PHE F 24 -10.01 -3.08 7.40
C PHE F 24 -9.45 -4.23 8.21
N VAL F 25 -9.81 -5.46 7.81
CA VAL F 25 -9.41 -6.68 8.49
C VAL F 25 -8.59 -7.52 7.51
N TYR F 26 -7.36 -7.82 7.87
CA TYR F 26 -6.43 -8.52 6.99
C TYR F 26 -6.22 -9.96 7.42
N ASN F 27 -5.90 -10.81 6.46
CA ASN F 27 -5.59 -12.22 6.70
C ASN F 27 -4.09 -12.32 6.99
N ASP F 28 -3.74 -12.43 8.26
CA ASP F 28 -2.34 -12.49 8.67
C ASP F 28 -1.89 -13.91 9.01
N VAL F 29 -2.69 -14.91 8.69
CA VAL F 29 -2.28 -16.30 8.82
C VAL F 29 -1.35 -16.64 7.66
N GLU F 30 -0.42 -17.56 7.91
CA GLU F 30 0.61 -17.94 6.93
C GLU F 30 1.53 -16.78 6.60
N ALA F 31 2.00 -16.10 7.63
CA ALA F 31 2.96 -15.01 7.50
C ALA F 31 4.27 -15.42 8.14
N TRP F 32 5.39 -14.97 7.57
CA TRP F 32 6.68 -15.29 8.19
C TRP F 32 6.82 -14.45 9.45
N ARG F 33 6.29 -14.97 10.55
CA ARG F 33 6.22 -14.23 11.80
C ARG F 33 7.44 -14.48 12.68
N ASP F 34 8.32 -15.41 12.30
CA ASP F 34 9.57 -15.57 13.01
C ASP F 34 10.57 -14.46 12.68
N ARG F 35 10.29 -13.67 11.64
CA ARG F 35 11.16 -12.57 11.23
C ARG F 35 10.59 -11.21 11.62
N TYR F 36 9.67 -11.18 12.57
CA TYR F 36 9.17 -9.93 13.13
C TYR F 36 10.20 -9.37 14.10
N LYS F 37 9.86 -8.25 14.73
CA LYS F 37 10.67 -7.68 15.81
C LYS F 37 9.82 -7.65 17.07
N TYR F 38 10.30 -8.31 18.12
CA TYR F 38 9.55 -8.47 19.35
C TYR F 38 10.18 -7.64 20.45
N HIS F 39 9.38 -6.84 21.13
CA HIS F 39 9.83 -5.98 22.21
C HIS F 39 9.00 -6.27 23.46
N PRO F 40 9.39 -7.30 24.22
CA PRO F 40 8.75 -7.52 25.53
C PRO F 40 8.94 -6.33 26.47
N ASP F 41 8.41 -6.43 27.68
CA ASP F 41 8.31 -5.28 28.58
C ASP F 41 9.58 -4.45 28.62
N SER F 42 10.67 -5.03 29.10
CA SER F 42 11.98 -4.41 29.16
C SER F 42 12.97 -5.47 29.62
N PRO F 43 14.22 -5.46 29.13
CA PRO F 43 15.15 -6.52 29.55
C PRO F 43 15.33 -6.59 31.05
N ARG F 44 15.43 -5.45 31.73
CA ARG F 44 15.59 -5.47 33.18
C ARG F 44 14.31 -5.91 33.88
N ARG F 45 13.16 -5.41 33.42
CA ARG F 45 11.90 -5.82 34.06
C ARG F 45 11.56 -7.27 33.75
N LEU F 46 11.81 -7.73 32.52
CA LEU F 46 11.57 -9.13 32.23
C LEU F 46 12.48 -10.03 33.06
N ALA F 47 13.74 -9.63 33.22
CA ALA F 47 14.65 -10.40 34.08
C ALA F 47 14.16 -10.43 35.51
N ALA F 48 13.72 -9.28 36.04
CA ALA F 48 13.22 -9.24 37.42
C ALA F 48 11.98 -10.09 37.58
N ALA F 49 11.07 -10.06 36.60
CA ALA F 49 9.85 -10.85 36.69
C ALA F 49 10.16 -12.35 36.64
N VAL F 50 11.04 -12.77 35.73
CA VAL F 50 11.40 -14.18 35.65
C VAL F 50 12.07 -14.64 36.94
N LYS F 51 12.95 -13.82 37.49
CA LYS F 51 13.59 -14.16 38.75
C LYS F 51 12.54 -14.33 39.85
N GLN F 52 11.70 -13.31 40.06
CA GLN F 52 10.71 -13.36 41.14
C GLN F 52 9.77 -14.55 40.97
N ALA F 53 9.45 -14.89 39.72
CA ALA F 53 8.69 -16.11 39.49
C ALA F 53 9.47 -17.33 39.94
N TRP F 54 10.79 -17.34 39.74
CA TRP F 54 11.57 -18.49 40.18
C TRP F 54 11.54 -18.64 41.69
N GLU F 55 11.71 -17.56 42.46
CA GLU F 55 11.63 -17.75 43.91
C GLU F 55 10.22 -17.99 44.41
N ASP F 56 9.20 -17.83 43.58
CA ASP F 56 7.84 -18.11 43.99
C ASP F 56 7.39 -19.53 43.67
N GLY F 57 8.23 -20.32 43.03
CA GLY F 57 7.89 -21.70 42.74
C GLY F 57 7.37 -21.98 41.35
N ILE F 58 7.44 -21.01 40.45
CA ILE F 58 7.02 -21.20 39.06
C ILE F 58 8.23 -21.63 38.25
N CYS F 59 8.27 -22.90 37.85
CA CYS F 59 9.46 -23.44 37.21
C CYS F 59 9.62 -22.91 35.79
N GLY F 60 8.56 -22.91 35.01
CA GLY F 60 8.63 -22.64 33.58
C GLY F 60 7.41 -21.93 33.07
N ILE F 61 7.13 -22.11 31.79
CA ILE F 61 6.10 -21.36 31.11
C ILE F 61 5.47 -22.25 30.03
N SER F 62 4.14 -22.16 29.91
CA SER F 62 3.41 -22.75 28.81
C SER F 62 2.96 -21.64 27.88
N SER F 63 3.27 -21.77 26.59
CA SER F 63 3.01 -20.70 25.64
C SER F 63 1.55 -20.71 25.18
N VAL F 64 0.96 -19.53 25.11
N VAL F 64 0.96 -19.53 25.11
CA VAL F 64 -0.42 -19.39 24.65
CA VAL F 64 -0.42 -19.39 24.65
C VAL F 64 -0.52 -19.67 23.15
C VAL F 64 -0.52 -19.67 23.15
N SER F 65 0.43 -19.15 22.36
CA SER F 65 0.37 -19.26 20.92
C SER F 65 1.78 -19.47 20.37
N ARG F 66 1.86 -19.61 19.04
CA ARG F 66 3.15 -19.72 18.37
C ARG F 66 3.94 -18.42 18.47
N MET F 67 3.25 -17.28 18.42
CA MET F 67 3.94 -15.99 18.49
C MET F 67 4.71 -15.84 19.79
N GLU F 68 4.15 -16.31 20.90
CA GLU F 68 4.86 -16.23 22.17
C GLU F 68 6.07 -17.14 22.18
N ASN F 69 5.97 -18.32 21.54
CA ASN F 69 7.11 -19.22 21.43
C ASN F 69 8.24 -18.56 20.65
N ILE F 70 7.91 -17.94 19.53
CA ILE F 70 8.92 -17.26 18.72
C ILE F 70 9.52 -16.08 19.48
N MET F 71 8.68 -15.34 20.21
CA MET F 71 9.18 -14.23 21.02
C MET F 71 10.18 -14.72 22.06
N TRP F 72 9.87 -15.82 22.72
CA TRP F 72 10.78 -16.37 23.72
C TRP F 72 12.08 -16.83 23.09
N ARG F 73 12.01 -17.47 21.92
CA ARG F 73 13.22 -17.87 21.21
C ARG F 73 14.09 -16.66 20.89
N SER F 74 13.47 -15.57 20.43
CA SER F 74 14.24 -14.38 20.05
C SER F 74 14.80 -13.66 21.28
N VAL F 75 14.17 -13.81 22.44
CA VAL F 75 14.62 -13.09 23.63
C VAL F 75 15.65 -13.84 24.46
N GLU F 76 15.62 -15.18 24.44
CA GLU F 76 16.31 -15.95 25.46
C GLU F 76 17.79 -15.61 25.61
N GLY F 77 18.48 -15.34 24.50
CA GLY F 77 19.91 -15.06 24.59
C GLY F 77 20.21 -13.77 25.34
N GLU F 78 19.55 -12.69 24.96
CA GLU F 78 19.77 -11.41 25.63
C GLU F 78 19.26 -11.46 27.07
N LEU F 79 18.15 -12.17 27.30
CA LEU F 79 17.66 -12.33 28.67
C LEU F 79 18.67 -13.07 29.54
N ASN F 80 19.28 -14.13 29.00
CA ASN F 80 20.30 -14.86 29.74
C ASN F 80 21.50 -13.98 30.02
N ALA F 81 21.91 -13.16 29.04
CA ALA F 81 23.04 -12.27 29.24
C ALA F 81 22.75 -11.27 30.36
N ILE F 82 21.56 -10.67 30.36
CA ILE F 82 21.27 -9.65 31.36
C ILE F 82 21.03 -10.28 32.73
N LEU F 83 20.57 -11.53 32.78
CA LEU F 83 20.53 -12.25 34.05
C LEU F 83 21.93 -12.53 34.57
N GLU F 84 22.84 -12.91 33.68
CA GLU F 84 24.22 -13.19 34.08
C GLU F 84 24.90 -11.93 34.60
N GLU F 85 24.68 -10.80 33.94
CA GLU F 85 25.29 -9.54 34.37
C GLU F 85 24.81 -9.11 35.75
N ASN F 86 23.64 -9.59 36.17
CA ASN F 86 23.08 -9.27 37.48
C ASN F 86 23.45 -10.29 38.55
N GLY F 87 24.26 -11.28 38.22
CA GLY F 87 24.67 -12.29 39.19
C GLY F 87 23.54 -13.18 39.66
N VAL F 88 22.69 -13.65 38.76
CA VAL F 88 21.59 -14.55 39.08
C VAL F 88 21.86 -15.88 38.40
N GLN F 89 21.83 -16.96 39.17
CA GLN F 89 22.08 -18.30 38.65
C GLN F 89 20.76 -18.85 38.12
N LEU F 90 20.47 -18.52 36.86
CA LEU F 90 19.22 -18.94 36.24
C LEU F 90 19.36 -18.80 34.73
N THR F 91 19.04 -19.86 34.00
CA THR F 91 19.06 -19.84 32.55
C THR F 91 17.67 -20.18 32.02
N VAL F 92 17.33 -19.59 30.88
CA VAL F 92 16.05 -19.79 30.23
C VAL F 92 16.26 -20.72 29.04
N VAL F 93 15.53 -21.82 29.00
CA VAL F 93 15.62 -22.80 27.92
C VAL F 93 14.28 -22.84 27.20
N VAL F 94 14.32 -22.69 25.87
CA VAL F 94 13.12 -22.65 25.05
C VAL F 94 13.13 -23.87 24.13
N GLY F 95 12.06 -24.65 24.17
CA GLY F 95 11.94 -25.84 23.38
C GLY F 95 10.90 -25.72 22.28
N SER F 96 10.50 -26.87 21.75
CA SER F 96 9.50 -26.91 20.70
C SER F 96 8.10 -26.74 21.29
N VAL F 97 7.10 -26.73 20.43
CA VAL F 97 5.72 -26.53 20.84
C VAL F 97 4.86 -27.64 20.27
N LYS F 98 3.96 -28.17 21.08
CA LYS F 98 3.15 -29.33 20.73
C LYS F 98 1.69 -29.02 20.98
N ASN F 99 0.82 -29.45 20.05
CA ASN F 99 -0.60 -29.16 20.12
C ASN F 99 -1.37 -30.29 20.78
N PRO F 100 -2.45 -29.98 21.51
CA PRO F 100 -2.92 -28.64 21.85
C PRO F 100 -2.08 -27.98 22.93
N MET F 101 -2.32 -26.69 23.15
CA MET F 101 -1.51 -25.88 24.06
C MET F 101 -2.27 -25.80 25.38
N TRP F 102 -1.86 -26.59 26.35
CA TRP F 102 -2.64 -26.75 27.58
C TRP F 102 -2.48 -25.56 28.51
N ARG F 103 -3.55 -25.26 29.24
CA ARG F 103 -3.60 -24.08 30.10
C ARG F 103 -2.83 -24.31 31.39
N GLY F 104 -2.00 -23.33 31.76
CA GLY F 104 -1.32 -23.35 33.02
C GLY F 104 -2.05 -22.51 34.05
N PRO F 105 -1.98 -22.90 35.31
CA PRO F 105 -2.72 -22.20 36.36
C PRO F 105 -2.00 -21.03 37.03
N GLN F 106 -0.74 -20.77 36.70
CA GLN F 106 0.02 -19.71 37.32
C GLN F 106 0.09 -18.48 36.41
N ARG F 107 0.60 -17.38 36.97
CA ARG F 107 0.75 -16.13 36.24
C ARG F 107 2.08 -15.48 36.62
N LEU F 108 2.71 -14.83 35.66
CA LEU F 108 3.93 -14.08 35.94
C LEU F 108 3.61 -12.84 36.77
N PRO F 109 4.45 -12.50 37.75
CA PRO F 109 4.19 -11.31 38.56
C PRO F 109 4.74 -10.04 37.90
N VAL F 110 4.39 -8.91 38.50
CA VAL F 110 4.90 -7.60 38.11
C VAL F 110 5.80 -7.10 39.23
N PRO F 111 7.12 -7.12 39.06
CA PRO F 111 8.00 -6.68 40.15
C PRO F 111 7.89 -5.19 40.43
N VAL F 112 8.11 -4.83 41.70
CA VAL F 112 8.04 -3.43 42.09
C VAL F 112 9.16 -2.63 41.43
N ASN F 113 10.37 -3.18 41.39
CA ASN F 113 11.50 -2.52 40.74
C ASN F 113 12.26 -3.54 39.91
N GLU F 114 13.02 -3.04 38.94
CA GLU F 114 13.73 -3.89 38.00
C GLU F 114 15.16 -4.15 38.46
N LEU F 115 15.82 -5.07 37.75
CA LEU F 115 17.21 -5.39 38.08
C LEU F 115 18.11 -4.21 37.73
N PRO F 116 18.96 -3.75 38.65
CA PRO F 116 19.71 -2.51 38.41
C PRO F 116 21.01 -2.69 37.64
N HIS F 117 20.99 -3.50 36.59
CA HIS F 117 22.17 -3.70 35.75
C HIS F 117 21.71 -4.16 34.37
N GLY F 118 22.38 -3.67 33.35
CA GLY F 118 22.11 -4.08 31.99
C GLY F 118 21.69 -2.92 31.12
N TRP F 119 21.19 -3.27 29.93
CA TRP F 119 20.85 -2.31 28.90
C TRP F 119 19.37 -1.95 29.00
N LYS F 120 18.84 -1.25 27.99
CA LYS F 120 17.47 -0.77 28.05
C LYS F 120 16.69 -0.98 26.76
N ALA F 121 17.19 -1.77 25.83
CA ALA F 121 16.47 -2.03 24.58
C ALA F 121 16.81 -3.43 24.09
N TRP F 122 15.99 -3.92 23.18
CA TRP F 122 16.10 -5.27 22.67
C TRP F 122 16.89 -5.30 21.37
N GLY F 123 17.43 -6.48 21.07
CA GLY F 123 18.16 -6.68 19.81
C GLY F 123 19.37 -5.79 19.65
N LYS F 124 20.15 -5.62 20.71
CA LYS F 124 21.27 -4.70 20.71
C LYS F 124 22.28 -5.16 21.75
N SER F 125 23.21 -4.26 22.10
CA SER F 125 24.23 -4.39 23.13
C SER F 125 25.39 -5.29 22.73
N TYR F 126 25.30 -6.00 21.60
CA TYR F 126 26.38 -6.87 21.10
C TYR F 126 26.93 -7.77 22.20
N PHE F 127 26.03 -8.51 22.83
CA PHE F 127 26.37 -9.30 24.01
C PHE F 127 27.20 -10.53 23.63
N VAL F 128 27.56 -11.31 24.63
CA VAL F 128 28.26 -12.58 24.47
C VAL F 128 27.48 -13.65 25.22
N ARG F 129 27.41 -14.85 24.64
CA ARG F 129 26.66 -15.94 25.23
C ARG F 129 27.14 -16.24 26.64
N ALA F 130 26.19 -16.38 27.57
CA ALA F 130 26.51 -16.66 28.96
C ALA F 130 26.71 -18.15 29.18
N ALA F 131 27.26 -18.49 30.33
CA ALA F 131 27.52 -19.89 30.68
C ALA F 131 26.27 -20.55 31.23
N LYS F 132 26.09 -21.82 30.89
CA LYS F 132 24.96 -22.59 31.39
C LYS F 132 25.08 -22.79 32.89
N THR F 133 23.92 -22.91 33.54
CA THR F 133 23.84 -23.17 34.97
C THR F 133 22.84 -24.27 35.25
N ASN F 134 22.87 -24.77 36.48
CA ASN F 134 22.03 -25.92 36.85
C ASN F 134 20.55 -25.56 36.94
N ASN F 135 20.23 -24.33 37.34
CA ASN F 135 18.83 -23.91 37.46
C ASN F 135 18.29 -23.55 36.08
N SER F 136 17.28 -24.30 35.62
CA SER F 136 16.71 -24.12 34.29
C SER F 136 15.26 -23.64 34.41
N PHE F 137 14.99 -22.46 33.89
CA PHE F 137 13.63 -21.91 33.78
C PHE F 137 13.18 -22.18 32.35
N VAL F 138 12.46 -23.26 32.15
CA VAL F 138 12.26 -23.83 30.81
C VAL F 138 10.92 -23.36 30.25
N VAL F 139 10.98 -22.74 29.06
CA VAL F 139 9.77 -22.48 28.29
C VAL F 139 9.36 -23.76 27.58
N ASP F 140 8.09 -23.82 27.16
CA ASP F 140 7.44 -25.06 26.76
C ASP F 140 8.30 -25.90 25.82
N GLY F 141 8.22 -27.21 26.00
CA GLY F 141 8.96 -28.14 25.17
C GLY F 141 8.66 -29.56 25.58
N ASP F 142 9.51 -30.50 25.14
CA ASP F 142 9.39 -31.90 25.54
C ASP F 142 10.04 -32.12 26.91
N THR F 143 9.55 -31.37 27.89
CA THR F 143 10.21 -31.24 29.18
C THR F 143 9.22 -31.25 30.34
N LEU F 144 8.07 -31.88 30.16
CA LEU F 144 7.01 -31.84 31.17
C LEU F 144 7.16 -32.96 32.19
N LYS F 145 8.36 -33.14 32.70
CA LYS F 145 8.62 -34.17 33.70
C LYS F 145 9.38 -33.64 34.91
N GLU F 146 10.36 -32.76 34.71
CA GLU F 146 11.12 -32.21 35.81
C GLU F 146 10.38 -31.12 36.56
N CYS F 147 9.38 -30.50 35.95
CA CYS F 147 8.42 -29.71 36.69
C CYS F 147 7.12 -29.65 35.88
N PRO F 148 6.01 -30.09 36.45
CA PRO F 148 4.81 -30.33 35.65
C PRO F 148 4.01 -29.09 35.30
N LEU F 149 2.85 -29.30 34.66
CA LEU F 149 1.99 -28.20 34.24
C LEU F 149 1.45 -27.39 35.40
N LYS F 150 1.36 -27.99 36.60
CA LYS F 150 0.77 -27.29 37.74
C LYS F 150 1.69 -26.21 38.30
N HIS F 151 2.93 -26.11 37.83
CA HIS F 151 3.83 -25.04 38.26
C HIS F 151 4.23 -24.13 37.11
N ARG F 152 3.40 -24.05 36.07
CA ARG F 152 3.73 -23.30 34.86
C ARG F 152 2.80 -22.11 34.68
N ALA F 153 3.36 -20.99 34.23
CA ALA F 153 2.59 -19.80 33.92
C ALA F 153 1.97 -19.90 32.53
N TRP F 154 0.96 -19.07 32.30
CA TRP F 154 0.21 -19.09 31.06
C TRP F 154 -0.53 -17.77 30.92
N ASN F 155 -0.54 -17.20 29.71
CA ASN F 155 -1.32 -16.00 29.39
C ASN F 155 -0.88 -14.81 30.23
N SER F 156 0.41 -14.53 30.22
CA SER F 156 0.99 -13.51 31.08
C SER F 156 1.35 -12.22 30.35
N PHE F 157 1.15 -12.16 29.04
CA PHE F 157 1.59 -11.02 28.25
C PHE F 157 0.42 -10.33 27.57
N LEU F 158 0.56 -9.03 27.39
CA LEU F 158 -0.47 -8.18 26.81
C LEU F 158 0.16 -7.37 25.68
N VAL F 159 -0.43 -7.46 24.49
CA VAL F 159 0.08 -6.73 23.33
C VAL F 159 -0.31 -5.25 23.46
N GLU F 160 0.66 -4.37 23.25
CA GLU F 160 0.44 -2.93 23.30
C GLU F 160 0.40 -2.27 21.93
N ASP F 161 1.17 -2.76 20.97
CA ASP F 161 1.24 -2.16 19.64
C ASP F 161 1.60 -3.21 18.61
N HIS F 162 1.01 -3.09 17.42
CA HIS F 162 1.29 -3.97 16.29
C HIS F 162 1.58 -3.05 15.10
N GLY F 163 2.83 -2.61 14.98
CA GLY F 163 3.20 -1.59 14.03
C GLY F 163 3.83 -2.15 12.77
N PHE F 164 3.42 -1.62 11.64
CA PHE F 164 3.90 -2.05 10.33
C PHE F 164 4.83 -0.96 9.79
N GLY F 165 6.12 -1.15 10.01
CA GLY F 165 7.12 -0.22 9.52
C GLY F 165 7.30 -0.34 8.02
N VAL F 166 8.20 0.49 7.49
CA VAL F 166 8.46 0.48 6.06
C VAL F 166 9.17 -0.81 5.67
N PHE F 167 10.08 -1.30 6.50
CA PHE F 167 10.86 -2.48 6.17
C PHE F 167 10.61 -3.69 7.05
N HIS F 168 10.29 -3.50 8.33
CA HIS F 168 10.01 -4.63 9.21
C HIS F 168 8.91 -4.26 10.20
N THR F 169 7.99 -5.20 10.40
CA THR F 169 6.91 -5.03 11.36
C THR F 169 7.36 -5.42 12.76
N SER F 170 6.73 -4.82 13.76
CA SER F 170 7.14 -4.97 15.14
C SER F 170 5.93 -5.22 16.03
N VAL F 171 6.17 -5.89 17.16
CA VAL F 171 5.13 -6.17 18.14
C VAL F 171 5.65 -5.77 19.52
N TRP F 172 4.85 -5.01 20.25
CA TRP F 172 5.22 -4.51 21.57
C TRP F 172 4.36 -5.20 22.63
N LEU F 173 5.01 -5.78 23.63
CA LEU F 173 4.36 -6.58 24.65
C LEU F 173 4.50 -5.93 26.02
N LYS F 174 3.79 -6.48 26.99
CA LYS F 174 3.87 -6.02 28.37
C LYS F 174 3.31 -7.11 29.27
N VAL F 175 3.79 -7.13 30.51
CA VAL F 175 3.34 -8.14 31.47
C VAL F 175 2.03 -7.69 32.09
N ARG F 176 1.05 -8.58 32.11
CA ARG F 176 -0.29 -8.25 32.58
C ARG F 176 -0.29 -7.92 34.07
N GLU F 177 -1.04 -6.89 34.43
CA GLU F 177 -1.23 -6.56 35.84
C GLU F 177 -2.27 -7.45 36.50
N ASP F 178 -3.29 -7.88 35.76
CA ASP F 178 -4.43 -8.57 36.32
C ASP F 178 -4.64 -9.90 35.63
N TYR F 179 -5.32 -10.81 36.33
CA TYR F 179 -5.62 -12.13 35.82
C TYR F 179 -6.61 -12.06 34.67
N SER F 180 -6.48 -12.97 33.71
CA SER F 180 -7.39 -13.02 32.58
C SER F 180 -7.42 -14.42 32.00
N LEU F 181 -8.56 -14.77 31.40
CA LEU F 181 -8.76 -16.05 30.76
C LEU F 181 -8.92 -15.95 29.26
N GLU F 182 -9.12 -14.76 28.72
CA GLU F 182 -9.51 -14.58 27.33
C GLU F 182 -8.28 -14.31 26.45
N CYS F 183 -8.45 -14.61 25.17
CA CYS F 183 -7.40 -14.32 24.21
C CYS F 183 -7.26 -12.81 24.03
N ASP F 184 -6.06 -12.38 23.65
CA ASP F 184 -5.76 -10.96 23.55
C ASP F 184 -6.62 -10.32 22.47
N PRO F 185 -7.42 -9.30 22.81
CA PRO F 185 -8.30 -8.69 21.80
C PRO F 185 -7.59 -7.70 20.89
N ALA F 186 -6.35 -7.35 21.18
CA ALA F 186 -5.62 -6.38 20.38
C ALA F 186 -5.33 -6.85 18.97
N VAL F 187 -5.49 -8.15 18.69
CA VAL F 187 -5.12 -8.70 17.38
C VAL F 187 -6.29 -9.48 16.80
N ILE F 188 -7.49 -9.26 17.31
CA ILE F 188 -8.69 -9.95 16.86
C ILE F 188 -9.44 -9.07 15.88
N GLY F 189 -9.86 -9.64 14.76
CA GLY F 189 -10.66 -8.92 13.80
C GLY F 189 -11.84 -9.72 13.29
N THR F 190 -13.05 -9.23 13.55
CA THR F 190 -14.28 -9.86 13.12
C THR F 190 -15.02 -8.91 12.19
N ALA F 191 -15.70 -9.47 11.20
CA ALA F 191 -16.39 -8.64 10.22
C ALA F 191 -17.42 -9.46 9.48
N VAL F 192 -18.59 -8.86 9.25
CA VAL F 192 -19.66 -9.47 8.45
C VAL F 192 -20.19 -8.41 7.50
N LYS F 193 -20.55 -8.85 6.29
CA LYS F 193 -21.15 -7.95 5.31
C LYS F 193 -21.89 -8.82 4.30
N GLY F 194 -23.21 -8.72 4.28
CA GLY F 194 -24.00 -9.52 3.37
C GLY F 194 -24.21 -10.94 3.85
N LYS F 195 -23.56 -11.90 3.19
CA LYS F 195 -23.71 -13.31 3.52
C LYS F 195 -22.39 -14.00 3.81
N GLU F 196 -21.32 -13.25 4.05
CA GLU F 196 -20.07 -13.83 4.50
C GLU F 196 -19.62 -13.12 5.78
N ALA F 197 -18.95 -13.88 6.64
CA ALA F 197 -18.43 -13.36 7.90
C ALA F 197 -17.08 -14.01 8.18
N VAL F 198 -16.28 -13.35 9.01
CA VAL F 198 -14.97 -13.84 9.39
C VAL F 198 -14.73 -13.57 10.86
N HIS F 199 -14.31 -14.61 11.59
CA HIS F 199 -13.75 -14.47 12.93
C HIS F 199 -12.28 -14.84 12.84
N SER F 200 -11.39 -13.89 13.17
CA SER F 200 -9.98 -14.13 12.91
C SER F 200 -9.12 -13.51 14.00
N ASP F 201 -7.92 -14.07 14.12
CA ASP F 201 -6.83 -13.49 14.92
C ASP F 201 -5.53 -13.92 14.25
N LEU F 202 -4.43 -13.87 15.00
CA LEU F 202 -3.12 -14.15 14.42
C LEU F 202 -3.00 -15.60 13.94
N GLY F 203 -3.68 -16.53 14.61
CA GLY F 203 -3.55 -17.94 14.26
C GLY F 203 -4.78 -18.59 13.67
N TYR F 204 -5.94 -17.95 13.81
CA TYR F 204 -7.20 -18.50 13.33
C TYR F 204 -7.75 -17.65 12.20
N TRP F 205 -8.39 -18.30 11.24
CA TRP F 205 -9.14 -17.61 10.18
C TRP F 205 -10.37 -18.46 9.90
N ILE F 206 -11.48 -18.08 10.53
CA ILE F 206 -12.71 -18.86 10.52
C ILE F 206 -13.74 -18.14 9.65
N GLU F 207 -14.31 -18.86 8.68
CA GLU F 207 -15.24 -18.29 7.72
C GLU F 207 -16.60 -18.93 7.88
N SER F 208 -17.65 -18.12 7.76
CA SER F 208 -19.02 -18.60 7.81
C SER F 208 -19.81 -17.99 6.67
N GLU F 209 -20.93 -18.62 6.35
CA GLU F 209 -21.72 -18.25 5.18
C GLU F 209 -23.19 -18.32 5.52
N LYS F 210 -24.02 -17.75 4.64
CA LYS F 210 -25.45 -17.75 4.80
C LYS F 210 -26.06 -18.61 3.69
N ASN F 211 -26.28 -19.89 4.00
CA ASN F 211 -27.19 -20.74 3.26
C ASN F 211 -28.58 -20.48 3.84
N ASP F 212 -29.53 -21.41 3.65
CA ASP F 212 -30.81 -21.29 4.33
C ASP F 212 -30.65 -20.92 5.80
N THR F 213 -29.53 -21.27 6.42
CA THR F 213 -29.16 -20.82 7.75
C THR F 213 -27.68 -20.43 7.76
N TRP F 214 -27.29 -19.64 8.75
CA TRP F 214 -25.88 -19.35 8.95
C TRP F 214 -25.15 -20.59 9.44
N ARG F 215 -23.98 -20.84 8.89
CA ARG F 215 -23.25 -22.06 9.21
C ARG F 215 -21.76 -21.85 8.97
N LEU F 216 -20.96 -22.72 9.58
CA LEU F 216 -19.53 -22.71 9.35
C LEU F 216 -19.20 -23.21 7.96
N LYS F 217 -18.26 -22.53 7.30
CA LYS F 217 -17.88 -22.83 5.92
C LYS F 217 -16.51 -23.48 5.81
N ARG F 218 -15.48 -22.83 6.37
CA ARG F 218 -14.15 -23.42 6.42
C ARG F 218 -13.34 -22.68 7.47
N ALA F 219 -12.26 -23.31 7.92
CA ALA F 219 -11.38 -22.72 8.90
C ALA F 219 -9.95 -23.16 8.61
N HIS F 220 -9.00 -22.30 8.99
CA HIS F 220 -7.58 -22.55 8.78
C HIS F 220 -6.86 -22.23 10.08
N LEU F 221 -6.39 -23.25 10.77
CA LEU F 221 -5.73 -23.10 12.07
C LEU F 221 -4.28 -23.51 11.95
N ILE F 222 -3.37 -22.65 12.39
CA ILE F 222 -1.95 -22.97 12.47
C ILE F 222 -1.52 -23.29 13.90
N GLU F 223 -2.45 -23.32 14.84
CA GLU F 223 -2.14 -23.58 16.23
C GLU F 223 -3.41 -24.06 16.92
N MET F 224 -3.24 -24.60 18.13
CA MET F 224 -4.37 -25.09 18.92
C MET F 224 -4.23 -24.46 20.30
N LYS F 225 -4.73 -23.24 20.46
CA LYS F 225 -4.65 -22.57 21.75
C LYS F 225 -5.93 -22.82 22.54
N THR F 226 -5.83 -22.63 23.86
CA THR F 226 -6.91 -22.99 24.76
C THR F 226 -7.38 -21.80 25.60
N CYS F 227 -7.22 -20.58 25.08
CA CYS F 227 -7.83 -19.43 25.71
C CYS F 227 -9.31 -19.36 25.34
N GLU F 228 -9.99 -18.34 25.83
CA GLU F 228 -11.41 -18.13 25.54
C GLU F 228 -11.56 -16.97 24.56
N TRP F 229 -12.34 -17.17 23.51
CA TRP F 229 -12.62 -16.10 22.58
C TRP F 229 -13.51 -15.06 23.27
N PRO F 230 -13.14 -13.78 23.25
CA PRO F 230 -13.96 -12.77 23.95
C PRO F 230 -15.34 -12.65 23.34
N LYS F 231 -16.33 -12.41 24.20
CA LYS F 231 -17.69 -12.22 23.75
C LYS F 231 -17.89 -10.88 23.07
N SER F 232 -17.04 -9.90 23.37
CA SER F 232 -17.14 -8.59 22.74
C SER F 232 -16.79 -8.64 21.26
N HIS F 233 -15.93 -9.57 20.86
CA HIS F 233 -15.48 -9.71 19.47
C HIS F 233 -16.18 -10.84 18.75
N THR F 234 -17.42 -11.15 19.12
CA THR F 234 -18.16 -12.28 18.60
C THR F 234 -19.53 -11.83 18.10
N LEU F 235 -19.95 -12.36 16.97
CA LEU F 235 -21.26 -12.04 16.38
C LEU F 235 -22.28 -13.09 16.80
N TRP F 236 -23.46 -12.63 17.23
CA TRP F 236 -24.61 -13.50 17.53
C TRP F 236 -24.26 -14.52 18.61
N THR F 237 -24.03 -13.99 19.82
CA THR F 237 -23.54 -14.80 20.93
C THR F 237 -24.65 -15.37 21.83
N ASP F 238 -25.91 -15.13 21.53
CA ASP F 238 -26.97 -15.58 22.40
C ASP F 238 -27.79 -16.69 21.74
N GLY F 239 -28.46 -17.48 22.57
CA GLY F 239 -29.30 -18.55 22.08
C GLY F 239 -28.55 -19.75 21.54
N ILE F 240 -27.28 -19.89 21.89
CA ILE F 240 -26.42 -20.93 21.33
C ILE F 240 -25.97 -21.85 22.46
N GLU F 241 -25.97 -23.15 22.19
CA GLU F 241 -25.54 -24.16 23.15
C GLU F 241 -24.07 -24.50 22.92
N GLU F 242 -23.32 -24.61 24.01
CA GLU F 242 -21.91 -24.97 23.91
C GLU F 242 -21.71 -26.35 23.31
N SER F 243 -22.75 -27.19 23.29
CA SER F 243 -22.68 -28.54 22.77
C SER F 243 -22.91 -28.61 21.26
N ASP F 244 -23.11 -27.48 20.59
CA ASP F 244 -23.36 -27.46 19.16
C ASP F 244 -22.25 -26.76 18.38
N LEU F 245 -21.24 -26.24 19.05
CA LEU F 245 -20.15 -25.55 18.37
C LEU F 245 -19.22 -26.56 17.71
N ILE F 246 -18.94 -26.37 16.42
CA ILE F 246 -18.07 -27.30 15.71
C ILE F 246 -16.67 -27.29 16.30
N ILE F 247 -16.08 -26.11 16.43
CA ILE F 247 -14.80 -25.93 17.11
C ILE F 247 -15.10 -25.80 18.60
N PRO F 248 -14.50 -26.63 19.46
CA PRO F 248 -14.85 -26.59 20.88
C PRO F 248 -14.53 -25.24 21.52
N LYS F 249 -15.34 -24.88 22.51
CA LYS F 249 -15.12 -23.65 23.26
C LYS F 249 -13.81 -23.69 24.04
N SER F 250 -13.37 -24.88 24.46
CA SER F 250 -12.11 -25.02 25.16
C SER F 250 -10.91 -24.90 24.24
N LEU F 251 -11.12 -24.88 22.93
CA LEU F 251 -10.05 -24.66 21.95
C LEU F 251 -10.12 -23.27 21.33
N ALA F 252 -10.58 -22.28 22.11
CA ALA F 252 -10.69 -20.89 21.68
C ALA F 252 -11.57 -20.75 20.43
N GLY F 253 -12.70 -21.45 20.42
CA GLY F 253 -13.67 -21.29 19.36
C GLY F 253 -14.74 -20.30 19.73
N PRO F 254 -15.16 -19.48 18.77
CA PRO F 254 -16.19 -18.48 19.06
C PRO F 254 -17.50 -19.11 19.50
N LEU F 255 -18.11 -18.54 20.53
CA LEU F 255 -19.40 -19.00 21.03
C LEU F 255 -20.49 -18.25 20.28
N SER F 256 -20.82 -18.77 19.10
CA SER F 256 -21.72 -18.06 18.20
C SER F 256 -22.37 -19.04 17.25
N HIS F 257 -23.48 -18.59 16.64
CA HIS F 257 -24.18 -19.40 15.65
C HIS F 257 -23.37 -19.57 14.37
N HIS F 258 -22.39 -18.71 14.13
CA HIS F 258 -21.51 -18.84 12.98
C HIS F 258 -20.53 -20.00 13.13
N ASN F 259 -20.44 -20.60 14.31
CA ASN F 259 -19.53 -21.69 14.62
C ASN F 259 -20.29 -23.01 14.73
N THR F 260 -21.31 -23.20 13.90
CA THR F 260 -22.18 -24.36 13.98
C THR F 260 -22.41 -24.92 12.59
N ARG F 261 -22.79 -26.19 12.54
CA ARG F 261 -23.26 -26.83 11.32
C ARG F 261 -24.31 -27.85 11.69
N GLU F 262 -25.34 -27.95 10.85
CA GLU F 262 -26.44 -28.86 11.12
C GLU F 262 -26.02 -30.30 10.95
N GLY F 263 -26.48 -31.16 11.86
CA GLY F 263 -26.11 -32.56 11.84
C GLY F 263 -24.82 -32.90 12.53
N TYR F 264 -24.15 -31.93 13.14
CA TYR F 264 -22.88 -32.16 13.82
C TYR F 264 -22.92 -31.52 15.20
N ARG F 265 -22.11 -32.06 16.09
CA ARG F 265 -21.96 -31.56 17.45
C ARG F 265 -20.52 -31.13 17.67
N THR F 266 -20.17 -30.83 18.92
CA THR F 266 -18.82 -30.37 19.23
C THR F 266 -17.81 -31.51 19.04
N GLN F 267 -16.79 -31.24 18.24
CA GLN F 267 -15.77 -32.23 17.92
C GLN F 267 -14.68 -32.24 18.99
N MET F 268 -15.02 -32.84 20.12
CA MET F 268 -14.10 -32.92 21.25
C MET F 268 -12.94 -33.87 21.01
N LYS F 269 -13.02 -34.73 20.00
CA LYS F 269 -12.04 -35.78 19.80
C LYS F 269 -11.49 -35.77 18.37
N GLY F 270 -11.30 -34.58 17.81
CA GLY F 270 -10.69 -34.46 16.52
C GLY F 270 -9.19 -34.60 16.58
N PRO F 271 -8.55 -34.50 15.43
CA PRO F 271 -7.07 -34.61 15.39
C PRO F 271 -6.36 -33.34 15.86
N TRP F 272 -6.55 -33.02 17.14
CA TRP F 272 -6.00 -31.78 17.70
C TRP F 272 -4.52 -31.89 18.05
N HIS F 273 -3.86 -32.98 17.68
CA HIS F 273 -2.43 -33.11 17.86
C HIS F 273 -1.62 -32.58 16.69
N SER F 274 -2.28 -32.21 15.60
CA SER F 274 -1.60 -31.81 14.39
C SER F 274 -0.92 -30.45 14.57
N GLU F 275 0.12 -30.22 13.77
CA GLU F 275 0.79 -28.92 13.77
C GLU F 275 -0.09 -27.85 13.16
N GLU F 276 -0.71 -28.14 12.02
CA GLU F 276 -1.66 -27.26 11.37
C GLU F 276 -2.73 -28.12 10.72
N LEU F 277 -3.94 -27.58 10.62
CA LEU F 277 -4.99 -28.28 9.88
C LEU F 277 -6.00 -27.29 9.35
N GLU F 278 -6.76 -27.74 8.36
CA GLU F 278 -7.80 -26.94 7.74
C GLU F 278 -9.11 -27.73 7.79
N ILE F 279 -10.14 -27.12 8.35
CA ILE F 279 -11.45 -27.76 8.44
C ILE F 279 -12.22 -27.47 7.16
N ARG F 280 -12.73 -28.52 6.53
CA ARG F 280 -13.39 -28.42 5.25
C ARG F 280 -14.61 -29.32 5.27
N PHE F 281 -15.58 -29.02 4.41
CA PHE F 281 -16.79 -29.81 4.31
C PHE F 281 -16.86 -30.42 2.92
N GLU F 282 -16.18 -31.56 2.77
CA GLU F 282 -16.15 -32.35 1.55
C GLU F 282 -15.44 -33.66 1.88
N GLU F 283 -15.68 -34.67 1.07
CA GLU F 283 -15.15 -35.99 1.33
C GLU F 283 -13.71 -36.14 0.86
N CYS F 284 -12.96 -36.98 1.56
CA CYS F 284 -11.55 -37.20 1.25
C CYS F 284 -11.40 -37.87 -0.10
N PRO F 285 -10.25 -37.72 -0.75
CA PRO F 285 -10.07 -38.31 -2.08
C PRO F 285 -10.23 -39.82 -2.08
N GLY F 286 -10.91 -40.32 -3.11
CA GLY F 286 -11.18 -41.74 -3.24
C GLY F 286 -12.00 -42.31 -2.10
N THR F 287 -13.07 -41.63 -1.73
CA THR F 287 -13.88 -42.02 -0.59
C THR F 287 -15.32 -41.57 -0.82
N LYS F 288 -16.26 -42.29 -0.21
CA LYS F 288 -17.66 -41.89 -0.21
C LYS F 288 -18.28 -42.13 1.15
N VAL F 289 -19.27 -41.29 1.49
CA VAL F 289 -19.98 -41.35 2.75
C VAL F 289 -21.47 -41.51 2.47
N HIS F 290 -22.10 -42.45 3.17
CA HIS F 290 -23.52 -42.72 3.01
C HIS F 290 -24.25 -42.42 4.32
N VAL F 291 -25.57 -42.21 4.19
CA VAL F 291 -26.43 -41.89 5.33
C VAL F 291 -27.30 -43.10 5.60
N GLU F 292 -27.16 -43.69 6.79
CA GLU F 292 -27.89 -44.90 7.14
C GLU F 292 -27.92 -45.05 8.65
N GLU F 293 -29.05 -45.54 9.16
CA GLU F 293 -29.27 -45.62 10.60
C GLU F 293 -28.62 -46.84 11.25
N THR F 294 -28.08 -47.76 10.45
CA THR F 294 -27.42 -48.95 10.99
C THR F 294 -25.96 -48.70 11.34
N CYS F 295 -25.46 -47.48 11.13
CA CYS F 295 -24.07 -47.17 11.37
C CYS F 295 -23.83 -46.99 12.87
N GLY F 296 -22.56 -46.96 13.26
CA GLY F 296 -22.21 -46.89 14.67
C GLY F 296 -22.31 -45.50 15.26
N THR F 297 -22.20 -45.44 16.58
CA THR F 297 -22.24 -44.16 17.29
C THR F 297 -20.91 -43.43 17.14
N ARG F 298 -20.96 -42.11 17.32
CA ARG F 298 -19.80 -41.28 17.10
C ARG F 298 -18.70 -41.60 18.11
N GLY F 299 -17.45 -41.53 17.64
CA GLY F 299 -16.30 -41.77 18.48
C GLY F 299 -15.13 -40.93 18.04
N PRO F 300 -13.91 -41.38 18.32
CA PRO F 300 -12.73 -40.61 17.92
C PRO F 300 -12.63 -40.49 16.40
N SER F 301 -11.99 -39.41 15.96
CA SER F 301 -11.79 -39.17 14.54
C SER F 301 -10.84 -40.20 13.94
N LEU F 302 -11.16 -40.67 12.74
CA LEU F 302 -10.40 -41.72 12.08
C LEU F 302 -9.86 -41.22 10.75
N ARG F 303 -8.67 -41.68 10.39
CA ARG F 303 -8.05 -41.34 9.11
C ARG F 303 -8.63 -42.19 7.98
N SER F 304 -8.47 -41.71 6.75
CA SER F 304 -8.95 -42.42 5.58
C SER F 304 -7.94 -43.43 5.05
N THR F 305 -6.68 -43.38 5.49
CA THR F 305 -5.66 -44.30 5.06
C THR F 305 -5.07 -45.01 6.27
N THR F 306 -4.88 -46.32 6.16
CA THR F 306 -4.34 -47.11 7.25
C THR F 306 -2.85 -46.83 7.42
N ALA F 307 -2.29 -47.35 8.51
CA ALA F 307 -0.85 -47.22 8.75
C ALA F 307 -0.03 -47.89 7.66
N SER F 308 -0.62 -48.83 6.92
CA SER F 308 0.01 -49.40 5.74
C SER F 308 -0.13 -48.51 4.51
N GLY F 309 -1.06 -47.56 4.52
CA GLY F 309 -1.32 -46.72 3.37
C GLY F 309 -2.53 -47.10 2.55
N ARG F 310 -3.29 -48.10 2.97
CA ARG F 310 -4.48 -48.51 2.24
C ARG F 310 -5.66 -47.62 2.59
N VAL F 311 -6.40 -47.19 1.57
CA VAL F 311 -7.50 -46.26 1.76
C VAL F 311 -8.81 -47.02 1.91
N ILE F 312 -9.80 -46.36 2.49
CA ILE F 312 -11.13 -46.90 2.68
C ILE F 312 -12.10 -46.12 1.79
N GLU F 313 -13.03 -46.82 1.15
CA GLU F 313 -13.91 -46.19 0.19
C GLU F 313 -15.37 -46.15 0.64
N GLU F 314 -15.71 -46.84 1.74
CA GLU F 314 -17.08 -46.87 2.25
C GLU F 314 -17.09 -46.36 3.69
N TRP F 315 -17.87 -45.31 3.94
CA TRP F 315 -18.10 -44.78 5.28
C TRP F 315 -19.57 -44.49 5.46
N CYS F 316 -20.03 -44.47 6.71
CA CYS F 316 -21.43 -44.26 7.04
C CYS F 316 -21.57 -43.17 8.10
N CYS F 317 -22.73 -42.53 8.09
CA CYS F 317 -23.16 -41.64 9.18
C CYS F 317 -24.64 -41.86 9.41
N ARG F 318 -25.06 -41.72 10.67
CA ARG F 318 -26.44 -41.98 11.03
C ARG F 318 -27.37 -40.88 10.52
N GLU F 319 -27.15 -39.65 10.98
CA GLU F 319 -28.04 -38.55 10.62
C GLU F 319 -27.27 -37.27 10.29
N CYS F 320 -26.01 -37.37 9.90
CA CYS F 320 -25.23 -36.20 9.52
C CYS F 320 -25.78 -35.59 8.24
N THR F 321 -25.17 -34.50 7.80
CA THR F 321 -25.57 -33.80 6.59
C THR F 321 -24.39 -33.74 5.63
N MET F 322 -24.65 -34.06 4.36
CA MET F 322 -23.68 -34.11 3.27
C MET F 322 -23.45 -32.71 2.71
N PRO F 323 -22.22 -32.30 2.39
CA PRO F 323 -20.93 -33.00 2.42
C PRO F 323 -20.40 -33.25 3.82
N PRO F 324 -19.51 -34.22 3.97
CA PRO F 324 -19.01 -34.59 5.30
C PRO F 324 -17.97 -33.60 5.81
N LEU F 325 -17.71 -33.70 7.11
CA LEU F 325 -16.71 -32.87 7.78
C LEU F 325 -15.36 -33.57 7.72
N SER F 326 -14.35 -32.90 7.17
CA SER F 326 -13.03 -33.48 7.03
C SER F 326 -11.96 -32.51 7.49
N PHE F 327 -10.95 -33.04 8.17
CA PHE F 327 -9.77 -32.28 8.54
C PHE F 327 -8.63 -32.61 7.58
N ARG F 328 -7.83 -31.61 7.24
CA ARG F 328 -6.74 -31.75 6.28
C ARG F 328 -5.43 -31.35 6.95
N ALA F 329 -4.56 -32.32 7.17
CA ALA F 329 -3.25 -32.09 7.75
C ALA F 329 -2.17 -32.63 6.80
N LYS F 330 -0.92 -32.61 7.24
CA LYS F 330 0.16 -33.18 6.44
C LYS F 330 0.09 -34.70 6.43
N ASP F 331 -0.40 -35.31 7.51
CA ASP F 331 -0.56 -36.76 7.55
C ASP F 331 -1.55 -37.23 6.50
N GLY F 332 -2.67 -36.53 6.35
CA GLY F 332 -3.67 -36.91 5.39
C GLY F 332 -5.02 -36.28 5.66
N CYS F 333 -6.09 -37.03 5.39
CA CYS F 333 -7.45 -36.56 5.58
C CYS F 333 -8.12 -37.37 6.67
N TRP F 334 -8.68 -36.68 7.66
CA TRP F 334 -9.47 -37.31 8.72
C TRP F 334 -10.94 -37.00 8.50
N TYR F 335 -11.78 -37.64 9.30
CA TYR F 335 -13.22 -37.48 9.20
C TYR F 335 -13.78 -37.02 10.53
N GLY F 336 -14.99 -36.46 10.48
CA GLY F 336 -15.66 -36.05 11.68
C GLY F 336 -16.07 -37.22 12.55
N MET F 337 -16.31 -36.92 13.83
CA MET F 337 -16.62 -37.95 14.81
C MET F 337 -17.86 -38.77 14.42
N GLU F 338 -18.76 -38.20 13.64
CA GLU F 338 -20.03 -38.83 13.33
C GLU F 338 -19.93 -39.84 12.18
N ILE F 339 -18.79 -39.92 11.50
CA ILE F 339 -18.64 -40.75 10.32
C ILE F 339 -17.71 -41.91 10.66
N ARG F 340 -18.20 -43.13 10.47
CA ARG F 340 -17.46 -44.35 10.78
C ARG F 340 -17.37 -45.24 9.55
N PRO F 341 -16.35 -46.10 9.46
CA PRO F 341 -16.22 -46.97 8.29
C PRO F 341 -17.40 -47.93 8.18
N ARG F 342 -17.86 -48.12 6.94
CA ARG F 342 -19.09 -48.89 6.72
C ARG F 342 -18.90 -50.37 7.03
N LYS F 343 -17.84 -50.96 6.50
CA LYS F 343 -17.63 -52.40 6.61
C LYS F 343 -16.34 -52.78 7.32
N GLU F 344 -15.25 -52.09 7.03
CA GLU F 344 -13.95 -52.52 7.53
C GLU F 344 -13.80 -52.09 8.99
N PRO F 345 -13.48 -53.00 9.90
CA PRO F 345 -13.52 -52.68 11.34
C PRO F 345 -12.54 -51.57 11.73
N GLU F 346 -12.90 -50.86 12.81
CA GLU F 346 -12.14 -49.71 13.28
C GLU F 346 -10.88 -50.08 14.04
N SER F 347 -10.65 -51.36 14.32
CA SER F 347 -9.55 -51.75 15.20
C SER F 347 -8.19 -51.41 14.60
N ASN F 348 -8.05 -51.55 13.29
CA ASN F 348 -6.77 -51.40 12.62
C ASN F 348 -6.49 -49.98 12.14
N LEU F 349 -7.40 -49.04 12.41
CA LEU F 349 -7.26 -47.67 11.94
C LEU F 349 -6.59 -46.81 13.00
N VAL F 350 -5.82 -45.84 12.53
CA VAL F 350 -5.24 -44.83 13.41
C VAL F 350 -6.34 -43.83 13.80
N ARG F 351 -6.39 -43.50 15.08
CA ARG F 351 -7.46 -42.67 15.63
C ARG F 351 -6.86 -41.55 16.47
N SER F 352 -7.69 -40.54 16.72
CA SER F 352 -7.29 -39.44 17.59
C SER F 352 -7.13 -39.93 19.03
N MET F 353 -6.07 -39.48 19.69
CA MET F 353 -5.81 -39.82 21.07
C MET F 353 -5.91 -38.64 22.02
N VAL F 354 -6.28 -37.46 21.53
CA VAL F 354 -6.42 -36.27 22.35
C VAL F 354 -7.89 -35.88 22.40
N THR F 355 -8.29 -35.25 23.50
CA THR F 355 -9.66 -34.81 23.69
C THR F 355 -9.67 -33.39 24.24
N ALA F 356 -10.76 -32.67 23.97
CA ALA F 356 -10.93 -31.31 24.47
C ALA F 356 -11.95 -31.26 25.60
N VAL G 2 32.23 -17.86 -37.17
CA VAL G 2 33.05 -16.92 -36.42
C VAL G 2 34.08 -16.26 -37.33
N GLN G 3 33.59 -15.61 -38.38
CA GLN G 3 34.42 -14.91 -39.34
C GLN G 3 34.06 -13.44 -39.34
N LEU G 4 35.07 -12.58 -39.26
CA LEU G 4 34.91 -11.14 -39.33
C LEU G 4 35.63 -10.64 -40.57
N LEU G 5 34.86 -10.19 -41.56
CA LEU G 5 35.39 -9.72 -42.83
C LEU G 5 35.12 -8.23 -43.00
N GLU G 6 36.13 -7.51 -43.47
CA GLU G 6 36.09 -6.06 -43.52
C GLU G 6 36.14 -5.58 -44.96
N SER G 7 35.90 -4.29 -45.13
CA SER G 7 35.87 -3.66 -46.45
C SER G 7 35.83 -2.15 -46.25
N GLY G 8 35.98 -1.42 -47.35
CA GLY G 8 35.89 0.02 -47.34
C GLY G 8 37.21 0.76 -47.42
N GLY G 9 38.32 0.06 -47.30
CA GLY G 9 39.61 0.73 -47.34
C GLY G 9 39.98 1.21 -48.72
N GLY G 10 40.92 2.13 -48.76
CA GLY G 10 41.39 2.67 -50.03
C GLY G 10 42.15 3.96 -49.80
N LEU G 11 42.43 4.64 -50.92
CA LEU G 11 43.10 5.92 -50.88
C LEU G 11 42.06 7.04 -50.81
N ILE G 12 42.36 8.06 -50.03
CA ILE G 12 41.45 9.17 -49.82
C ILE G 12 42.23 10.47 -49.78
N GLN G 13 41.62 11.53 -50.29
CA GLN G 13 42.25 12.84 -50.25
C GLN G 13 42.23 13.37 -48.82
N PRO G 14 43.30 14.03 -48.37
CA PRO G 14 43.33 14.55 -47.00
C PRO G 14 42.21 15.56 -46.77
N GLY G 15 41.61 15.48 -45.59
CA GLY G 15 40.43 16.26 -45.28
C GLY G 15 39.14 15.64 -45.74
N GLY G 16 39.18 14.49 -46.39
CA GLY G 16 37.99 13.81 -46.86
C GLY G 16 37.42 12.84 -45.84
N SER G 17 36.37 12.14 -46.27
CA SER G 17 35.64 11.21 -45.42
C SER G 17 35.64 9.83 -46.04
N LEU G 18 35.52 8.82 -45.18
CA LEU G 18 35.54 7.43 -45.62
C LEU G 18 34.85 6.59 -44.57
N ARG G 19 34.21 5.50 -45.00
CA ARG G 19 33.44 4.65 -44.11
C ARG G 19 33.92 3.20 -44.21
N LEU G 20 34.15 2.58 -43.07
CA LEU G 20 34.54 1.18 -42.99
C LEU G 20 33.35 0.33 -42.58
N SER G 21 33.43 -0.96 -42.90
CA SER G 21 32.43 -1.93 -42.49
C SER G 21 33.12 -3.21 -42.06
N CYS G 22 32.42 -4.00 -41.24
CA CYS G 22 32.96 -5.28 -40.77
C CYS G 22 31.78 -6.23 -40.62
N ALA G 23 31.53 -7.04 -41.64
CA ALA G 23 30.43 -7.99 -41.62
C ALA G 23 30.82 -9.21 -40.80
N ALA G 24 29.95 -9.61 -39.89
CA ALA G 24 30.21 -10.70 -38.95
C ALA G 24 29.38 -11.92 -39.34
N SER G 25 30.04 -13.08 -39.37
CA SER G 25 29.37 -14.35 -39.63
C SER G 25 29.69 -15.28 -38.47
N GLY G 26 28.66 -15.77 -37.79
CA GLY G 26 28.81 -16.67 -36.67
C GLY G 26 28.49 -16.05 -35.33
N LEU G 27 28.52 -14.73 -35.20
CA LEU G 27 28.15 -14.06 -33.97
C LEU G 27 27.29 -12.85 -34.30
N THR G 28 26.44 -12.49 -33.35
CA THR G 28 25.56 -11.32 -33.48
C THR G 28 26.27 -10.11 -32.87
N VAL G 29 26.42 -9.05 -33.67
CA VAL G 29 27.17 -7.89 -33.21
C VAL G 29 26.42 -7.11 -32.14
N SER G 30 25.11 -7.29 -32.03
CA SER G 30 24.32 -6.56 -31.04
C SER G 30 24.38 -7.21 -29.66
N ASN G 31 25.03 -8.35 -29.52
CA ASN G 31 25.18 -9.03 -28.24
C ASN G 31 26.63 -9.06 -27.77
N ASN G 32 27.52 -8.33 -28.43
CA ASN G 32 28.94 -8.42 -28.17
C ASN G 32 29.54 -7.04 -28.01
N TYR G 33 30.71 -7.01 -27.35
CA TYR G 33 31.56 -5.83 -27.31
C TYR G 33 32.48 -5.86 -28.51
N MET G 34 32.49 -4.77 -29.29
CA MET G 34 33.23 -4.72 -30.54
C MET G 34 34.22 -3.56 -30.53
N ASN G 35 35.42 -3.81 -31.05
CA ASN G 35 36.51 -2.84 -31.05
C ASN G 35 36.90 -2.47 -32.48
N TRP G 36 37.65 -1.37 -32.58
CA TRP G 36 38.41 -1.02 -33.77
C TRP G 36 39.83 -0.73 -33.34
N VAL G 37 40.80 -1.41 -33.96
CA VAL G 37 42.22 -1.28 -33.62
C VAL G 37 42.98 -1.01 -34.90
N ARG G 38 43.87 -0.02 -34.87
CA ARG G 38 44.66 0.36 -36.04
C ARG G 38 46.14 0.21 -35.74
N GLN G 39 46.90 -0.04 -36.81
CA GLN G 39 48.36 -0.18 -36.72
C GLN G 39 48.99 0.61 -37.85
N ALA G 40 49.76 1.65 -37.50
CA ALA G 40 50.45 2.43 -38.51
C ALA G 40 51.55 1.60 -39.16
N PRO G 41 51.91 1.90 -40.41
CA PRO G 41 52.96 1.13 -41.08
C PRO G 41 54.30 1.25 -40.38
N GLY G 42 54.79 0.17 -39.79
CA GLY G 42 56.03 0.17 -39.07
C GLY G 42 55.95 0.56 -37.61
N LYS G 43 54.75 0.75 -37.07
CA LYS G 43 54.56 1.06 -35.65
C LYS G 43 53.72 -0.03 -34.99
N GLY G 44 53.46 0.15 -33.71
CA GLY G 44 52.75 -0.81 -32.91
C GLY G 44 51.24 -0.66 -33.01
N LEU G 45 50.54 -1.40 -32.16
CA LEU G 45 49.09 -1.41 -32.15
C LEU G 45 48.55 -0.23 -31.35
N GLU G 46 47.34 0.20 -31.70
CA GLU G 46 46.70 1.34 -31.07
C GLU G 46 45.20 1.15 -31.06
N TRP G 47 44.57 1.47 -29.94
CA TRP G 47 43.13 1.34 -29.78
C TRP G 47 42.42 2.60 -30.28
N VAL G 48 41.29 2.40 -30.95
CA VAL G 48 40.55 3.49 -31.57
C VAL G 48 39.19 3.69 -30.90
N SER G 49 38.33 2.68 -30.92
CA SER G 49 36.96 2.84 -30.46
C SER G 49 36.43 1.52 -29.92
N ILE G 50 35.37 1.61 -29.12
CA ILE G 50 34.66 0.44 -28.60
C ILE G 50 33.18 0.77 -28.53
N ILE G 51 32.35 -0.25 -28.72
CA ILE G 51 30.91 -0.14 -28.48
C ILE G 51 30.48 -1.31 -27.60
N TYR G 52 29.81 -1.00 -26.49
CA TYR G 52 29.31 -2.03 -25.59
C TYR G 52 28.11 -2.73 -26.22
N SER G 53 27.70 -3.83 -25.61
CA SER G 53 26.51 -4.52 -26.09
C SER G 53 25.24 -3.74 -25.78
N SER G 54 25.28 -2.79 -24.86
CA SER G 54 24.13 -1.96 -24.56
C SER G 54 24.04 -0.73 -25.45
N GLY G 55 25.12 -0.38 -26.15
CA GLY G 55 25.13 0.77 -27.03
C GLY G 55 26.09 1.88 -26.63
N SER G 56 26.75 1.79 -25.48
CA SER G 56 27.68 2.83 -25.08
C SER G 56 28.92 2.81 -25.95
N THR G 57 29.46 4.00 -26.25
CA THR G 57 30.60 4.15 -27.13
C THR G 57 31.68 4.99 -26.46
N TYR G 58 32.93 4.65 -26.72
CA TYR G 58 34.07 5.39 -26.24
C TYR G 58 35.09 5.51 -27.36
N TYR G 59 35.91 6.57 -27.30
CA TYR G 59 36.87 6.86 -28.36
C TYR G 59 38.19 7.29 -27.75
N ALA G 60 39.25 7.16 -28.55
CA ALA G 60 40.56 7.64 -28.16
C ALA G 60 40.66 9.15 -28.40
N ASP G 61 41.58 9.78 -27.67
CA ASP G 61 41.69 11.24 -27.74
C ASP G 61 42.07 11.72 -29.14
N SER G 62 42.98 11.01 -29.80
CA SER G 62 43.46 11.46 -31.11
C SER G 62 42.36 11.45 -32.15
N VAL G 63 41.35 10.59 -32.00
CA VAL G 63 40.27 10.46 -32.96
C VAL G 63 38.97 11.06 -32.46
N LYS G 64 38.93 11.56 -31.23
CA LYS G 64 37.67 12.04 -30.66
C LYS G 64 37.19 13.28 -31.41
N GLY G 65 35.92 13.26 -31.79
CA GLY G 65 35.31 14.33 -32.54
C GLY G 65 35.24 14.09 -34.03
N ARG G 66 36.07 13.19 -34.56
CA ARG G 66 36.12 12.91 -35.98
C ARG G 66 35.59 11.54 -36.37
N PHE G 67 35.87 10.52 -35.57
CA PHE G 67 35.42 9.17 -35.86
C PHE G 67 34.10 8.89 -35.13
N THR G 68 33.35 7.93 -35.65
CA THR G 68 32.08 7.53 -35.05
C THR G 68 31.84 6.06 -35.34
N ILE G 69 31.64 5.27 -34.28
CA ILE G 69 31.38 3.85 -34.39
C ILE G 69 29.88 3.61 -34.29
N SER G 70 29.40 2.60 -35.00
CA SER G 70 27.97 2.30 -35.02
C SER G 70 27.79 0.85 -35.43
N ARG G 71 26.53 0.41 -35.40
CA ARG G 71 26.19 -0.97 -35.75
C ARG G 71 24.78 -1.00 -36.31
N ASP G 72 24.47 -2.07 -37.03
CA ASP G 72 23.16 -2.24 -37.65
C ASP G 72 22.69 -3.67 -37.45
N THR G 73 21.62 -3.84 -36.68
CA THR G 73 21.13 -5.18 -36.35
C THR G 73 20.58 -5.89 -37.59
N ARG G 74 19.92 -5.15 -38.47
CA ARG G 74 19.30 -5.78 -39.64
C ARG G 74 20.35 -6.42 -40.54
N LYS G 75 21.47 -5.75 -40.76
CA LYS G 75 22.54 -6.29 -41.61
C LYS G 75 23.60 -7.05 -40.82
N ASN G 76 23.58 -6.97 -39.49
CA ASN G 76 24.56 -7.64 -38.63
C ASN G 76 25.98 -7.26 -39.03
N THR G 77 26.27 -5.97 -38.92
CA THR G 77 27.57 -5.46 -39.33
C THR G 77 27.94 -4.24 -38.50
N LEU G 78 29.24 -3.96 -38.46
CA LEU G 78 29.80 -2.87 -37.67
C LEU G 78 30.40 -1.82 -38.59
N TYR G 79 30.24 -0.55 -38.22
CA TYR G 79 30.70 0.56 -39.03
C TYR G 79 31.67 1.44 -38.24
N LEU G 80 32.49 2.18 -38.98
CA LEU G 80 33.35 3.22 -38.41
C LEU G 80 33.39 4.36 -39.42
N GLN G 81 32.61 5.40 -39.16
CA GLN G 81 32.55 6.56 -40.05
C GLN G 81 33.69 7.52 -39.71
N MET G 82 34.44 7.93 -40.72
CA MET G 82 35.63 8.74 -40.56
C MET G 82 35.43 10.07 -41.28
N HIS G 83 35.73 11.16 -40.58
CA HIS G 83 35.55 12.50 -41.10
C HIS G 83 36.82 13.31 -40.91
N SER G 84 37.06 14.25 -41.83
CA SER G 84 38.19 15.17 -41.77
C SER G 84 39.50 14.41 -41.60
N LEU G 85 39.71 13.41 -42.46
CA LEU G 85 40.85 12.52 -42.34
C LEU G 85 42.15 13.28 -42.55
N ARG G 86 43.16 12.93 -41.75
CA ARG G 86 44.48 13.52 -41.85
C ARG G 86 45.50 12.49 -42.28
N VAL G 87 46.73 12.95 -42.52
CA VAL G 87 47.77 12.05 -43.01
C VAL G 87 48.24 11.10 -41.91
N GLU G 88 48.15 11.50 -40.63
CA GLU G 88 48.55 10.60 -39.57
C GLU G 88 47.52 9.50 -39.31
N ASP G 89 46.43 9.46 -40.07
CA ASP G 89 45.42 8.42 -39.96
C ASP G 89 45.65 7.28 -40.94
N THR G 90 46.86 7.13 -41.47
CA THR G 90 47.20 6.05 -42.39
C THR G 90 47.62 4.83 -41.58
N ALA G 91 46.88 3.73 -41.74
CA ALA G 91 47.12 2.53 -40.95
C ALA G 91 46.26 1.41 -41.51
N VAL G 92 46.41 0.22 -40.92
CA VAL G 92 45.56 -0.92 -41.19
C VAL G 92 44.59 -1.07 -40.03
N TYR G 93 43.30 -1.14 -40.34
CA TYR G 93 42.24 -1.13 -39.33
C TYR G 93 41.65 -2.52 -39.18
N TYR G 94 41.48 -2.96 -37.94
CA TYR G 94 40.92 -4.27 -37.62
C TYR G 94 39.67 -4.13 -36.79
N CYS G 95 38.71 -5.03 -37.00
CA CYS G 95 37.57 -5.17 -36.11
C CYS G 95 37.76 -6.43 -35.28
N ALA G 96 37.63 -6.29 -33.96
CA ALA G 96 37.88 -7.38 -33.02
C ALA G 96 36.75 -7.45 -32.01
N ARG G 97 36.55 -8.64 -31.45
CA ARG G 97 35.52 -8.90 -30.46
C ARG G 97 36.16 -9.06 -29.10
N GLU G 98 35.61 -8.41 -28.08
CA GLU G 98 36.18 -8.38 -26.74
C GLU G 98 35.25 -9.05 -25.74
N ARG G 99 35.83 -9.92 -24.91
CA ARG G 99 35.17 -10.51 -23.75
C ARG G 99 36.13 -10.51 -22.57
N GLY G 100 36.87 -9.41 -22.42
CA GLY G 100 38.04 -9.36 -21.60
C GLY G 100 39.32 -9.56 -22.37
N TRP G 101 39.25 -10.17 -23.55
CA TRP G 101 40.37 -10.39 -24.43
C TRP G 101 39.85 -10.41 -25.85
N LEU G 102 40.71 -10.05 -26.80
CA LEU G 102 40.32 -9.98 -28.21
C LEU G 102 40.62 -11.31 -28.87
N ASP G 103 39.66 -12.24 -28.79
CA ASP G 103 39.90 -13.60 -29.26
C ASP G 103 39.64 -13.75 -30.75
N TYR G 104 38.79 -12.90 -31.33
CA TYR G 104 38.48 -12.95 -32.75
C TYR G 104 38.90 -11.63 -33.40
N TRP G 105 39.73 -11.73 -34.43
CA TRP G 105 40.17 -10.57 -35.18
C TRP G 105 39.73 -10.69 -36.63
N GLY G 106 39.64 -9.55 -37.29
CA GLY G 106 39.43 -9.54 -38.73
C GLY G 106 40.73 -9.63 -39.47
N GLN G 107 40.63 -9.65 -40.81
CA GLN G 107 41.82 -9.68 -41.64
C GLN G 107 42.50 -8.31 -41.71
N GLY G 108 41.73 -7.24 -41.70
CA GLY G 108 42.27 -5.91 -41.75
C GLY G 108 42.03 -5.26 -43.11
N THR G 109 41.99 -3.93 -43.11
CA THR G 109 41.85 -3.15 -44.33
C THR G 109 42.80 -1.97 -44.27
N LEU G 110 43.28 -1.54 -45.43
CA LEU G 110 44.30 -0.51 -45.52
C LEU G 110 43.68 0.82 -45.92
N VAL G 111 43.99 1.87 -45.16
CA VAL G 111 43.53 3.22 -45.42
C VAL G 111 44.75 4.11 -45.57
N THR G 112 44.88 4.76 -46.72
CA THR G 112 46.00 5.64 -47.02
C THR G 112 45.48 7.04 -47.28
N VAL G 113 46.03 8.02 -46.59
CA VAL G 113 45.63 9.41 -46.70
C VAL G 113 46.83 10.18 -47.23
N SER G 114 46.83 10.46 -48.53
CA SER G 114 47.94 11.17 -49.16
C SER G 114 47.39 12.25 -50.08
N SER G 115 48.12 13.36 -50.15
CA SER G 115 47.68 14.48 -50.98
C SER G 115 48.08 14.26 -52.44
N ILE H 2 46.31 4.47 -17.98
CA ILE H 2 47.22 3.42 -17.58
C ILE H 2 48.28 3.21 -18.66
N TRP H 3 49.50 3.67 -18.38
CA TRP H 3 50.59 3.53 -19.31
C TRP H 3 51.25 2.16 -19.16
N MET H 4 51.41 1.45 -20.27
CA MET H 4 51.96 0.10 -20.27
C MET H 4 53.35 0.14 -20.90
N THR H 5 54.36 -0.27 -20.13
CA THR H 5 55.74 -0.21 -20.56
C THR H 5 56.29 -1.62 -20.69
N GLN H 6 56.82 -1.95 -21.87
CA GLN H 6 57.33 -3.28 -22.15
C GLN H 6 58.85 -3.27 -22.15
N SER H 7 59.43 -4.41 -21.78
CA SER H 7 60.88 -4.55 -21.73
C SER H 7 61.23 -6.02 -21.79
N PRO H 8 62.28 -6.42 -22.52
CA PRO H 8 63.16 -5.58 -23.34
C PRO H 8 62.48 -5.10 -24.62
N SER H 9 63.00 -4.03 -25.22
CA SER H 9 62.47 -3.59 -26.51
C SER H 9 62.73 -4.61 -27.60
N SER H 10 63.93 -5.19 -27.63
CA SER H 10 64.31 -6.19 -28.60
C SER H 10 65.04 -7.33 -27.90
N LEU H 11 65.00 -8.51 -28.51
CA LEU H 11 65.59 -9.69 -27.91
C LEU H 11 65.92 -10.69 -29.00
N SER H 12 67.04 -11.39 -28.84
CA SER H 12 67.50 -12.39 -29.77
C SER H 12 67.93 -13.64 -29.01
N ALA H 13 67.52 -14.80 -29.49
CA ALA H 13 67.76 -16.04 -28.77
C ALA H 13 67.91 -17.19 -29.77
N SER H 14 68.48 -18.28 -29.28
CA SER H 14 68.70 -19.48 -30.08
C SER H 14 67.58 -20.50 -29.83
N VAL H 15 67.50 -21.48 -30.72
CA VAL H 15 66.45 -22.49 -30.63
C VAL H 15 66.66 -23.35 -29.40
N GLY H 16 65.59 -23.59 -28.66
CA GLY H 16 65.65 -24.32 -27.41
C GLY H 16 65.95 -23.50 -26.18
N ASP H 17 66.15 -22.19 -26.34
CA ASP H 17 66.45 -21.32 -25.21
C ASP H 17 65.17 -20.87 -24.52
N ARG H 18 65.35 -20.34 -23.30
CA ARG H 18 64.25 -19.84 -22.50
C ARG H 18 64.20 -18.32 -22.62
N VAL H 19 63.05 -17.79 -23.02
CA VAL H 19 62.88 -16.37 -23.32
C VAL H 19 61.81 -15.81 -22.39
N THR H 20 62.12 -14.68 -21.75
CA THR H 20 61.15 -14.03 -20.87
C THR H 20 61.17 -12.52 -21.13
N ILE H 21 59.99 -11.94 -21.36
CA ILE H 21 59.83 -10.51 -21.53
C ILE H 21 58.87 -10.00 -20.47
N THR H 22 58.93 -8.70 -20.20
CA THR H 22 58.26 -8.09 -19.07
C THR H 22 57.40 -6.93 -19.51
N CYS H 23 56.20 -6.82 -18.92
CA CYS H 23 55.32 -5.67 -19.12
C CYS H 23 55.05 -5.02 -17.77
N ARG H 24 54.96 -3.70 -17.76
CA ARG H 24 54.77 -2.93 -16.54
C ARG H 24 53.64 -1.93 -16.72
N ALA H 25 52.77 -1.83 -15.70
CA ALA H 25 51.61 -0.96 -15.73
C ALA H 25 51.78 0.17 -14.73
N SER H 26 51.43 1.39 -15.15
CA SER H 26 51.62 2.56 -14.30
C SER H 26 50.76 2.54 -13.05
N GLN H 27 49.68 1.75 -13.03
CA GLN H 27 48.88 1.61 -11.83
C GLN H 27 48.19 0.24 -11.89
N SER H 28 47.24 0.03 -11.00
CA SER H 28 46.67 -1.28 -10.78
C SER H 28 45.69 -1.65 -11.89
N VAL H 29 45.96 -2.78 -12.55
CA VAL H 29 44.96 -3.53 -13.29
C VAL H 29 44.67 -4.77 -12.46
N SER H 30 43.39 -5.12 -12.33
CA SER H 30 43.06 -6.19 -11.39
C SER H 30 43.70 -7.51 -11.80
N SER H 31 43.21 -8.10 -12.89
CA SER H 31 43.97 -9.18 -13.53
C SER H 31 43.76 -9.17 -15.04
N HIS H 32 43.37 -8.04 -15.63
CA HIS H 32 43.01 -7.97 -17.03
C HIS H 32 44.26 -7.60 -17.83
N LEU H 33 45.09 -8.61 -18.09
CA LEU H 33 46.28 -8.41 -18.90
C LEU H 33 46.41 -9.56 -19.86
N ASN H 34 46.66 -9.24 -21.13
CA ASN H 34 46.58 -10.20 -22.22
C ASN H 34 47.87 -10.13 -23.04
N TRP H 35 48.20 -11.24 -23.69
CA TRP H 35 49.41 -11.34 -24.51
C TRP H 35 49.05 -11.77 -25.92
N TYR H 36 49.58 -11.04 -26.90
CA TYR H 36 49.31 -11.30 -28.32
C TYR H 36 50.62 -11.48 -29.07
N GLN H 37 50.57 -12.20 -30.18
CA GLN H 37 51.70 -12.31 -31.08
C GLN H 37 51.24 -11.99 -32.50
N GLN H 38 52.14 -11.38 -33.27
CA GLN H 38 51.82 -10.94 -34.62
C GLN H 38 52.98 -11.28 -35.55
N LYS H 39 52.75 -12.18 -36.50
CA LYS H 39 53.69 -12.40 -37.58
C LYS H 39 53.67 -11.20 -38.52
N PRO H 40 54.79 -10.91 -39.20
CA PRO H 40 54.84 -9.72 -40.06
C PRO H 40 53.88 -9.86 -41.24
N GLY H 41 52.88 -8.98 -41.30
CA GLY H 41 51.92 -9.00 -42.38
C GLY H 41 50.71 -9.85 -42.10
N LYS H 42 50.24 -9.84 -40.85
CA LYS H 42 49.10 -10.64 -40.44
C LYS H 42 48.42 -9.99 -39.25
N ALA H 43 47.21 -10.43 -38.97
CA ALA H 43 46.49 -9.95 -37.81
C ALA H 43 47.04 -10.57 -36.53
N PRO H 44 46.97 -9.86 -35.40
CA PRO H 44 47.47 -10.42 -34.14
C PRO H 44 46.67 -11.65 -33.73
N LYS H 45 47.17 -12.32 -32.70
CA LYS H 45 46.59 -13.57 -32.25
C LYS H 45 46.76 -13.68 -30.74
N LEU H 46 45.69 -14.08 -30.05
CA LEU H 46 45.74 -14.18 -28.60
C LEU H 46 46.51 -15.42 -28.17
N LEU H 47 47.48 -15.24 -27.29
CA LEU H 47 48.22 -16.33 -26.68
C LEU H 47 47.77 -16.58 -25.24
N ILE H 48 47.91 -15.56 -24.39
CA ILE H 48 47.59 -15.73 -22.95
C ILE H 48 46.57 -14.66 -22.53
N TYR H 49 45.61 -15.02 -21.69
CA TYR H 49 44.63 -14.03 -21.16
C TYR H 49 44.58 -14.15 -19.63
N ALA H 50 43.89 -13.22 -18.96
CA ALA H 50 43.76 -13.25 -17.49
C ALA H 50 45.11 -13.53 -16.82
N VAL H 51 46.17 -12.86 -17.26
CA VAL H 51 47.55 -13.00 -16.67
C VAL H 51 48.16 -14.37 -17.01
N SER H 52 47.54 -15.48 -16.59
CA SER H 52 48.17 -16.82 -16.79
C SER H 52 47.30 -17.75 -17.64
N SER H 53 45.98 -17.53 -17.68
CA SER H 53 45.07 -18.47 -18.40
C SER H 53 45.46 -18.60 -19.89
N LEU H 54 45.77 -19.82 -20.34
CA LEU H 54 46.15 -20.06 -21.75
C LEU H 54 44.89 -20.31 -22.58
N GLN H 55 44.95 -20.02 -23.90
CA GLN H 55 43.80 -20.24 -24.77
C GLN H 55 43.87 -21.68 -25.29
N SER H 56 43.01 -22.02 -26.25
CA SER H 56 42.91 -23.37 -26.80
C SER H 56 43.51 -23.40 -28.20
N GLY H 57 44.26 -24.45 -28.48
CA GLY H 57 44.94 -24.59 -29.76
C GLY H 57 46.32 -24.00 -29.82
N VAL H 58 46.82 -23.43 -28.72
CA VAL H 58 48.13 -22.80 -28.67
C VAL H 58 49.09 -23.77 -27.98
N PRO H 59 50.36 -23.85 -28.41
CA PRO H 59 51.30 -24.75 -27.73
C PRO H 59 51.46 -24.39 -26.26
N SER H 60 51.67 -25.43 -25.44
CA SER H 60 51.73 -25.30 -23.99
C SER H 60 53.07 -24.83 -23.47
N ARG H 61 53.96 -24.34 -24.34
CA ARG H 61 55.25 -23.83 -23.91
C ARG H 61 55.22 -22.35 -23.57
N PHE H 62 54.04 -21.73 -23.61
CA PHE H 62 53.87 -20.33 -23.24
C PHE H 62 53.25 -20.24 -21.85
N SER H 63 53.83 -19.41 -20.99
CA SER H 63 53.31 -19.25 -19.64
C SER H 63 53.49 -17.80 -19.19
N GLY H 64 52.54 -17.32 -18.39
CA GLY H 64 52.61 -15.94 -17.89
C GLY H 64 52.53 -15.87 -16.36
N GLY H 65 53.18 -14.86 -15.75
CA GLY H 65 53.17 -14.72 -14.28
C GLY H 65 52.97 -13.27 -13.85
N ASP H 66 52.92 -13.03 -12.53
CA ASP H 66 52.66 -11.65 -12.01
C ASP H 66 53.41 -11.45 -10.69
N SER H 67 53.81 -10.21 -10.38
CA SER H 67 54.53 -9.89 -9.12
C SER H 67 54.63 -8.37 -8.92
N GLY H 68 53.61 -7.76 -8.31
CA GLY H 68 53.63 -6.31 -8.01
C GLY H 68 53.51 -5.47 -9.27
N THR H 69 52.33 -5.45 -9.90
CA THR H 69 52.11 -4.74 -11.16
C THR H 69 53.23 -4.97 -12.16
N ASP H 70 53.96 -6.08 -12.02
CA ASP H 70 54.95 -6.53 -12.99
C ASP H 70 54.48 -7.87 -13.54
N PHE H 71 54.48 -7.99 -14.86
CA PHE H 71 53.99 -9.18 -15.54
C PHE H 71 55.01 -9.66 -16.53
N THR H 72 55.10 -10.98 -16.69
CA THR H 72 56.11 -11.61 -17.53
C THR H 72 55.47 -12.64 -18.44
N LEU H 73 56.08 -12.83 -19.61
CA LEU H 73 55.70 -13.87 -20.55
C LEU H 73 56.91 -14.74 -20.85
N THR H 74 56.76 -16.05 -20.68
CA THR H 74 57.87 -16.98 -20.76
C THR H 74 57.63 -18.01 -21.85
N ILE H 75 58.67 -18.29 -22.64
CA ILE H 75 58.67 -19.36 -23.62
C ILE H 75 59.65 -20.43 -23.14
N ALA H 76 59.18 -21.67 -23.07
CA ALA H 76 60.00 -22.74 -22.50
C ALA H 76 61.15 -23.12 -23.43
N SER H 77 60.84 -23.59 -24.63
CA SER H 77 61.84 -23.98 -25.61
C SER H 77 61.56 -23.22 -26.89
N LEU H 78 62.45 -22.30 -27.25
CA LEU H 78 62.27 -21.51 -28.45
C LEU H 78 62.23 -22.42 -29.68
N GLN H 79 61.37 -22.08 -30.62
CA GLN H 79 61.14 -22.85 -31.84
C GLN H 79 61.25 -21.93 -33.03
N PRO H 80 61.54 -22.46 -34.22
CA PRO H 80 61.64 -21.59 -35.40
C PRO H 80 60.35 -20.86 -35.74
N GLU H 81 59.21 -21.33 -35.26
CA GLU H 81 57.94 -20.66 -35.50
C GLU H 81 57.61 -19.61 -34.45
N ASP H 82 58.49 -19.40 -33.47
CA ASP H 82 58.25 -18.48 -32.37
C ASP H 82 58.97 -17.14 -32.55
N PHE H 83 59.08 -16.67 -33.78
CA PHE H 83 59.78 -15.41 -34.08
C PHE H 83 58.75 -14.43 -34.60
N ALA H 84 58.31 -13.53 -33.72
CA ALA H 84 57.30 -12.53 -34.05
C ALA H 84 57.39 -11.42 -33.02
N THR H 85 56.41 -10.53 -33.03
CA THR H 85 56.35 -9.42 -32.09
C THR H 85 55.23 -9.67 -31.09
N TYR H 86 55.50 -9.41 -29.82
CA TYR H 86 54.58 -9.74 -28.73
C TYR H 86 54.16 -8.47 -28.02
N TYR H 87 52.85 -8.33 -27.78
CA TYR H 87 52.26 -7.14 -27.18
C TYR H 87 51.49 -7.51 -25.92
N CYS H 88 51.56 -6.64 -24.91
CA CYS H 88 50.72 -6.75 -23.73
C CYS H 88 49.62 -5.69 -23.79
N GLN H 89 48.48 -6.00 -23.18
CA GLN H 89 47.33 -5.10 -23.21
C GLN H 89 46.54 -5.24 -21.92
N GLN H 90 46.07 -4.11 -21.39
CA GLN H 90 45.20 -4.09 -20.23
C GLN H 90 43.78 -3.78 -20.66
N THR H 91 42.82 -4.51 -20.10
CA THR H 91 41.42 -4.40 -20.46
C THR H 91 40.61 -3.99 -19.22
N TYR H 92 41.18 -3.09 -18.42
CA TYR H 92 40.57 -2.68 -17.16
C TYR H 92 39.84 -1.35 -17.29
N THR H 93 40.54 -0.30 -17.72
CA THR H 93 39.95 1.03 -17.82
C THR H 93 39.84 1.45 -19.28
N ILE H 94 39.31 2.64 -19.49
CA ILE H 94 39.24 3.29 -20.78
C ILE H 94 40.20 4.47 -20.76
N PRO H 95 41.09 4.62 -21.76
CA PRO H 95 41.26 3.83 -22.98
C PRO H 95 41.97 2.49 -22.79
N ARG H 96 41.71 1.54 -23.68
CA ARG H 96 42.46 0.30 -23.71
C ARG H 96 43.86 0.57 -24.26
N THR H 97 44.88 0.32 -23.46
CA THR H 97 46.25 0.66 -23.80
C THR H 97 47.08 -0.59 -24.07
N PHE H 98 47.87 -0.55 -25.13
CA PHE H 98 48.75 -1.65 -25.52
C PHE H 98 50.16 -1.38 -25.03
N GLY H 99 51.07 -2.27 -25.41
CA GLY H 99 52.49 -2.06 -25.23
C GLY H 99 53.16 -1.63 -26.52
N GLN H 100 54.44 -1.30 -26.42
CA GLN H 100 55.18 -0.85 -27.58
C GLN H 100 55.73 -1.99 -28.42
N GLY H 101 55.66 -3.22 -27.93
CA GLY H 101 56.04 -4.37 -28.72
C GLY H 101 57.44 -4.86 -28.40
N THR H 102 57.70 -6.10 -28.82
CA THR H 102 59.01 -6.73 -28.63
C THR H 102 59.11 -7.89 -29.59
N LYS H 103 60.01 -7.82 -30.56
CA LYS H 103 60.18 -8.89 -31.53
C LYS H 103 61.42 -9.71 -31.21
N VAL H 104 61.32 -11.01 -31.49
CA VAL H 104 62.35 -11.97 -31.14
C VAL H 104 63.07 -12.40 -32.42
N GLU H 105 64.39 -12.32 -32.41
CA GLU H 105 65.23 -12.66 -33.54
C GLU H 105 66.01 -13.93 -33.24
N ILE H 106 66.56 -14.55 -34.29
CA ILE H 106 67.38 -15.75 -34.18
C ILE H 106 68.85 -15.36 -34.27
N LYS H 107 69.66 -15.93 -33.40
CA LYS H 107 71.09 -15.69 -33.37
C LYS H 107 71.86 -16.78 -34.09
N HIS I 3 -1.28 1.73 -19.17
CA HIS I 3 -1.84 2.19 -17.87
C HIS I 3 -1.87 1.01 -16.89
N HIS I 4 -0.69 0.58 -16.43
CA HIS I 4 -0.61 -0.58 -15.48
C HIS I 4 -0.07 -0.10 -14.14
N HIS I 5 0.79 0.92 -14.13
CA HIS I 5 1.42 1.38 -12.88
C HIS I 5 0.59 2.52 -12.25
N HIS I 6 -0.30 2.16 -11.34
CA HIS I 6 -1.15 3.14 -10.65
C HIS I 6 -0.72 3.22 -9.19
N GLY I 7 -0.69 4.42 -8.64
CA GLY I 7 -0.25 4.58 -7.27
C GLY I 7 -0.77 5.85 -6.65
N CYS I 8 -0.60 5.94 -5.33
CA CYS I 8 -1.00 7.10 -4.56
C CYS I 8 0.10 7.47 -3.59
N SER I 9 0.14 8.76 -3.22
CA SER I 9 1.09 9.26 -2.24
C SER I 9 0.34 9.96 -1.13
N VAL I 10 0.90 9.89 0.08
CA VAL I 10 0.21 10.36 1.28
C VAL I 10 1.09 11.37 1.99
N ASP I 11 0.45 12.25 2.76
CA ASP I 11 1.13 13.22 3.61
C ASP I 11 0.61 13.05 5.03
N PHE I 12 1.52 12.82 5.97
CA PHE I 12 1.15 12.48 7.34
C PHE I 12 0.95 13.70 8.23
N SER I 13 1.19 14.90 7.72
CA SER I 13 0.94 16.12 8.48
C SER I 13 -0.32 16.85 8.04
N LYS I 14 -0.91 16.46 6.91
CA LYS I 14 -2.11 17.09 6.41
C LYS I 14 -3.23 16.10 6.11
N LYS I 15 -2.98 14.80 6.20
CA LYS I 15 -4.01 13.77 6.10
C LYS I 15 -4.75 13.82 4.77
N GLU I 16 -4.01 14.01 3.69
CA GLU I 16 -4.55 14.04 2.33
C GLU I 16 -3.76 13.09 1.44
N THR I 17 -4.31 12.85 0.25
CA THR I 17 -3.78 11.83 -0.64
C THR I 17 -3.98 12.26 -2.08
N ARG I 18 -2.95 12.06 -2.90
CA ARG I 18 -3.01 12.29 -4.34
C ARG I 18 -2.68 11.00 -5.08
N CYS I 19 -3.39 10.74 -6.16
CA CYS I 19 -3.25 9.50 -6.90
C CYS I 19 -3.04 9.80 -8.39
N GLY I 20 -2.65 8.77 -9.13
CA GLY I 20 -2.45 8.92 -10.55
C GLY I 20 -1.63 7.77 -11.11
N THR I 21 -1.18 7.97 -12.35
CA THR I 21 -0.41 7.00 -13.09
C THR I 21 0.97 7.57 -13.39
N GLY I 22 1.99 6.71 -13.41
CA GLY I 22 3.32 7.21 -13.73
C GLY I 22 4.39 6.17 -13.43
N VAL I 23 5.54 6.67 -12.99
CA VAL I 23 6.72 5.87 -12.68
C VAL I 23 7.10 6.12 -11.24
N PHE I 24 7.25 5.04 -10.47
CA PHE I 24 7.51 5.14 -9.04
C PHE I 24 8.84 4.47 -8.71
N VAL I 25 9.72 5.20 -8.06
CA VAL I 25 11.07 4.74 -7.71
C VAL I 25 11.16 4.71 -6.19
N TYR I 26 11.45 3.53 -5.64
CA TYR I 26 11.41 3.32 -4.20
C TYR I 26 12.81 3.25 -3.62
N ASN I 27 12.98 3.78 -2.42
CA ASN I 27 14.23 3.69 -1.67
C ASN I 27 14.28 2.33 -0.99
N ASP I 28 14.94 1.37 -1.63
CA ASP I 28 15.10 0.03 -1.08
C ASP I 28 16.48 -0.19 -0.47
N VAL I 29 17.27 0.87 -0.34
CA VAL I 29 18.67 0.72 0.09
C VAL I 29 18.74 0.26 1.54
N GLU I 30 17.96 0.91 2.42
CA GLU I 30 18.05 0.62 3.84
C GLU I 30 17.61 -0.78 4.21
N ALA I 31 16.92 -1.49 3.31
CA ALA I 31 16.51 -2.87 3.54
C ALA I 31 17.48 -3.85 2.90
N TRP I 32 18.74 -3.81 3.35
CA TRP I 32 19.71 -4.84 3.00
C TRP I 32 19.40 -6.08 3.82
N ARG I 33 18.28 -6.70 3.48
CA ARG I 33 17.61 -7.68 4.31
C ARG I 33 17.79 -9.09 3.76
N ASP I 34 17.83 -10.04 4.68
CA ASP I 34 17.92 -11.46 4.36
C ASP I 34 16.56 -12.09 4.13
N ARG I 35 15.48 -11.31 4.26
CA ARG I 35 14.12 -11.81 4.12
C ARG I 35 13.84 -12.36 2.73
N TYR I 36 14.59 -11.91 1.73
CA TYR I 36 14.32 -12.30 0.35
C TYR I 36 14.54 -13.79 0.19
N LYS I 37 13.86 -14.38 -0.80
CA LYS I 37 14.11 -15.76 -1.19
C LYS I 37 14.57 -15.77 -2.65
N TYR I 38 15.67 -16.45 -2.91
CA TYR I 38 16.39 -16.34 -4.16
C TYR I 38 16.21 -17.61 -4.99
N HIS I 39 16.06 -17.42 -6.30
CA HIS I 39 15.84 -18.52 -7.25
C HIS I 39 16.87 -18.41 -8.37
N PRO I 40 18.09 -18.91 -8.15
CA PRO I 40 19.05 -19.01 -9.27
C PRO I 40 18.53 -19.91 -10.38
N ASP I 41 19.33 -20.06 -11.44
CA ASP I 41 18.87 -20.68 -12.69
C ASP I 41 18.04 -21.94 -12.46
N SER I 42 18.63 -22.94 -11.84
CA SER I 42 17.98 -24.18 -11.44
C SER I 42 18.98 -25.00 -10.64
N PRO I 43 18.54 -25.86 -9.73
CA PRO I 43 19.52 -26.71 -9.01
C PRO I 43 20.40 -27.52 -9.95
N ARG I 44 19.79 -28.26 -10.89
CA ARG I 44 20.57 -29.04 -11.83
C ARG I 44 21.39 -28.15 -12.75
N ARG I 45 20.80 -27.05 -13.23
CA ARG I 45 21.51 -26.16 -14.15
C ARG I 45 22.67 -25.45 -13.46
N LEU I 46 22.45 -24.94 -12.25
CA LEU I 46 23.53 -24.30 -11.52
C LEU I 46 24.62 -25.29 -11.19
N ALA I 47 24.25 -26.53 -10.83
CA ALA I 47 25.24 -27.55 -10.55
C ALA I 47 26.07 -27.86 -11.79
N ALA I 48 25.43 -28.01 -12.94
CA ALA I 48 26.17 -28.28 -14.18
C ALA I 48 27.09 -27.12 -14.55
N ALA I 49 26.62 -25.89 -14.37
CA ALA I 49 27.46 -24.73 -14.66
C ALA I 49 28.68 -24.69 -13.76
N VAL I 50 28.50 -24.92 -12.46
CA VAL I 50 29.63 -24.90 -11.53
C VAL I 50 30.59 -26.04 -11.83
N LYS I 51 30.07 -27.21 -12.18
CA LYS I 51 30.93 -28.33 -12.53
C LYS I 51 31.77 -28.01 -13.76
N GLN I 52 31.15 -27.43 -14.78
CA GLN I 52 31.91 -27.06 -15.98
C GLN I 52 32.95 -25.99 -15.66
N ALA I 53 32.61 -25.05 -14.78
CA ALA I 53 33.58 -24.04 -14.38
C ALA I 53 34.78 -24.67 -13.68
N TRP I 54 34.52 -25.65 -12.79
CA TRP I 54 35.63 -26.35 -12.15
C TRP I 54 36.48 -27.10 -13.16
N GLU I 55 35.84 -27.74 -14.13
CA GLU I 55 36.59 -28.42 -15.18
C GLU I 55 37.34 -27.46 -16.08
N ASP I 56 36.96 -26.18 -16.09
CA ASP I 56 37.63 -25.17 -16.91
C ASP I 56 38.80 -24.49 -16.20
N GLY I 57 38.99 -24.75 -14.91
CA GLY I 57 40.06 -24.11 -14.16
C GLY I 57 39.67 -22.87 -13.38
N ILE I 58 38.37 -22.60 -13.24
CA ILE I 58 37.89 -21.49 -12.42
C ILE I 58 37.62 -22.02 -11.02
N CYS I 59 38.24 -21.41 -10.01
CA CYS I 59 38.21 -21.95 -8.66
C CYS I 59 37.28 -21.20 -7.71
N GLY I 60 36.72 -20.07 -8.13
CA GLY I 60 35.95 -19.28 -7.18
C GLY I 60 35.14 -18.20 -7.85
N ILE I 61 34.56 -17.34 -7.01
CA ILE I 61 33.68 -16.26 -7.46
C ILE I 61 33.92 -15.04 -6.61
N SER I 62 34.02 -13.88 -7.26
CA SER I 62 33.94 -12.58 -6.59
C SER I 62 32.51 -12.09 -6.68
N SER I 63 31.98 -11.57 -5.57
CA SER I 63 30.60 -11.14 -5.51
C SER I 63 30.48 -9.69 -5.98
N VAL I 64 29.51 -9.43 -6.85
N VAL I 64 29.51 -9.43 -6.85
CA VAL I 64 29.28 -8.08 -7.35
CA VAL I 64 29.28 -8.08 -7.35
C VAL I 64 28.75 -7.20 -6.23
C VAL I 64 28.75 -7.20 -6.23
N SER I 65 27.76 -7.70 -5.48
CA SER I 65 27.12 -6.93 -4.42
C SER I 65 26.77 -7.85 -3.26
N ARG I 66 26.16 -7.28 -2.22
CA ARG I 66 25.72 -8.08 -1.08
C ARG I 66 24.58 -9.01 -1.44
N MET I 67 23.75 -8.63 -2.42
CA MET I 67 22.63 -9.47 -2.80
C MET I 67 23.10 -10.82 -3.33
N GLU I 68 24.16 -10.83 -4.14
CA GLU I 68 24.71 -12.08 -4.64
C GLU I 68 25.34 -12.90 -3.53
N ASN I 69 25.97 -12.24 -2.56
CA ASN I 69 26.53 -12.95 -1.41
C ASN I 69 25.45 -13.67 -0.62
N ILE I 70 24.34 -12.96 -0.35
CA ILE I 70 23.24 -13.57 0.38
C ILE I 70 22.59 -14.67 -0.44
N MET I 71 22.54 -14.50 -1.77
CA MET I 71 22.02 -15.56 -2.63
C MET I 71 22.86 -16.82 -2.52
N TRP I 72 24.18 -16.67 -2.55
CA TRP I 72 25.05 -17.83 -2.43
C TRP I 72 24.91 -18.49 -1.07
N ARG I 73 24.81 -17.70 0.00
CA ARG I 73 24.59 -18.27 1.32
C ARG I 73 23.30 -19.06 1.37
N SER I 74 22.23 -18.54 0.75
CA SER I 74 20.95 -19.24 0.79
C SER I 74 20.97 -20.50 -0.07
N VAL I 75 21.81 -20.55 -1.10
CA VAL I 75 21.76 -21.66 -2.04
C VAL I 75 22.75 -22.79 -1.71
N GLU I 76 23.82 -22.50 -0.95
CA GLU I 76 24.98 -23.39 -0.91
C GLU I 76 24.62 -24.81 -0.45
N GLY I 77 23.79 -24.95 0.58
CA GLY I 77 23.52 -26.26 1.12
C GLY I 77 22.83 -27.18 0.13
N GLU I 78 21.74 -26.69 -0.48
CA GLU I 78 21.04 -27.49 -1.48
C GLU I 78 21.91 -27.74 -2.70
N LEU I 79 22.73 -26.76 -3.09
CA LEU I 79 23.63 -26.96 -4.21
C LEU I 79 24.61 -28.09 -3.93
N ASN I 80 25.18 -28.10 -2.73
CA ASN I 80 26.10 -29.17 -2.34
C ASN I 80 25.39 -30.53 -2.34
N ALA I 81 24.16 -30.56 -1.81
CA ALA I 81 23.43 -31.83 -1.76
C ALA I 81 23.16 -32.37 -3.16
N ILE I 82 22.73 -31.51 -4.08
CA ILE I 82 22.44 -32.00 -5.42
C ILE I 82 23.72 -32.35 -6.16
N LEU I 83 24.83 -31.66 -5.87
CA LEU I 83 26.11 -32.06 -6.45
C LEU I 83 26.51 -33.45 -5.98
N GLU I 84 26.32 -33.74 -4.69
CA GLU I 84 26.65 -35.06 -4.16
C GLU I 84 25.75 -36.14 -4.77
N GLU I 85 24.46 -35.83 -4.95
CA GLU I 85 23.53 -36.80 -5.51
C GLU I 85 23.85 -37.18 -6.95
N ASN I 86 24.73 -36.44 -7.61
CA ASN I 86 25.15 -36.76 -8.98
C ASN I 86 26.55 -37.35 -9.04
N GLY I 87 27.17 -37.63 -7.89
CA GLY I 87 28.49 -38.19 -7.88
C GLY I 87 29.59 -37.26 -8.39
N VAL I 88 29.55 -36.00 -7.98
CA VAL I 88 30.57 -35.02 -8.35
C VAL I 88 31.27 -34.57 -7.07
N GLN I 89 32.59 -34.77 -7.02
CA GLN I 89 33.38 -34.49 -5.83
C GLN I 89 33.77 -33.02 -5.82
N LEU I 90 32.82 -32.18 -5.40
CA LEU I 90 33.03 -30.75 -5.36
C LEU I 90 32.13 -30.16 -4.28
N THR I 91 32.63 -29.15 -3.58
CA THR I 91 31.91 -28.53 -2.47
C THR I 91 32.02 -27.02 -2.55
N VAL I 92 30.92 -26.32 -2.28
CA VAL I 92 30.85 -24.88 -2.37
C VAL I 92 30.95 -24.29 -0.97
N VAL I 93 31.91 -23.38 -0.77
CA VAL I 93 32.15 -22.73 0.50
C VAL I 93 31.95 -21.24 0.31
N VAL I 94 31.11 -20.63 1.16
CA VAL I 94 30.73 -19.23 1.04
C VAL I 94 31.20 -18.48 2.29
N GLY I 95 32.00 -17.44 2.08
CA GLY I 95 32.44 -16.56 3.14
C GLY I 95 31.75 -15.22 3.09
N SER I 96 32.38 -14.23 3.71
CA SER I 96 31.83 -12.88 3.78
C SER I 96 32.48 -11.98 2.74
N VAL I 97 31.88 -10.80 2.56
CA VAL I 97 32.37 -9.82 1.60
C VAL I 97 33.30 -8.84 2.29
N LYS I 98 34.28 -8.34 1.54
CA LYS I 98 35.18 -7.30 2.00
C LYS I 98 35.13 -6.15 1.00
N ASN I 99 35.23 -4.93 1.51
CA ASN I 99 35.10 -3.79 0.62
C ASN I 99 36.47 -3.17 0.33
N PRO I 100 36.70 -2.65 -0.88
CA PRO I 100 35.81 -2.66 -2.04
C PRO I 100 35.76 -4.02 -2.73
N MET I 101 34.65 -4.30 -3.41
CA MET I 101 34.42 -5.59 -4.05
C MET I 101 35.12 -5.58 -5.40
N TRP I 102 36.35 -6.09 -5.42
CA TRP I 102 37.17 -6.03 -6.62
C TRP I 102 36.61 -6.93 -7.72
N ARG I 103 37.04 -6.66 -8.95
CA ARG I 103 36.47 -7.24 -10.15
C ARG I 103 37.33 -8.40 -10.65
N GLY I 104 36.67 -9.50 -11.01
CA GLY I 104 37.34 -10.65 -11.54
C GLY I 104 37.24 -10.74 -13.05
N PRO I 105 38.20 -11.37 -13.69
CA PRO I 105 38.22 -11.43 -15.16
C PRO I 105 37.51 -12.62 -15.80
N GLN I 106 37.00 -13.58 -15.04
CA GLN I 106 36.39 -14.78 -15.61
C GLN I 106 34.87 -14.72 -15.53
N ARG I 107 34.22 -15.58 -16.32
CA ARG I 107 32.76 -15.66 -16.35
C ARG I 107 32.33 -17.11 -16.34
N LEU I 108 31.21 -17.38 -15.68
CA LEU I 108 30.67 -18.73 -15.62
C LEU I 108 30.13 -19.15 -16.99
N PRO I 109 30.17 -20.44 -17.30
CA PRO I 109 29.65 -20.92 -18.59
C PRO I 109 28.18 -21.30 -18.49
N VAL I 110 27.58 -21.44 -19.68
CA VAL I 110 26.19 -21.91 -19.79
C VAL I 110 26.23 -23.32 -20.34
N PRO I 111 26.00 -24.35 -19.52
CA PRO I 111 26.11 -25.73 -20.01
C PRO I 111 25.03 -26.06 -21.01
N VAL I 112 25.39 -26.92 -21.96
CA VAL I 112 24.42 -27.41 -22.93
C VAL I 112 23.34 -28.24 -22.24
N ASN I 113 23.76 -29.13 -21.33
CA ASN I 113 22.84 -29.99 -20.59
C ASN I 113 23.15 -29.90 -19.11
N GLU I 114 22.12 -30.10 -18.28
CA GLU I 114 22.26 -30.08 -16.84
C GLU I 114 22.40 -31.50 -16.31
N LEU I 115 22.63 -31.61 -15.01
CA LEU I 115 22.78 -32.91 -14.37
C LEU I 115 21.41 -33.59 -14.24
N PRO I 116 21.23 -34.79 -14.78
CA PRO I 116 19.89 -35.40 -14.77
C PRO I 116 19.57 -36.18 -13.49
N HIS I 117 19.89 -35.61 -12.33
CA HIS I 117 19.55 -36.24 -11.05
C HIS I 117 19.35 -35.15 -10.02
N GLY I 118 18.12 -34.95 -9.58
CA GLY I 118 17.88 -34.03 -8.47
C GLY I 118 16.50 -33.41 -8.54
N TRP I 119 16.39 -32.26 -7.89
CA TRP I 119 15.14 -31.56 -7.68
C TRP I 119 14.70 -30.80 -8.92
N LYS I 120 13.68 -29.96 -8.78
CA LYS I 120 13.25 -29.06 -9.83
C LYS I 120 12.94 -27.66 -9.32
N ALA I 121 13.00 -27.41 -8.01
CA ALA I 121 12.72 -26.11 -7.44
C ALA I 121 13.67 -25.86 -6.28
N TRP I 122 13.95 -24.58 -6.03
CA TRP I 122 14.94 -24.23 -5.04
C TRP I 122 14.41 -24.39 -3.62
N GLY I 123 13.15 -24.04 -3.39
CA GLY I 123 12.56 -24.21 -2.08
C GLY I 123 11.96 -25.57 -1.85
N LYS I 124 12.11 -26.50 -2.79
CA LYS I 124 11.46 -27.81 -2.72
C LYS I 124 11.92 -28.59 -1.51
N SER I 125 13.19 -29.00 -1.49
CA SER I 125 13.68 -29.80 -0.38
C SER I 125 15.21 -29.89 -0.34
N TYR I 126 15.79 -29.56 0.81
CA TYR I 126 17.19 -29.86 1.12
C TYR I 126 17.17 -30.75 2.37
N PHE I 127 17.23 -32.06 2.17
CA PHE I 127 17.01 -33.00 3.25
C PHE I 127 18.31 -33.48 3.91
N VAL I 128 19.17 -34.13 3.15
CA VAL I 128 20.36 -34.78 3.69
C VAL I 128 21.56 -33.87 3.44
N ARG I 129 22.25 -33.50 4.52
CA ARG I 129 23.42 -32.65 4.42
C ARG I 129 24.56 -33.40 3.73
N ALA I 130 25.33 -32.65 2.95
CA ALA I 130 26.48 -33.20 2.25
C ALA I 130 27.69 -33.27 3.18
N ALA I 131 28.71 -33.99 2.73
CA ALA I 131 29.97 -34.12 3.44
C ALA I 131 31.07 -33.36 2.73
N LYS I 132 32.08 -32.94 3.49
CA LYS I 132 33.17 -32.15 2.93
C LYS I 132 33.94 -32.98 1.91
N THR I 133 34.48 -32.29 0.90
CA THR I 133 35.18 -32.93 -0.21
C THR I 133 36.51 -32.25 -0.42
N ASN I 134 37.44 -32.97 -1.07
CA ASN I 134 38.77 -32.42 -1.32
C ASN I 134 38.67 -31.14 -2.14
N ASN I 135 37.88 -31.15 -3.21
CA ASN I 135 37.78 -30.02 -4.12
C ASN I 135 36.76 -29.03 -3.59
N SER I 136 37.17 -27.78 -3.37
CA SER I 136 36.30 -26.74 -2.87
C SER I 136 36.20 -25.63 -3.89
N PHE I 137 34.96 -25.30 -4.28
CA PHE I 137 34.67 -24.17 -5.16
C PHE I 137 34.24 -23.03 -4.26
N VAL I 138 35.18 -22.15 -3.93
CA VAL I 138 35.02 -21.21 -2.83
C VAL I 138 34.44 -19.89 -3.36
N VAL I 139 33.31 -19.48 -2.77
CA VAL I 139 32.74 -18.17 -3.02
C VAL I 139 33.53 -17.19 -2.15
N ASP I 140 33.36 -15.89 -2.38
CA ASP I 140 34.29 -14.88 -1.88
C ASP I 140 34.51 -15.00 -0.38
N GLY I 141 35.70 -14.59 0.05
CA GLY I 141 36.11 -14.69 1.43
C GLY I 141 37.62 -14.52 1.52
N ASP I 142 38.15 -14.90 2.67
CA ASP I 142 39.60 -14.83 2.89
C ASP I 142 40.28 -16.09 2.33
N THR I 143 40.17 -16.24 1.01
CA THR I 143 40.71 -17.40 0.31
C THR I 143 41.49 -16.99 -0.93
N LEU I 144 42.14 -15.82 -0.88
CA LEU I 144 42.90 -15.33 -2.03
C LEU I 144 44.18 -16.11 -2.26
N LYS I 145 44.56 -17.00 -1.34
CA LYS I 145 45.77 -17.79 -1.48
C LYS I 145 45.51 -19.10 -2.22
N GLU I 146 44.44 -19.81 -1.85
CA GLU I 146 44.07 -21.03 -2.53
C GLU I 146 43.34 -20.78 -3.84
N CYS I 147 42.87 -19.55 -4.08
CA CYS I 147 42.18 -19.20 -5.32
C CYS I 147 42.42 -17.73 -5.58
N PRO I 148 43.38 -17.40 -6.46
CA PRO I 148 43.66 -15.99 -6.74
C PRO I 148 42.55 -15.34 -7.55
N LEU I 149 42.58 -14.01 -7.60
CA LEU I 149 41.54 -13.26 -8.29
C LEU I 149 41.51 -13.55 -9.78
N LYS I 150 42.66 -13.94 -10.36
CA LYS I 150 42.71 -14.14 -11.81
C LYS I 150 42.00 -15.41 -12.25
N HIS I 151 41.66 -16.31 -11.33
CA HIS I 151 40.92 -17.52 -11.64
C HIS I 151 39.51 -17.48 -11.07
N ARG I 152 38.98 -16.28 -10.85
CA ARG I 152 37.81 -16.07 -10.01
C ARG I 152 36.78 -15.28 -10.81
N ALA I 153 35.57 -15.81 -10.93
CA ALA I 153 34.54 -15.23 -11.78
C ALA I 153 33.86 -14.05 -11.09
N TRP I 154 33.11 -13.29 -11.89
CA TRP I 154 32.52 -12.04 -11.42
C TRP I 154 31.43 -11.61 -12.39
N ASN I 155 30.29 -11.19 -11.83
CA ASN I 155 29.15 -10.64 -12.60
C ASN I 155 28.65 -11.62 -13.65
N SER I 156 28.13 -12.75 -13.18
CA SER I 156 27.68 -13.81 -14.07
C SER I 156 26.17 -14.01 -14.08
N PHE I 157 25.41 -13.24 -13.31
CA PHE I 157 23.98 -13.48 -13.16
C PHE I 157 23.17 -12.31 -13.69
N LEU I 158 21.97 -12.63 -14.18
CA LEU I 158 21.06 -11.67 -14.78
C LEU I 158 19.71 -11.78 -14.11
N VAL I 159 19.28 -10.71 -13.44
CA VAL I 159 18.00 -10.72 -12.75
C VAL I 159 16.88 -10.69 -13.77
N GLU I 160 15.91 -11.59 -13.60
CA GLU I 160 14.79 -11.72 -14.53
C GLU I 160 13.51 -11.07 -14.01
N ASP I 161 13.17 -11.27 -12.75
CA ASP I 161 11.98 -10.70 -12.17
C ASP I 161 12.20 -10.44 -10.70
N HIS I 162 11.64 -9.34 -10.20
CA HIS I 162 11.70 -8.97 -8.79
C HIS I 162 10.27 -8.91 -8.28
N GLY I 163 9.76 -10.07 -7.87
CA GLY I 163 8.38 -10.15 -7.41
C GLY I 163 8.19 -9.55 -6.03
N PHE I 164 6.95 -9.14 -5.77
CA PHE I 164 6.55 -8.58 -4.48
C PHE I 164 5.26 -9.27 -4.05
N GLY I 165 5.39 -10.29 -3.20
CA GLY I 165 4.24 -11.03 -2.72
C GLY I 165 3.68 -10.44 -1.44
N VAL I 166 2.65 -11.12 -0.92
CA VAL I 166 1.97 -10.63 0.28
C VAL I 166 2.88 -10.73 1.50
N PHE I 167 3.54 -11.87 1.68
CA PHE I 167 4.36 -12.12 2.85
C PHE I 167 5.85 -12.13 2.58
N HIS I 168 6.27 -12.39 1.34
CA HIS I 168 7.68 -12.40 1.00
C HIS I 168 7.85 -11.88 -0.41
N THR I 169 9.08 -11.47 -0.73
CA THR I 169 9.44 -11.03 -2.07
C THR I 169 10.57 -11.92 -2.59
N SER I 170 10.43 -12.36 -3.84
CA SER I 170 11.31 -13.35 -4.43
C SER I 170 12.07 -12.77 -5.61
N VAL I 171 13.27 -13.29 -5.84
CA VAL I 171 14.18 -12.80 -6.86
C VAL I 171 14.54 -13.96 -7.79
N TRP I 172 14.44 -13.73 -9.10
CA TRP I 172 14.68 -14.75 -10.10
C TRP I 172 15.93 -14.41 -10.90
N LEU I 173 16.78 -15.40 -11.13
CA LEU I 173 18.09 -15.20 -11.72
C LEU I 173 18.27 -16.13 -12.91
N LYS I 174 19.23 -15.77 -13.76
CA LYS I 174 19.75 -16.65 -14.80
C LYS I 174 21.25 -16.42 -14.92
N VAL I 175 21.89 -17.23 -15.75
CA VAL I 175 23.32 -17.10 -16.03
C VAL I 175 23.47 -16.41 -17.37
N ARG I 176 24.32 -15.38 -17.41
CA ARG I 176 24.45 -14.55 -18.61
C ARG I 176 25.01 -15.36 -19.77
N GLU I 177 24.36 -15.22 -20.93
CA GLU I 177 24.87 -15.83 -22.15
C GLU I 177 26.14 -15.12 -22.63
N ASP I 178 26.20 -13.80 -22.48
CA ASP I 178 27.23 -12.98 -23.09
C ASP I 178 27.98 -12.19 -22.02
N TYR I 179 29.15 -11.71 -22.41
CA TYR I 179 29.99 -10.91 -21.51
C TYR I 179 29.36 -9.56 -21.24
N SER I 180 29.63 -9.01 -20.05
CA SER I 180 29.12 -7.70 -19.69
C SER I 180 30.01 -7.07 -18.63
N LEU I 181 30.05 -5.73 -18.67
CA LEU I 181 30.78 -4.94 -17.69
C LEU I 181 29.89 -4.05 -16.84
N GLU I 182 28.64 -3.84 -17.22
CA GLU I 182 27.78 -2.86 -16.56
C GLU I 182 27.02 -3.50 -15.40
N CYS I 183 26.54 -2.63 -14.53
CA CYS I 183 25.68 -3.06 -13.44
C CYS I 183 24.33 -3.49 -13.99
N ASP I 184 23.68 -4.42 -13.30
CA ASP I 184 22.43 -4.99 -13.82
C ASP I 184 21.35 -3.92 -13.89
N PRO I 185 20.78 -3.66 -15.07
CA PRO I 185 19.83 -2.55 -15.21
C PRO I 185 18.43 -2.83 -14.70
N ALA I 186 18.11 -4.09 -14.40
CA ALA I 186 16.75 -4.43 -13.98
C ALA I 186 16.39 -3.87 -12.62
N VAL I 187 17.38 -3.42 -11.83
CA VAL I 187 17.13 -2.94 -10.48
C VAL I 187 17.62 -1.51 -10.28
N ILE I 188 17.77 -0.75 -11.36
CA ILE I 188 18.26 0.63 -11.29
C ILE I 188 17.09 1.57 -11.55
N GLY I 189 16.95 2.58 -10.71
CA GLY I 189 15.93 3.60 -10.88
C GLY I 189 16.45 5.01 -10.71
N THR I 190 16.30 5.82 -11.75
CA THR I 190 16.77 7.20 -11.76
C THR I 190 15.61 8.13 -12.05
N ALA I 191 15.54 9.25 -11.34
CA ALA I 191 14.45 10.19 -11.52
C ALA I 191 14.90 11.60 -11.15
N VAL I 192 14.35 12.58 -11.86
CA VAL I 192 14.56 13.99 -11.56
C VAL I 192 13.22 14.72 -11.73
N LYS I 193 12.95 15.66 -10.83
CA LYS I 193 11.74 16.46 -10.93
C LYS I 193 12.02 17.80 -10.27
N GLY I 194 12.06 18.86 -11.07
CA GLY I 194 12.31 20.19 -10.55
C GLY I 194 13.77 20.46 -10.27
N LYS I 195 14.12 20.66 -8.99
CA LYS I 195 15.48 20.96 -8.58
C LYS I 195 16.11 19.83 -7.78
N GLU I 196 15.57 18.61 -7.87
CA GLU I 196 16.08 17.48 -7.11
C GLU I 196 16.12 16.24 -8.00
N ALA I 197 17.15 15.42 -7.82
CA ALA I 197 17.33 14.23 -8.63
C ALA I 197 17.88 13.10 -7.77
N VAL I 198 17.71 11.87 -8.25
CA VAL I 198 18.17 10.67 -7.54
C VAL I 198 18.70 9.66 -8.55
N HIS I 199 19.89 9.12 -8.28
CA HIS I 199 20.39 7.91 -8.92
C HIS I 199 20.42 6.81 -7.88
N SER I 200 19.84 5.65 -8.19
CA SER I 200 19.72 4.62 -7.17
C SER I 200 19.66 3.23 -7.78
N ASP I 201 20.06 2.26 -6.97
CA ASP I 201 19.83 0.83 -7.23
C ASP I 201 19.69 0.15 -5.87
N LEU I 202 19.87 -1.17 -5.83
CA LEU I 202 19.63 -1.92 -4.60
C LEU I 202 20.59 -1.54 -3.48
N GLY I 203 21.73 -0.95 -3.78
CA GLY I 203 22.69 -0.63 -2.74
C GLY I 203 23.14 0.81 -2.69
N TYR I 204 22.80 1.59 -3.71
CA TYR I 204 23.19 2.98 -3.82
C TYR I 204 21.96 3.88 -3.75
N TRP I 205 22.10 5.03 -3.10
CA TRP I 205 21.04 6.06 -3.12
C TRP I 205 21.75 7.41 -3.12
N ILE I 206 21.82 8.03 -4.30
CA ILE I 206 22.63 9.22 -4.52
C ILE I 206 21.69 10.38 -4.85
N GLU I 207 21.83 11.49 -4.13
CA GLU I 207 20.94 12.63 -4.24
C GLU I 207 21.67 13.85 -4.77
N SER I 208 20.95 14.66 -5.53
CA SER I 208 21.50 15.88 -6.12
C SER I 208 20.52 17.03 -5.93
N GLU I 209 21.05 18.25 -6.01
CA GLU I 209 20.25 19.45 -5.82
C GLU I 209 20.70 20.51 -6.82
N LYS I 210 19.81 21.44 -7.10
CA LYS I 210 20.09 22.56 -7.99
C LYS I 210 20.27 23.82 -7.16
N ASN I 211 21.53 24.14 -6.90
CA ASN I 211 21.96 25.45 -6.44
C ASN I 211 22.26 26.29 -7.68
N ASP I 212 23.06 27.34 -7.56
CA ASP I 212 23.61 28.01 -8.74
C ASP I 212 24.05 26.99 -9.79
N THR I 213 24.56 25.85 -9.35
CA THR I 213 24.96 24.76 -10.22
C THR I 213 24.41 23.45 -9.67
N TRP I 214 24.09 22.51 -10.56
CA TRP I 214 23.79 21.15 -10.13
C TRP I 214 25.01 20.53 -9.46
N ARG I 215 24.78 19.82 -8.35
CA ARG I 215 25.90 19.28 -7.59
C ARG I 215 25.42 18.09 -6.77
N LEU I 216 26.39 17.33 -6.28
CA LEU I 216 26.11 16.25 -5.34
C LEU I 216 25.69 16.83 -4.00
N LYS I 217 24.65 16.23 -3.41
CA LYS I 217 24.12 16.68 -2.13
C LYS I 217 24.43 15.72 -1.00
N ARG I 218 24.07 14.45 -1.14
CA ARG I 218 24.44 13.42 -0.18
C ARG I 218 24.28 12.07 -0.83
N ALA I 219 25.00 11.09 -0.31
CA ALA I 219 24.93 9.73 -0.80
C ALA I 219 24.85 8.77 0.39
N HIS I 220 24.24 7.61 0.16
CA HIS I 220 24.14 6.56 1.16
C HIS I 220 24.52 5.26 0.48
N LEU I 221 25.70 4.73 0.83
CA LEU I 221 26.21 3.51 0.24
C LEU I 221 26.30 2.43 1.30
N ILE I 222 25.77 1.25 0.99
CA ILE I 222 25.90 0.09 1.86
C ILE I 222 26.88 -0.92 1.27
N GLU I 223 27.57 -0.56 0.20
CA GLU I 223 28.55 -1.40 -0.46
C GLU I 223 29.35 -0.52 -1.41
N MET I 224 30.51 -1.01 -1.83
CA MET I 224 31.32 -0.36 -2.86
C MET I 224 31.61 -1.39 -3.95
N LYS I 225 30.70 -1.45 -4.90
CA LYS I 225 30.83 -2.33 -6.06
C LYS I 225 31.70 -1.68 -7.12
N THR I 226 32.17 -2.50 -8.07
CA THR I 226 33.11 -2.04 -9.08
C THR I 226 32.61 -2.27 -10.51
N CYS I 227 31.30 -2.45 -10.68
CA CYS I 227 30.72 -2.48 -12.02
C CYS I 227 30.57 -1.07 -12.55
N GLU I 228 30.09 -0.95 -13.79
CA GLU I 228 29.92 0.35 -14.44
C GLU I 228 28.45 0.71 -14.48
N TRP I 229 28.13 1.92 -14.04
CA TRP I 229 26.77 2.41 -14.11
C TRP I 229 26.38 2.59 -15.57
N PRO I 230 25.30 1.99 -16.04
CA PRO I 230 24.91 2.12 -17.45
C PRO I 230 24.64 3.57 -17.81
N LYS I 231 25.05 3.95 -19.03
CA LYS I 231 24.80 5.30 -19.51
C LYS I 231 23.34 5.53 -19.85
N SER I 232 22.57 4.47 -20.08
CA SER I 232 21.15 4.63 -20.38
C SER I 232 20.35 5.01 -19.14
N HIS I 233 20.86 4.73 -17.95
CA HIS I 233 20.19 5.06 -16.69
C HIS I 233 20.87 6.22 -15.98
N THR I 234 21.42 7.17 -16.74
CA THR I 234 22.17 8.30 -16.19
C THR I 234 21.69 9.59 -16.84
N LEU I 235 21.59 10.66 -16.04
CA LEU I 235 21.20 11.97 -16.53
C LEU I 235 22.43 12.81 -16.84
N TRP I 236 22.41 13.49 -17.98
CA TRP I 236 23.42 14.49 -18.36
C TRP I 236 24.82 13.86 -18.41
N THR I 237 25.00 12.97 -19.38
CA THR I 237 26.22 12.18 -19.50
C THR I 237 27.20 12.74 -20.53
N ASP I 238 27.19 14.04 -20.79
CA ASP I 238 28.10 14.61 -21.77
C ASP I 238 28.79 15.85 -21.21
N GLY I 239 29.97 16.13 -21.74
CA GLY I 239 30.73 17.28 -21.28
C GLY I 239 31.27 17.16 -19.88
N ILE I 240 31.37 15.94 -19.36
CA ILE I 240 31.83 15.70 -18.00
C ILE I 240 33.10 14.87 -18.06
N GLU I 241 34.10 15.25 -17.26
CA GLU I 241 35.36 14.56 -17.22
C GLU I 241 35.37 13.56 -16.07
N GLU I 242 35.97 12.39 -16.32
CA GLU I 242 36.04 11.34 -15.31
C GLU I 242 36.81 11.77 -14.07
N SER I 243 37.63 12.80 -14.17
CA SER I 243 38.43 13.29 -13.05
C SER I 243 37.66 14.25 -12.15
N ASP I 244 36.41 14.56 -12.47
CA ASP I 244 35.60 15.46 -11.65
C ASP I 244 34.58 14.74 -10.79
N LEU I 245 34.35 13.46 -11.01
CA LEU I 245 33.30 12.74 -10.31
C LEU I 245 33.71 12.50 -8.86
N ILE I 246 32.85 12.90 -7.92
CA ILE I 246 33.15 12.69 -6.50
C ILE I 246 33.29 11.21 -6.19
N ILE I 247 32.31 10.41 -6.61
CA ILE I 247 32.40 8.95 -6.52
C ILE I 247 33.09 8.45 -7.78
N PRO I 248 34.24 7.79 -7.68
CA PRO I 248 35.00 7.43 -8.88
C PRO I 248 34.23 6.51 -9.81
N LYS I 249 34.53 6.62 -11.10
CA LYS I 249 33.87 5.79 -12.10
C LYS I 249 34.15 4.31 -11.86
N SER I 250 35.30 3.99 -11.30
CA SER I 250 35.63 2.59 -11.01
C SER I 250 34.74 2.03 -9.92
N LEU I 251 34.21 2.87 -9.04
CA LEU I 251 33.36 2.46 -7.94
C LEU I 251 31.88 2.54 -8.28
N ALA I 252 31.52 2.34 -9.55
CA ALA I 252 30.14 2.37 -10.02
C ALA I 252 29.46 3.71 -9.75
N GLY I 253 30.23 4.80 -9.82
CA GLY I 253 29.65 6.12 -9.75
C GLY I 253 29.17 6.57 -11.11
N PRO I 254 27.96 7.13 -11.17
CA PRO I 254 27.44 7.58 -12.47
C PRO I 254 28.32 8.66 -13.09
N LEU I 255 28.50 8.55 -14.40
CA LEU I 255 29.28 9.53 -15.17
C LEU I 255 28.35 10.67 -15.55
N SER I 256 28.10 11.55 -14.59
CA SER I 256 27.03 12.53 -14.66
C SER I 256 27.48 13.85 -14.06
N HIS I 257 26.90 14.94 -14.53
CA HIS I 257 27.10 16.23 -13.90
C HIS I 257 26.48 16.30 -12.52
N HIS I 258 25.55 15.40 -12.21
CA HIS I 258 24.96 15.31 -10.88
C HIS I 258 25.89 14.67 -9.87
N ASN I 259 27.05 14.19 -10.29
CA ASN I 259 28.02 13.51 -9.44
C ASN I 259 29.27 14.37 -9.24
N THR I 260 29.09 15.68 -9.08
CA THR I 260 30.19 16.62 -8.97
C THR I 260 29.96 17.55 -7.79
N ARG I 261 30.99 18.33 -7.47
CA ARG I 261 30.94 19.38 -6.47
C ARG I 261 32.06 20.36 -6.77
N GLU I 262 31.76 21.65 -6.71
CA GLU I 262 32.73 22.66 -7.09
C GLU I 262 33.86 22.73 -6.07
N GLY I 263 35.10 22.72 -6.57
CA GLY I 263 36.26 22.79 -5.72
C GLY I 263 36.82 21.45 -5.28
N TYR I 264 36.12 20.35 -5.55
CA TYR I 264 36.59 19.03 -5.21
C TYR I 264 36.78 18.22 -6.49
N ARG I 265 37.68 17.25 -6.43
CA ARG I 265 37.94 16.36 -7.55
C ARG I 265 37.63 14.92 -7.11
N THR I 266 37.99 13.96 -7.96
CA THR I 266 37.63 12.58 -7.70
C THR I 266 38.34 12.05 -6.45
N GLN I 267 37.58 11.34 -5.62
CA GLN I 267 38.09 10.82 -4.34
C GLN I 267 38.59 9.39 -4.52
N MET I 268 39.69 9.29 -5.26
CA MET I 268 40.30 7.99 -5.49
C MET I 268 40.84 7.36 -4.22
N LYS I 269 41.10 8.18 -3.19
CA LYS I 269 41.73 7.72 -1.95
C LYS I 269 40.84 8.00 -0.74
N GLY I 270 39.56 7.68 -0.86
CA GLY I 270 38.64 7.80 0.25
C GLY I 270 38.62 6.55 1.09
N PRO I 271 37.87 6.55 2.18
CA PRO I 271 37.82 5.38 3.08
C PRO I 271 36.89 4.30 2.54
N TRP I 272 37.30 3.66 1.45
CA TRP I 272 36.48 2.68 0.78
C TRP I 272 36.57 1.29 1.40
N HIS I 273 37.16 1.17 2.60
CA HIS I 273 37.26 -0.10 3.28
C HIS I 273 36.10 -0.35 4.24
N SER I 274 35.23 0.63 4.44
CA SER I 274 34.14 0.50 5.39
C SER I 274 33.09 -0.47 4.87
N GLU I 275 32.20 -0.89 5.77
CA GLU I 275 31.06 -1.71 5.38
C GLU I 275 29.86 -0.88 4.93
N GLU I 276 29.77 0.36 5.39
CA GLU I 276 28.66 1.25 5.09
C GLU I 276 29.06 2.69 5.43
N LEU I 277 28.93 3.59 4.46
CA LEU I 277 29.27 4.98 4.71
C LEU I 277 28.25 5.88 4.02
N GLU I 278 28.20 7.13 4.48
CA GLU I 278 27.33 8.15 3.93
C GLU I 278 28.13 9.42 3.71
N ILE I 279 27.97 10.02 2.54
CA ILE I 279 28.70 11.23 2.18
C ILE I 279 27.86 12.45 2.57
N ARG I 280 28.43 13.31 3.41
CA ARG I 280 27.77 14.52 3.84
C ARG I 280 28.69 15.70 3.61
N PHE I 281 28.10 16.88 3.46
CA PHE I 281 28.87 18.11 3.30
C PHE I 281 28.63 18.98 4.53
N GLU I 282 29.41 18.73 5.58
CA GLU I 282 29.46 19.52 6.79
C GLU I 282 30.70 19.09 7.56
N GLU I 283 31.04 19.89 8.57
CA GLU I 283 32.19 19.57 9.41
C GLU I 283 31.86 18.42 10.36
N CYS I 284 32.90 17.66 10.72
CA CYS I 284 32.74 16.59 11.68
C CYS I 284 32.48 17.16 13.07
N PRO I 285 31.90 16.35 13.97
CA PRO I 285 31.57 16.86 15.31
C PRO I 285 32.81 17.38 16.03
N GLY I 286 32.70 18.60 16.54
CA GLY I 286 33.81 19.24 17.24
C GLY I 286 35.03 19.50 16.39
N THR I 287 34.84 19.95 15.14
CA THR I 287 35.93 20.28 14.24
C THR I 287 35.58 21.56 13.50
N LYS I 288 36.55 22.10 12.77
CA LYS I 288 36.35 23.35 12.05
C LYS I 288 37.49 23.54 11.05
N VAL I 289 37.16 24.07 9.88
CA VAL I 289 38.06 24.09 8.72
C VAL I 289 38.21 25.52 8.22
N HIS I 290 39.39 25.85 7.72
CA HIS I 290 39.68 27.16 7.14
C HIS I 290 39.97 27.05 5.66
N VAL I 291 39.59 28.09 4.93
CA VAL I 291 39.91 28.23 3.51
C VAL I 291 41.10 29.19 3.44
N GLU I 292 42.30 28.63 3.49
CA GLU I 292 43.54 29.40 3.41
C GLU I 292 44.47 28.74 2.41
N GLU I 293 45.17 29.57 1.62
CA GLU I 293 45.98 29.06 0.52
C GLU I 293 47.17 28.26 1.00
N THR I 294 47.67 28.55 2.21
CA THR I 294 48.92 27.98 2.69
C THR I 294 48.78 26.57 3.26
N CYS I 295 47.69 25.86 2.95
CA CYS I 295 47.52 24.50 3.44
C CYS I 295 48.34 23.53 2.58
N GLY I 296 48.24 22.24 2.91
CA GLY I 296 49.05 21.24 2.24
C GLY I 296 48.36 20.61 1.03
N THR I 297 49.14 19.80 0.32
CA THR I 297 48.67 19.14 -0.89
C THR I 297 47.73 17.98 -0.56
N ARG I 298 46.74 17.78 -1.41
CA ARG I 298 45.74 16.74 -1.20
C ARG I 298 46.39 15.35 -1.26
N GLY I 299 45.84 14.43 -0.48
CA GLY I 299 46.33 13.08 -0.41
C GLY I 299 45.31 12.15 0.22
N PRO I 300 45.78 11.06 0.84
CA PRO I 300 44.85 10.10 1.44
C PRO I 300 43.97 10.74 2.51
N SER I 301 42.76 10.21 2.63
CA SER I 301 41.79 10.75 3.57
C SER I 301 42.17 10.40 5.01
N LEU I 302 41.90 11.32 5.93
CA LEU I 302 42.30 11.18 7.33
C LEU I 302 41.09 11.22 8.24
N ARG I 303 41.06 10.32 9.22
CA ARG I 303 40.00 10.33 10.23
C ARG I 303 40.21 11.50 11.18
N SER I 304 39.10 12.03 11.68
CA SER I 304 39.13 13.21 12.56
C SER I 304 39.48 12.87 14.00
N THR I 305 39.57 11.60 14.36
CA THR I 305 39.94 11.18 15.70
C THR I 305 41.17 10.30 15.63
N THR I 306 42.13 10.55 16.52
CA THR I 306 43.32 9.74 16.62
C THR I 306 42.96 8.37 17.18
N ALA I 307 43.82 7.37 16.93
CA ALA I 307 43.57 6.03 17.43
C ALA I 307 43.41 6.01 18.94
N SER I 308 43.99 6.98 19.64
CA SER I 308 43.79 7.11 21.08
C SER I 308 42.41 7.63 21.44
N GLY I 309 41.66 8.15 20.47
CA GLY I 309 40.36 8.71 20.73
C GLY I 309 40.32 10.21 20.88
N ARG I 310 41.41 10.92 20.57
CA ARG I 310 41.45 12.36 20.67
C ARG I 310 41.05 13.00 19.35
N VAL I 311 40.22 14.03 19.43
CA VAL I 311 39.76 14.75 18.24
C VAL I 311 40.77 15.83 17.89
N ILE I 312 40.69 16.32 16.65
CA ILE I 312 41.53 17.41 16.16
C ILE I 312 40.60 18.56 15.80
N GLU I 313 40.98 19.78 16.20
CA GLU I 313 40.15 20.96 16.02
C GLU I 313 40.69 21.91 14.96
N GLU I 314 41.73 21.52 14.24
CA GLU I 314 42.36 22.40 13.25
C GLU I 314 42.45 21.69 11.92
N TRP I 315 41.86 22.29 10.88
CA TRP I 315 41.88 21.73 9.54
C TRP I 315 41.92 22.88 8.54
N CYS I 316 42.57 22.62 7.40
CA CYS I 316 42.69 23.62 6.35
C CYS I 316 42.47 22.99 5.00
N CYS I 317 42.09 23.83 4.03
CA CYS I 317 42.01 23.44 2.64
C CYS I 317 42.46 24.62 1.78
N ARG I 318 42.98 24.30 0.59
CA ARG I 318 43.50 25.32 -0.30
C ARG I 318 42.40 25.94 -1.17
N GLU I 319 41.60 25.11 -1.83
CA GLU I 319 40.61 25.58 -2.79
C GLU I 319 39.21 25.04 -2.55
N CYS I 320 39.00 24.30 -1.46
CA CYS I 320 37.69 23.71 -1.22
C CYS I 320 36.65 24.79 -0.94
N THR I 321 35.39 24.37 -0.98
CA THR I 321 34.26 25.27 -0.74
C THR I 321 33.49 24.79 0.48
N MET I 322 33.20 25.71 1.39
CA MET I 322 32.38 25.39 2.54
C MET I 322 30.95 25.05 2.12
N PRO I 323 30.31 24.05 2.73
CA PRO I 323 30.81 23.15 3.78
C PRO I 323 31.76 22.07 3.26
N PRO I 324 32.59 21.52 4.15
CA PRO I 324 33.57 20.53 3.74
C PRO I 324 32.97 19.16 3.46
N LEU I 325 33.69 18.38 2.66
CA LEU I 325 33.31 17.00 2.32
C LEU I 325 33.74 16.07 3.45
N SER I 326 32.78 15.36 4.03
CA SER I 326 33.08 14.46 5.14
C SER I 326 32.34 13.14 4.98
N PHE I 327 33.02 12.05 5.31
CA PHE I 327 32.44 10.71 5.27
C PHE I 327 32.01 10.30 6.67
N ARG I 328 31.04 9.39 6.73
CA ARG I 328 30.47 8.93 8.00
C ARG I 328 30.38 7.41 8.00
N ALA I 329 31.36 6.74 8.59
CA ALA I 329 31.29 5.32 8.85
C ALA I 329 30.98 5.10 10.33
N LYS I 330 30.86 3.82 10.72
CA LYS I 330 30.71 3.50 12.13
C LYS I 330 31.97 3.78 12.92
N ASP I 331 33.13 3.84 12.25
CA ASP I 331 34.40 4.08 12.91
C ASP I 331 34.64 5.54 13.25
N GLY I 332 33.86 6.46 12.67
CA GLY I 332 34.04 7.86 12.97
C GLY I 332 33.57 8.79 11.87
N CYS I 333 34.39 9.79 11.55
CA CYS I 333 34.00 10.84 10.60
C CYS I 333 35.26 11.28 9.86
N TRP I 334 35.50 10.67 8.70
CA TRP I 334 36.68 11.01 7.91
C TRP I 334 36.47 12.31 7.16
N TYR I 335 37.56 12.83 6.60
CA TYR I 335 37.54 14.05 5.80
C TYR I 335 37.88 13.72 4.35
N GLY I 336 37.68 14.71 3.48
CA GLY I 336 38.03 14.56 2.09
C GLY I 336 39.53 14.68 1.85
N MET I 337 39.94 14.29 0.65
CA MET I 337 41.35 14.31 0.31
C MET I 337 41.92 15.72 0.33
N GLU I 338 41.08 16.73 0.13
CA GLU I 338 41.55 18.10 0.02
C GLU I 338 41.94 18.71 1.37
N ILE I 339 41.29 18.29 2.45
CA ILE I 339 41.36 18.96 3.73
C ILE I 339 42.44 18.29 4.59
N ARG I 340 43.35 19.09 5.13
CA ARG I 340 44.52 18.63 5.85
C ARG I 340 44.62 19.31 7.20
N PRO I 341 45.27 18.66 8.18
CA PRO I 341 45.43 19.28 9.51
C PRO I 341 46.21 20.58 9.42
N ARG I 342 45.79 21.55 10.24
CA ARG I 342 46.34 22.89 10.16
C ARG I 342 47.63 23.05 10.96
N LYS I 343 47.65 22.56 12.19
CA LYS I 343 48.79 22.72 13.09
C LYS I 343 49.50 21.41 13.40
N GLU I 344 48.75 20.33 13.63
CA GLU I 344 49.35 19.08 14.07
C GLU I 344 49.99 18.34 12.90
N PRO I 345 51.00 17.51 13.17
CA PRO I 345 51.54 16.64 12.13
C PRO I 345 50.52 15.61 11.68
N GLU I 346 50.55 15.30 10.39
CA GLU I 346 49.61 14.33 9.82
C GLU I 346 49.98 12.89 10.09
N SER I 347 51.20 12.63 10.57
CA SER I 347 51.62 11.28 10.91
C SER I 347 51.03 10.79 12.23
N ASN I 348 50.39 11.68 13.00
CA ASN I 348 49.73 11.27 14.24
C ASN I 348 48.33 10.72 14.01
N LEU I 349 47.83 10.78 12.77
CA LEU I 349 46.45 10.42 12.45
C LEU I 349 46.42 9.19 11.57
N VAL I 350 45.30 8.49 11.62
CA VAL I 350 45.08 7.29 10.82
C VAL I 350 44.52 7.70 9.46
N ARG I 351 44.95 7.00 8.42
CA ARG I 351 44.65 7.37 7.03
C ARG I 351 44.04 6.17 6.32
N SER I 352 43.69 6.39 5.05
CA SER I 352 43.13 5.35 4.20
C SER I 352 44.23 4.71 3.37
N MET I 353 44.33 3.39 3.43
CA MET I 353 45.33 2.65 2.68
C MET I 353 44.79 2.03 1.40
N VAL I 354 43.55 2.33 1.03
CA VAL I 354 42.95 1.84 -0.21
C VAL I 354 42.90 2.98 -1.21
N THR I 355 42.90 2.60 -2.49
CA THR I 355 42.75 3.55 -3.58
C THR I 355 41.83 2.96 -4.63
N ALA I 356 41.16 3.84 -5.39
CA ALA I 356 40.30 3.40 -6.46
C ALA I 356 41.00 3.54 -7.81
N HIS J 5 6.76 11.65 -0.62
CA HIS J 5 7.81 10.72 -0.11
C HIS J 5 7.21 9.33 0.13
N HIS J 6 6.26 9.23 1.07
CA HIS J 6 5.61 7.93 1.37
C HIS J 6 4.46 7.68 0.38
N GLY J 7 4.29 6.43 -0.06
CA GLY J 7 3.22 6.12 -0.98
C GLY J 7 3.12 4.63 -1.23
N CYS J 8 2.13 4.26 -2.04
CA CYS J 8 1.87 2.88 -2.40
C CYS J 8 1.42 2.82 -3.86
N SER J 9 1.61 1.65 -4.48
CA SER J 9 1.30 1.51 -5.90
C SER J 9 0.89 0.08 -6.22
N VAL J 10 0.27 -0.09 -7.39
CA VAL J 10 -0.18 -1.39 -7.88
C VAL J 10 0.35 -1.59 -9.29
N ASP J 11 0.70 -2.84 -9.61
CA ASP J 11 1.15 -3.24 -10.94
C ASP J 11 0.15 -4.24 -11.50
N PHE J 12 -0.62 -3.83 -12.48
CA PHE J 12 -1.72 -4.66 -12.98
C PHE J 12 -1.24 -5.81 -13.84
N SER J 13 -0.08 -5.67 -14.50
CA SER J 13 0.42 -6.76 -15.34
C SER J 13 0.98 -7.90 -14.51
N LYS J 14 1.75 -7.58 -13.48
CA LYS J 14 2.33 -8.60 -12.62
C LYS J 14 1.45 -8.99 -11.45
N LYS J 15 0.37 -8.25 -11.20
CA LYS J 15 -0.55 -8.50 -10.09
C LYS J 15 0.17 -8.49 -8.75
N GLU J 16 0.71 -7.31 -8.41
CA GLU J 16 1.38 -7.12 -7.14
C GLU J 16 1.19 -5.69 -6.67
N THR J 17 1.23 -5.50 -5.35
CA THR J 17 1.12 -4.20 -4.72
C THR J 17 2.26 -4.05 -3.72
N ARG J 18 2.60 -2.80 -3.40
CA ARG J 18 3.68 -2.56 -2.46
C ARG J 18 3.57 -1.13 -1.93
N CYS J 19 4.30 -0.88 -0.84
CA CYS J 19 4.33 0.42 -0.19
C CYS J 19 5.77 0.75 0.17
N GLY J 20 6.00 2.02 0.47
CA GLY J 20 7.32 2.46 0.88
C GLY J 20 7.51 3.94 0.61
N THR J 21 8.76 4.36 0.73
CA THR J 21 9.16 5.75 0.53
C THR J 21 10.08 5.85 -0.68
N GLY J 22 10.03 7.01 -1.35
CA GLY J 22 10.85 7.19 -2.53
C GLY J 22 10.53 8.41 -3.37
N VAL J 23 10.50 8.22 -4.69
CA VAL J 23 10.34 9.29 -5.67
C VAL J 23 9.32 8.87 -6.71
N PHE J 24 8.26 9.67 -6.88
CA PHE J 24 7.16 9.33 -7.77
C PHE J 24 6.96 10.44 -8.79
N VAL J 25 6.81 10.05 -10.06
CA VAL J 25 6.60 10.96 -11.17
C VAL J 25 5.26 10.61 -11.79
N TYR J 26 4.34 11.58 -11.85
CA TYR J 26 2.97 11.35 -12.27
C TYR J 26 2.73 11.89 -13.67
N ASN J 27 1.69 11.37 -14.30
CA ASN J 27 1.29 11.78 -15.65
C ASN J 27 0.27 12.92 -15.53
N ASP J 28 0.70 14.14 -15.84
CA ASP J 28 -0.15 15.32 -15.77
C ASP J 28 -0.57 15.82 -17.15
N VAL J 29 -0.63 14.91 -18.13
CA VAL J 29 -0.95 15.29 -19.49
C VAL J 29 -2.41 14.98 -19.79
N ASP J 34 -8.24 22.83 -14.07
CA ASP J 34 -7.01 22.05 -14.00
C ASP J 34 -6.67 21.75 -12.54
N ARG J 35 -5.78 20.77 -12.32
CA ARG J 35 -5.41 20.40 -10.97
C ARG J 35 -4.65 21.53 -10.27
N TYR J 36 -3.90 22.33 -11.02
CA TYR J 36 -3.05 23.36 -10.44
C TYR J 36 -3.57 24.75 -10.79
N LYS J 37 -2.99 25.74 -10.11
CA LYS J 37 -3.48 27.12 -10.07
C LYS J 37 -2.33 28.04 -10.46
N TYR J 38 -2.38 28.55 -11.69
CA TYR J 38 -1.30 29.30 -12.30
C TYR J 38 -1.68 30.77 -12.40
N HIS J 39 -1.03 31.61 -11.61
CA HIS J 39 -1.19 33.06 -11.69
C HIS J 39 0.11 33.73 -11.26
N PRO J 40 0.39 34.93 -11.75
CA PRO J 40 1.65 35.60 -11.42
C PRO J 40 1.67 36.09 -9.98
N ASP J 41 2.86 36.49 -9.54
CA ASP J 41 3.05 36.89 -8.15
C ASP J 41 2.29 38.16 -7.82
N SER J 42 2.44 39.20 -8.63
CA SER J 42 1.81 40.48 -8.34
C SER J 42 1.17 41.08 -9.59
N PRO J 43 -0.12 41.40 -9.55
CA PRO J 43 -0.73 42.08 -10.70
C PRO J 43 -0.12 43.44 -10.99
N ARG J 44 0.29 44.18 -9.98
CA ARG J 44 0.86 45.51 -10.21
C ARG J 44 2.23 45.42 -10.86
N ARG J 45 3.05 44.45 -10.45
CA ARG J 45 4.33 44.25 -11.11
C ARG J 45 4.16 43.87 -12.57
N LEU J 46 3.19 42.98 -12.85
CA LEU J 46 2.95 42.59 -14.23
C LEU J 46 2.44 43.76 -15.06
N ALA J 47 1.58 44.59 -14.48
CA ALA J 47 1.10 45.77 -15.20
C ALA J 47 2.23 46.74 -15.50
N ALA J 48 3.11 46.97 -14.52
CA ALA J 48 4.25 47.86 -14.75
C ALA J 48 5.18 47.29 -15.82
N ALA J 49 5.42 45.98 -15.78
CA ALA J 49 6.28 45.35 -16.78
C ALA J 49 5.69 45.46 -18.17
N VAL J 50 4.37 45.24 -18.29
CA VAL J 50 3.71 45.37 -19.59
C VAL J 50 3.81 46.79 -20.10
N LYS J 51 3.58 47.78 -19.22
CA LYS J 51 3.67 49.17 -19.66
C LYS J 51 5.08 49.53 -20.11
N GLN J 52 6.10 49.12 -19.34
CA GLN J 52 7.47 49.43 -19.71
C GLN J 52 7.86 48.74 -21.00
N ALA J 53 7.39 47.52 -21.22
CA ALA J 53 7.64 46.84 -22.49
C ALA J 53 6.97 47.57 -23.64
N TRP J 54 5.75 48.05 -23.43
CA TRP J 54 5.04 48.78 -24.48
C TRP J 54 5.78 50.07 -24.84
N GLU J 55 6.31 50.78 -23.83
CA GLU J 55 6.99 52.04 -24.10
C GLU J 55 8.28 51.83 -24.88
N ASP J 56 8.81 50.62 -24.91
CA ASP J 56 10.10 50.32 -25.51
C ASP J 56 9.97 49.51 -26.80
N GLY J 57 8.80 49.52 -27.41
CA GLY J 57 8.59 48.94 -28.73
C GLY J 57 8.08 47.52 -28.74
N ILE J 58 8.12 46.81 -27.62
CA ILE J 58 7.62 45.45 -27.55
C ILE J 58 6.09 45.49 -27.52
N CYS J 59 5.46 44.82 -28.48
CA CYS J 59 4.03 44.97 -28.71
C CYS J 59 3.19 43.74 -28.40
N GLY J 60 3.74 42.53 -28.50
CA GLY J 60 2.97 41.32 -28.30
C GLY J 60 3.72 40.30 -27.45
N ILE J 61 3.04 39.18 -27.22
CA ILE J 61 3.60 38.04 -26.51
C ILE J 61 3.21 36.76 -27.22
N SER J 62 4.18 35.89 -27.46
N SER J 62 4.18 35.89 -27.44
CA SER J 62 3.93 34.55 -27.99
CA SER J 62 3.97 34.55 -27.98
C SER J 62 4.15 33.55 -26.88
C SER J 62 4.16 33.54 -26.85
N SER J 63 3.12 32.75 -26.59
CA SER J 63 3.17 31.84 -25.46
C SER J 63 4.09 30.65 -25.74
N VAL J 64 4.81 30.21 -24.70
CA VAL J 64 5.61 29.00 -24.81
C VAL J 64 4.72 27.76 -24.79
N SER J 65 3.68 27.77 -23.97
CA SER J 65 2.85 26.59 -23.77
C SER J 65 1.41 27.03 -23.55
N ARG J 66 0.52 26.03 -23.36
CA ARG J 66 -0.87 26.33 -23.08
C ARG J 66 -1.07 26.85 -21.67
N MET J 67 -0.19 26.47 -20.74
CA MET J 67 -0.32 26.93 -19.36
C MET J 67 -0.21 28.45 -19.29
N GLU J 68 0.75 29.03 -20.00
CA GLU J 68 0.91 30.48 -20.00
C GLU J 68 -0.30 31.17 -20.62
N ASN J 69 -0.86 30.59 -21.69
CA ASN J 69 -2.04 31.17 -22.31
C ASN J 69 -3.23 31.16 -21.36
N ILE J 70 -3.43 30.06 -20.64
CA ILE J 70 -4.51 29.99 -19.65
C ILE J 70 -4.28 31.01 -18.55
N MET J 71 -3.03 31.16 -18.09
CA MET J 71 -2.73 32.15 -17.06
C MET J 71 -3.04 33.56 -17.53
N TRP J 72 -2.69 33.88 -18.78
CA TRP J 72 -2.98 35.20 -19.32
C TRP J 72 -4.48 35.44 -19.41
N ARG J 73 -5.24 34.44 -19.86
CA ARG J 73 -6.70 34.60 -19.90
C ARG J 73 -7.26 34.84 -18.52
N SER J 74 -6.73 34.14 -17.52
CA SER J 74 -7.22 34.32 -16.15
C SER J 74 -6.91 35.73 -15.62
N VAL J 75 -5.76 36.29 -16.00
CA VAL J 75 -5.32 37.54 -15.36
C VAL J 75 -5.66 38.79 -16.15
N GLU J 76 -6.12 38.67 -17.40
CA GLU J 76 -6.21 39.84 -18.28
C GLU J 76 -7.18 40.91 -17.76
N GLY J 77 -8.33 40.50 -17.22
CA GLY J 77 -9.31 41.47 -16.78
C GLY J 77 -8.79 42.34 -15.65
N GLU J 78 -8.21 41.72 -14.64
CA GLU J 78 -7.61 42.48 -13.55
C GLU J 78 -6.44 43.33 -14.03
N LEU J 79 -5.65 42.79 -14.97
CA LEU J 79 -4.53 43.58 -15.50
C LEU J 79 -5.04 44.84 -16.17
N ASN J 80 -6.11 44.74 -16.94
CA ASN J 80 -6.69 45.92 -17.58
C ASN J 80 -7.27 46.87 -16.55
N ALA J 81 -7.83 46.34 -15.46
CA ALA J 81 -8.33 47.20 -14.39
C ALA J 81 -7.19 48.02 -13.78
N ILE J 82 -6.05 47.39 -13.49
CA ILE J 82 -4.91 48.13 -12.95
C ILE J 82 -4.39 49.14 -13.97
N LEU J 83 -4.35 48.75 -15.24
CA LEU J 83 -3.83 49.65 -16.27
C LEU J 83 -4.71 50.89 -16.43
N GLU J 84 -6.02 50.72 -16.38
CA GLU J 84 -6.95 51.84 -16.53
C GLU J 84 -7.04 52.68 -15.27
N GLU J 85 -6.84 52.09 -14.09
CA GLU J 85 -6.89 52.85 -12.86
C GLU J 85 -5.71 53.82 -12.74
N ASN J 86 -4.60 53.52 -13.39
CA ASN J 86 -3.36 54.26 -13.20
C ASN J 86 -3.13 55.34 -14.25
N GLY J 87 -4.09 55.57 -15.14
CA GLY J 87 -3.92 56.57 -16.16
C GLY J 87 -3.14 56.11 -17.38
N VAL J 88 -3.13 54.82 -17.65
CA VAL J 88 -2.44 54.25 -18.81
C VAL J 88 -3.50 53.75 -19.79
N GLN J 89 -3.38 54.16 -21.05
CA GLN J 89 -4.34 53.78 -22.09
C GLN J 89 -3.78 52.60 -22.87
N LEU J 90 -3.85 51.43 -22.25
CA LEU J 90 -3.34 50.20 -22.84
C LEU J 90 -4.32 49.06 -22.61
N THR J 91 -4.48 48.22 -23.61
CA THR J 91 -5.41 47.09 -23.57
C THR J 91 -4.64 45.80 -23.79
N VAL J 92 -5.01 44.76 -23.04
CA VAL J 92 -4.44 43.43 -23.19
C VAL J 92 -5.49 42.54 -23.84
N VAL J 93 -5.16 41.97 -24.99
CA VAL J 93 -6.07 41.10 -25.74
C VAL J 93 -5.42 39.72 -25.85
N VAL J 94 -6.18 38.69 -25.48
CA VAL J 94 -5.69 37.32 -25.43
C VAL J 94 -6.49 36.49 -26.43
N GLY J 95 -5.79 35.80 -27.32
CA GLY J 95 -6.44 34.98 -28.33
C GLY J 95 -6.15 33.50 -28.20
N SER J 96 -6.49 32.73 -29.21
CA SER J 96 -6.30 31.28 -29.17
C SER J 96 -4.86 30.90 -29.51
N VAL J 97 -4.53 29.63 -29.28
CA VAL J 97 -3.19 29.10 -29.45
C VAL J 97 -3.15 28.26 -30.71
N LYS J 98 -2.21 28.59 -31.60
CA LYS J 98 -2.05 27.90 -32.88
C LYS J 98 -0.72 27.15 -32.86
N ASN J 99 -0.77 25.83 -32.92
CA ASN J 99 0.45 25.03 -32.93
C ASN J 99 1.13 25.12 -34.29
N PRO J 100 2.48 25.07 -34.31
CA PRO J 100 3.37 25.09 -33.16
C PRO J 100 3.64 26.50 -32.63
N MET J 101 3.90 26.63 -31.34
CA MET J 101 4.16 27.94 -30.74
C MET J 101 5.56 28.39 -31.12
N TRP J 102 5.65 29.25 -32.14
CA TRP J 102 6.95 29.71 -32.62
C TRP J 102 7.61 30.62 -31.59
N ARG J 103 8.93 30.75 -31.71
CA ARG J 103 9.77 31.41 -30.73
C ARG J 103 10.00 32.87 -31.10
N GLY J 104 9.82 33.76 -30.14
CA GLY J 104 10.05 35.17 -30.36
C GLY J 104 11.39 35.62 -29.80
N PRO J 105 11.95 36.69 -30.38
CA PRO J 105 13.29 37.13 -29.98
C PRO J 105 13.35 38.14 -28.84
N GLN J 106 12.23 38.68 -28.39
CA GLN J 106 12.22 39.71 -27.37
C GLN J 106 11.92 39.12 -26.00
N ARG J 107 12.08 39.96 -24.97
CA ARG J 107 11.85 39.56 -23.59
C ARG J 107 11.22 40.71 -22.82
N LEU J 108 10.34 40.37 -21.88
CA LEU J 108 9.77 41.38 -21.01
C LEU J 108 10.84 41.93 -20.07
N PRO J 109 10.75 43.21 -19.71
CA PRO J 109 11.70 43.78 -18.76
C PRO J 109 11.23 43.67 -17.33
N VAL J 110 12.16 43.89 -16.40
CA VAL J 110 11.86 43.90 -14.97
C VAL J 110 11.73 45.36 -14.55
N PRO J 111 10.55 45.80 -14.12
CA PRO J 111 10.40 47.19 -13.68
C PRO J 111 11.09 47.42 -12.34
N VAL J 112 11.78 48.57 -12.24
CA VAL J 112 12.43 48.92 -10.98
C VAL J 112 11.38 49.28 -9.93
N ASN J 113 10.27 49.88 -10.33
CA ASN J 113 9.21 50.27 -9.41
C ASN J 113 7.87 49.79 -9.96
N GLU J 114 6.98 49.43 -9.05
CA GLU J 114 5.64 49.02 -9.41
C GLU J 114 4.71 50.24 -9.47
N LEU J 115 3.50 50.01 -9.95
CA LEU J 115 2.55 51.11 -10.12
C LEU J 115 2.14 51.65 -8.76
N PRO J 116 1.98 52.98 -8.64
CA PRO J 116 1.66 53.56 -7.32
C PRO J 116 0.33 53.11 -6.76
N HIS J 117 -0.68 52.87 -7.59
CA HIS J 117 -2.00 52.50 -7.13
C HIS J 117 -2.35 51.09 -7.60
N GLY J 118 -3.22 50.43 -6.85
CA GLY J 118 -3.69 49.10 -7.17
C GLY J 118 -3.64 48.20 -5.96
N TRP J 119 -4.06 46.95 -6.18
CA TRP J 119 -4.13 45.94 -5.14
C TRP J 119 -3.44 44.67 -5.62
N LYS J 120 -2.75 43.98 -4.70
CA LYS J 120 -2.00 42.75 -5.08
C LYS J 120 -2.88 41.52 -4.81
N ALA J 121 -4.17 41.73 -4.50
CA ALA J 121 -5.09 40.59 -4.27
C ALA J 121 -5.16 39.74 -5.54
N TRP J 122 -4.87 38.44 -5.42
CA TRP J 122 -4.86 37.53 -6.61
C TRP J 122 -6.12 37.74 -7.45
N GLY J 123 -7.30 37.65 -6.83
CA GLY J 123 -8.57 37.84 -7.56
C GLY J 123 -9.14 39.23 -7.35
N LYS J 124 -9.76 39.80 -8.39
CA LYS J 124 -10.37 41.16 -8.28
C LYS J 124 -11.87 41.03 -8.02
N SER J 125 -12.31 41.38 -6.80
CA SER J 125 -13.77 41.35 -6.49
C SER J 125 -14.49 42.40 -7.34
N TYR J 126 -13.87 43.57 -7.54
CA TYR J 126 -14.46 44.62 -8.39
C TYR J 126 -14.42 44.17 -9.86
N PHE J 127 -15.59 43.93 -10.46
CA PHE J 127 -15.66 43.49 -11.87
C PHE J 127 -15.87 44.71 -12.78
N VAL J 128 -15.28 45.85 -12.41
CA VAL J 128 -15.40 47.09 -13.23
C VAL J 128 -14.52 46.93 -14.47
N ARG J 129 -15.15 46.72 -15.64
CA ARG J 129 -14.38 46.57 -16.87
C ARG J 129 -13.97 47.92 -17.41
N ALA J 130 -12.76 47.99 -17.96
CA ALA J 130 -12.26 49.20 -18.55
C ALA J 130 -12.77 49.34 -19.99
N ALA J 131 -12.80 50.58 -20.47
CA ALA J 131 -13.19 50.82 -21.85
C ALA J 131 -12.09 50.37 -22.81
N LYS J 132 -12.51 49.78 -23.93
CA LYS J 132 -11.55 49.38 -24.95
C LYS J 132 -10.79 50.58 -25.47
N THR J 133 -9.48 50.42 -25.59
CA THR J 133 -8.58 51.49 -25.99
C THR J 133 -8.00 51.20 -27.36
N ASN J 134 -7.64 52.27 -28.08
CA ASN J 134 -7.08 52.14 -29.42
C ASN J 134 -5.66 51.56 -29.43
N ASN J 135 -5.01 51.43 -28.27
CA ASN J 135 -3.71 50.80 -28.17
C ASN J 135 -3.89 49.40 -27.61
N SER J 136 -3.41 48.40 -28.35
CA SER J 136 -3.65 47.00 -28.01
C SER J 136 -2.32 46.27 -27.80
N PHE J 137 -2.23 45.55 -26.70
CA PHE J 137 -1.09 44.70 -26.36
C PHE J 137 -1.55 43.25 -26.51
N VAL J 138 -1.39 42.70 -27.70
CA VAL J 138 -2.02 41.42 -28.02
C VAL J 138 -1.17 40.27 -27.51
N VAL J 139 -1.85 39.24 -27.01
CA VAL J 139 -1.24 37.97 -26.73
C VAL J 139 -1.58 37.03 -27.89
N ASP J 140 -0.90 35.89 -27.94
CA ASP J 140 -0.89 35.01 -29.12
C ASP J 140 -2.28 34.84 -29.73
N GLY J 141 -2.32 34.91 -31.05
CA GLY J 141 -3.57 34.76 -31.78
C GLY J 141 -3.33 35.00 -33.25
N ASP J 142 -4.40 35.24 -33.99
CA ASP J 142 -4.30 35.59 -35.40
C ASP J 142 -4.06 37.08 -35.58
N THR J 143 -3.04 37.60 -34.92
CA THR J 143 -2.71 39.02 -34.92
C THR J 143 -1.27 39.24 -35.34
N LEU J 144 -0.81 38.49 -36.34
CA LEU J 144 0.56 38.62 -36.82
C LEU J 144 0.80 39.88 -37.63
N LYS J 145 -0.24 40.63 -37.97
CA LYS J 145 -0.08 41.86 -38.73
C LYS J 145 -0.20 43.12 -37.89
N GLU J 146 -0.87 43.05 -36.73
CA GLU J 146 -0.80 44.14 -35.77
C GLU J 146 0.54 44.16 -35.07
N CYS J 147 1.08 42.97 -34.77
CA CYS J 147 2.33 42.83 -34.01
C CYS J 147 3.05 41.61 -34.56
N PRO J 148 4.03 41.82 -35.45
CA PRO J 148 4.73 40.68 -36.05
C PRO J 148 5.65 40.00 -35.03
N LEU J 149 6.16 38.83 -35.45
CA LEU J 149 6.94 38.00 -34.52
C LEU J 149 8.21 38.70 -34.04
N LYS J 150 8.77 39.59 -34.84
CA LYS J 150 10.03 40.21 -34.47
C LYS J 150 9.90 41.23 -33.34
N HIS J 151 8.68 41.58 -32.93
CA HIS J 151 8.47 42.48 -31.81
C HIS J 151 7.71 41.80 -30.67
N ARG J 152 7.75 40.48 -30.60
CA ARG J 152 7.01 39.71 -29.61
C ARG J 152 7.95 39.12 -28.57
N ALA J 153 7.53 39.19 -27.31
CA ALA J 153 8.28 38.59 -26.22
C ALA J 153 7.95 37.10 -26.11
N TRP J 154 8.87 36.36 -25.47
CA TRP J 154 8.75 34.91 -25.42
C TRP J 154 9.57 34.39 -24.26
N ASN J 155 9.01 33.44 -23.51
CA ASN J 155 9.70 32.77 -22.40
C ASN J 155 10.21 33.78 -21.38
N SER J 156 9.32 34.67 -20.94
CA SER J 156 9.68 35.75 -20.04
C SER J 156 9.40 35.44 -18.57
N PHE J 157 8.72 34.35 -18.28
CA PHE J 157 8.31 34.02 -16.92
C PHE J 157 9.13 32.86 -16.37
N LEU J 158 9.37 32.92 -15.06
CA LEU J 158 10.07 31.87 -14.33
C LEU J 158 9.11 31.25 -13.33
N VAL J 159 8.89 29.95 -13.45
CA VAL J 159 8.06 29.24 -12.48
C VAL J 159 8.86 29.11 -11.19
N GLU J 160 8.54 29.93 -10.19
CA GLU J 160 9.37 30.04 -9.00
C GLU J 160 9.00 29.05 -7.93
N ASP J 161 8.38 27.92 -8.31
CA ASP J 161 8.13 26.80 -7.41
C ASP J 161 8.76 25.55 -8.00
N HIS J 162 9.32 24.71 -7.13
CA HIS J 162 10.08 23.54 -7.57
C HIS J 162 9.89 22.39 -6.58
N GLY J 163 10.61 21.29 -6.84
CA GLY J 163 10.80 20.23 -5.89
C GLY J 163 10.09 18.95 -6.27
N PHE J 164 10.28 17.94 -5.41
CA PHE J 164 9.56 16.68 -5.49
C PHE J 164 8.21 16.74 -4.79
N GLY J 165 7.88 17.86 -4.15
CA GLY J 165 6.61 17.96 -3.45
C GLY J 165 5.43 17.94 -4.41
N VAL J 166 4.29 17.48 -3.91
CA VAL J 166 3.18 17.21 -4.81
C VAL J 166 1.88 17.79 -4.26
N PHE J 167 1.87 18.21 -3.00
CA PHE J 167 0.68 18.80 -2.38
C PHE J 167 0.90 20.29 -2.19
N HIS J 168 0.69 21.05 -3.26
CA HIS J 168 0.66 22.50 -3.14
C HIS J 168 -0.51 23.15 -3.86
N THR J 169 -0.90 22.65 -5.03
CA THR J 169 -2.08 23.10 -5.77
C THR J 169 -2.03 24.57 -6.18
N SER J 170 -0.93 25.26 -5.90
CA SER J 170 -0.80 26.67 -6.21
C SER J 170 0.58 26.92 -6.79
N VAL J 171 0.64 27.45 -8.01
CA VAL J 171 1.90 27.70 -8.72
C VAL J 171 2.01 29.19 -8.98
N TRP J 172 3.15 29.77 -8.62
CA TRP J 172 3.40 31.19 -8.78
C TRP J 172 4.44 31.42 -9.87
N LEU J 173 4.29 32.53 -10.60
CA LEU J 173 5.19 32.89 -11.68
C LEU J 173 5.64 34.33 -11.50
N LYS J 174 6.84 34.64 -11.99
CA LYS J 174 7.33 36.01 -11.99
C LYS J 174 8.18 36.24 -13.23
N VAL J 175 8.33 37.52 -13.58
CA VAL J 175 9.16 37.91 -14.71
C VAL J 175 10.62 37.69 -14.34
N ARG J 176 11.34 36.98 -15.20
CA ARG J 176 12.72 36.64 -14.90
C ARG J 176 13.67 37.78 -15.27
N GLU J 177 14.85 37.75 -14.65
CA GLU J 177 15.84 38.79 -14.83
C GLU J 177 16.90 38.45 -15.88
N ASP J 178 17.05 37.17 -16.23
CA ASP J 178 18.10 36.72 -17.13
C ASP J 178 17.50 36.03 -18.34
N TYR J 179 18.15 36.22 -19.49
CA TYR J 179 17.71 35.57 -20.72
C TYR J 179 17.90 34.07 -20.64
N SER J 180 16.96 33.33 -21.22
CA SER J 180 17.01 31.87 -21.18
C SER J 180 16.38 31.30 -22.45
N LEU J 181 16.80 30.09 -22.79
CA LEU J 181 16.37 29.40 -23.99
C LEU J 181 15.66 28.09 -23.74
N GLU J 182 15.79 27.51 -22.55
CA GLU J 182 15.32 26.17 -22.29
C GLU J 182 13.90 26.17 -21.73
N CYS J 183 13.26 25.00 -21.82
CA CYS J 183 11.97 24.81 -21.19
C CYS J 183 12.16 24.84 -19.67
N ASP J 184 11.21 25.42 -18.96
CA ASP J 184 11.36 25.60 -17.52
C ASP J 184 11.43 24.26 -16.82
N PRO J 185 12.48 23.98 -16.05
CA PRO J 185 12.63 22.66 -15.44
C PRO J 185 11.82 22.44 -14.17
N ALA J 186 11.02 23.42 -13.75
CA ALA J 186 10.22 23.26 -12.54
C ALA J 186 9.11 22.24 -12.72
N VAL J 187 8.65 22.04 -13.95
CA VAL J 187 7.52 21.16 -14.24
C VAL J 187 7.95 19.92 -15.01
N ILE J 188 9.24 19.69 -15.15
CA ILE J 188 9.77 18.57 -15.93
C ILE J 188 10.06 17.41 -14.98
N GLY J 189 9.61 16.21 -15.34
CA GLY J 189 9.97 15.03 -14.61
C GLY J 189 10.29 13.85 -15.50
N THR J 190 11.50 13.31 -15.40
CA THR J 190 11.91 12.14 -16.16
C THR J 190 12.29 11.02 -15.20
N ALA J 191 12.03 9.78 -15.59
CA ALA J 191 12.30 8.65 -14.73
C ALA J 191 12.50 7.40 -15.55
N VAL J 192 13.44 6.56 -15.13
CA VAL J 192 13.68 5.26 -15.73
C VAL J 192 13.66 4.22 -14.62
N LYS J 193 13.05 3.06 -14.89
CA LYS J 193 12.95 2.00 -13.90
C LYS J 193 12.95 0.67 -14.66
N GLY J 194 14.07 -0.03 -14.64
CA GLY J 194 14.15 -1.32 -15.29
C GLY J 194 14.21 -1.22 -16.80
N LYS J 195 13.11 -1.56 -17.47
CA LYS J 195 13.03 -1.54 -18.93
C LYS J 195 12.10 -0.47 -19.47
N GLU J 196 11.60 0.44 -18.64
CA GLU J 196 10.69 1.48 -19.08
C GLU J 196 11.14 2.83 -18.56
N ALA J 197 11.12 3.84 -19.44
CA ALA J 197 11.51 5.20 -19.12
C ALA J 197 10.46 6.18 -19.61
N VAL J 198 10.49 7.40 -19.10
CA VAL J 198 9.59 8.46 -19.56
C VAL J 198 10.30 9.80 -19.46
N HIS J 199 10.08 10.65 -20.45
CA HIS J 199 10.41 12.07 -20.41
C HIS J 199 9.10 12.83 -20.46
N SER J 200 8.85 13.70 -19.48
CA SER J 200 7.52 14.28 -19.38
C SER J 200 7.58 15.70 -18.82
N ASP J 201 6.53 16.46 -19.12
CA ASP J 201 6.26 17.76 -18.52
C ASP J 201 4.75 17.96 -18.54
N LEU J 202 4.31 19.21 -18.42
CA LEU J 202 2.87 19.49 -18.41
C LEU J 202 2.18 19.17 -19.73
N GLY J 203 2.92 19.04 -20.82
CA GLY J 203 2.28 18.82 -22.10
C GLY J 203 2.80 17.64 -22.91
N TYR J 204 3.94 17.09 -22.53
CA TYR J 204 4.56 15.98 -23.23
C TYR J 204 4.55 14.74 -22.34
N TRP J 205 4.46 13.57 -22.97
CA TRP J 205 4.61 12.30 -22.25
C TRP J 205 5.21 11.30 -23.24
N ILE J 206 6.54 11.18 -23.21
CA ILE J 206 7.30 10.42 -24.19
C ILE J 206 7.83 9.16 -23.52
N GLU J 207 7.49 8.00 -24.08
CA GLU J 207 7.81 6.72 -23.47
C GLU J 207 8.81 5.95 -24.33
N SER J 208 9.77 5.30 -23.68
CA SER J 208 10.75 4.46 -24.35
C SER J 208 10.80 3.10 -23.67
N GLU J 209 11.29 2.11 -24.40
CA GLU J 209 11.32 0.74 -23.91
C GLU J 209 12.66 0.10 -24.25
N LYS J 210 12.97 -0.95 -23.50
CA LYS J 210 14.21 -1.71 -23.70
C LYS J 210 13.89 -2.97 -24.51
N ASN J 211 14.08 -2.85 -25.82
CA ASN J 211 14.18 -4.00 -26.71
C ASN J 211 15.66 -4.39 -26.76
N ASP J 212 16.08 -5.14 -27.78
CA ASP J 212 17.50 -5.37 -28.00
C ASP J 212 18.32 -4.08 -27.88
N THR J 213 17.70 -2.93 -28.13
CA THR J 213 18.31 -1.64 -27.87
C THR J 213 17.20 -0.69 -27.46
N TRP J 214 17.55 0.36 -26.72
CA TRP J 214 16.57 1.36 -26.32
C TRP J 214 16.05 2.11 -27.53
N ARG J 215 14.75 2.41 -27.52
CA ARG J 215 14.10 3.05 -28.65
C ARG J 215 12.82 3.72 -28.18
N LEU J 216 12.27 4.56 -29.05
CA LEU J 216 11.01 5.23 -28.77
C LEU J 216 9.86 4.25 -28.86
N LYS J 217 8.98 4.25 -27.85
CA LYS J 217 7.85 3.33 -27.80
C LYS J 217 6.55 4.02 -28.22
N ARG J 218 6.18 5.11 -27.55
CA ARG J 218 5.01 5.89 -27.92
C ARG J 218 5.08 7.24 -27.24
N ALA J 219 4.54 8.25 -27.92
CA ALA J 219 4.50 9.61 -27.40
C ALA J 219 3.08 10.14 -27.49
N HIS J 220 2.76 11.10 -26.63
CA HIS J 220 1.43 11.70 -26.58
C HIS J 220 1.60 13.18 -26.28
N LEU J 221 1.46 14.01 -27.31
CA LEU J 221 1.70 15.44 -27.22
C LEU J 221 0.37 16.18 -27.31
N ILE J 222 0.18 17.19 -26.45
CA ILE J 222 -0.99 18.05 -26.52
C ILE J 222 -0.61 19.49 -26.83
N GLU J 223 0.63 19.71 -27.27
CA GLU J 223 1.10 21.02 -27.71
C GLU J 223 2.39 20.80 -28.50
N MET J 224 2.84 21.86 -29.16
CA MET J 224 4.08 21.83 -29.94
C MET J 224 4.92 23.01 -29.50
N LYS J 225 5.76 22.79 -28.50
CA LYS J 225 6.64 23.82 -27.98
C LYS J 225 7.86 23.99 -28.87
N THR J 226 8.58 25.09 -28.67
CA THR J 226 9.82 25.32 -29.37
C THR J 226 10.95 25.76 -28.45
N CYS J 227 10.80 25.61 -27.14
CA CYS J 227 11.93 25.76 -26.25
C CYS J 227 12.86 24.56 -26.40
N GLU J 228 13.93 24.54 -25.62
CA GLU J 228 14.90 23.45 -25.66
C GLU J 228 14.79 22.63 -24.39
N TRP J 229 14.69 21.33 -24.55
CA TRP J 229 14.67 20.44 -23.40
C TRP J 229 16.01 20.53 -22.67
N PRO J 230 16.03 20.83 -21.37
CA PRO J 230 17.31 20.94 -20.67
C PRO J 230 18.06 19.62 -20.65
N LYS J 231 19.38 19.71 -20.73
CA LYS J 231 20.23 18.53 -20.70
C LYS J 231 20.34 17.92 -19.31
N SER J 232 20.13 18.71 -18.26
CA SER J 232 20.16 18.19 -16.90
C SER J 232 19.00 17.27 -16.60
N HIS J 233 17.95 17.31 -17.43
CA HIS J 233 16.75 16.52 -17.24
C HIS J 233 16.59 15.47 -18.35
N THR J 234 17.69 14.95 -18.87
CA THR J 234 17.67 14.03 -20.00
C THR J 234 18.58 12.86 -19.72
N LEU J 235 18.16 11.66 -20.11
CA LEU J 235 18.94 10.45 -19.94
C LEU J 235 19.74 10.16 -21.21
N TRP J 236 21.02 9.83 -21.05
CA TRP J 236 21.87 9.37 -22.14
C TRP J 236 21.98 10.42 -23.25
N THR J 237 22.64 11.52 -22.90
CA THR J 237 22.74 12.69 -23.77
C THR J 237 23.96 12.69 -24.68
N ASP J 238 24.82 11.68 -24.62
CA ASP J 238 26.06 11.70 -25.36
C ASP J 238 26.09 10.64 -26.45
N GLY J 239 26.84 10.91 -27.51
CA GLY J 239 26.95 9.97 -28.61
C GLY J 239 25.74 9.90 -29.51
N ILE J 240 24.92 10.95 -29.52
CA ILE J 240 23.69 10.99 -30.30
C ILE J 240 23.77 12.16 -31.27
N GLU J 241 23.32 11.93 -32.50
CA GLU J 241 23.26 12.96 -33.52
C GLU J 241 21.89 13.63 -33.51
N GLU J 242 21.87 14.92 -33.89
CA GLU J 242 20.61 15.64 -33.96
C GLU J 242 19.75 15.22 -35.15
N SER J 243 20.31 14.52 -36.12
CA SER J 243 19.58 14.08 -37.30
C SER J 243 18.92 12.73 -37.12
N ASP J 244 18.95 12.17 -35.91
CA ASP J 244 18.36 10.87 -35.64
C ASP J 244 17.18 10.92 -34.70
N LEU J 245 16.93 12.05 -34.05
CA LEU J 245 15.85 12.16 -33.09
C LEU J 245 14.51 12.14 -33.80
N ILE J 246 13.61 11.25 -33.37
CA ILE J 246 12.29 11.16 -33.98
C ILE J 246 11.53 12.48 -33.80
N ILE J 247 11.48 12.98 -32.57
CA ILE J 247 10.92 14.30 -32.30
C ILE J 247 12.06 15.31 -32.41
N PRO J 248 11.97 16.29 -33.32
CA PRO J 248 13.12 17.15 -33.59
C PRO J 248 13.52 17.98 -32.38
N LYS J 249 14.81 18.33 -32.34
CA LYS J 249 15.30 19.20 -31.28
C LYS J 249 14.66 20.58 -31.32
N SER J 250 14.21 21.00 -32.50
CA SER J 250 13.55 22.30 -32.63
C SER J 250 12.17 22.32 -32.00
N LEU J 251 11.60 21.16 -31.70
CA LEU J 251 10.27 21.05 -31.13
C LEU J 251 10.31 20.58 -29.68
N ALA J 252 11.35 20.98 -28.95
CA ALA J 252 11.53 20.62 -27.53
C ALA J 252 11.58 19.11 -27.33
N GLY J 253 12.15 18.40 -28.28
CA GLY J 253 12.38 16.99 -28.13
C GLY J 253 13.69 16.73 -27.43
N PRO J 254 13.69 15.82 -26.45
CA PRO J 254 14.93 15.54 -25.71
C PRO J 254 16.01 14.97 -26.61
N LEU J 255 17.24 15.42 -26.39
CA LEU J 255 18.39 14.98 -27.16
C LEU J 255 18.98 13.75 -26.47
N SER J 256 18.40 12.60 -26.80
CA SER J 256 18.74 11.37 -26.10
C SER J 256 18.56 10.17 -27.02
N HIS J 257 19.18 9.05 -26.64
CA HIS J 257 18.98 7.80 -27.35
C HIS J 257 17.60 7.22 -27.14
N HIS J 258 16.89 7.66 -26.10
CA HIS J 258 15.51 7.26 -25.89
C HIS J 258 14.55 7.92 -26.87
N ASN J 259 15.04 8.86 -27.67
CA ASN J 259 14.23 9.59 -28.64
C ASN J 259 14.57 9.17 -30.07
N THR J 260 14.88 7.90 -30.28
CA THR J 260 15.32 7.38 -31.57
C THR J 260 14.55 6.12 -31.92
N ARG J 261 14.73 5.67 -33.16
CA ARG J 261 14.20 4.40 -33.63
C ARG J 261 15.00 3.98 -34.85
N GLU J 262 15.27 2.69 -34.96
CA GLU J 262 16.11 2.19 -36.04
C GLU J 262 15.39 2.32 -37.39
N GLY J 263 16.14 2.77 -38.39
CA GLY J 263 15.60 2.93 -39.73
C GLY J 263 14.87 4.23 -39.98
N TYR J 264 14.72 5.07 -38.97
CA TYR J 264 14.03 6.35 -39.11
C TYR J 264 14.97 7.49 -38.78
N ARG J 265 14.71 8.64 -39.37
CA ARG J 265 15.44 9.87 -39.10
C ARG J 265 14.47 10.90 -38.52
N THR J 266 14.96 12.12 -38.36
CA THR J 266 14.16 13.17 -37.76
C THR J 266 12.99 13.54 -38.65
N GLN J 267 11.80 13.67 -38.04
CA GLN J 267 10.58 13.98 -38.79
C GLN J 267 10.36 15.48 -38.79
N MET J 268 11.20 16.17 -39.57
CA MET J 268 11.17 17.61 -39.62
C MET J 268 9.88 18.13 -40.25
N LYS J 269 9.25 17.33 -41.10
CA LYS J 269 8.07 17.73 -41.88
C LYS J 269 6.86 16.85 -41.57
N GLY J 270 6.60 16.61 -40.28
CA GLY J 270 5.42 15.89 -39.87
C GLY J 270 4.24 16.81 -39.69
N PRO J 271 3.09 16.25 -39.31
CA PRO J 271 1.86 17.05 -39.15
C PRO J 271 1.83 17.83 -37.84
N TRP J 272 2.73 18.80 -37.70
CA TRP J 272 2.84 19.57 -36.48
C TRP J 272 1.80 20.68 -36.40
N HIS J 273 0.99 20.87 -37.44
CA HIS J 273 -0.05 21.88 -37.42
C HIS J 273 -1.21 21.49 -36.53
N SER J 274 -1.33 20.21 -36.17
CA SER J 274 -2.49 19.73 -35.43
C SER J 274 -2.44 20.20 -33.98
N GLU J 275 -3.50 19.88 -33.25
CA GLU J 275 -3.65 20.33 -31.87
C GLU J 275 -3.31 19.23 -30.85
N GLU J 276 -3.23 17.98 -31.27
CA GLU J 276 -2.87 16.88 -30.38
C GLU J 276 -2.52 15.67 -31.22
N LEU J 277 -1.30 15.16 -31.09
CA LEU J 277 -0.86 13.96 -31.78
C LEU J 277 -0.60 12.82 -30.82
N GLU J 278 -0.40 11.64 -31.41
CA GLU J 278 -0.13 10.42 -30.68
C GLU J 278 0.77 9.57 -31.58
N ILE J 279 2.07 9.65 -31.36
CA ILE J 279 3.01 8.89 -32.17
C ILE J 279 3.01 7.44 -31.70
N ARG J 280 2.84 6.51 -32.63
CA ARG J 280 2.88 5.09 -32.31
C ARG J 280 3.28 4.34 -33.57
N PHE J 281 3.69 3.09 -33.37
CA PHE J 281 4.27 2.28 -34.44
C PHE J 281 3.32 1.12 -34.75
N GLU J 282 2.35 1.39 -35.63
CA GLU J 282 1.40 0.41 -36.12
C GLU J 282 0.64 1.04 -37.28
N GLU J 283 -0.02 0.19 -38.06
CA GLU J 283 -0.72 0.64 -39.25
C GLU J 283 -2.01 1.37 -38.90
N CYS J 284 -2.42 2.26 -39.81
CA CYS J 284 -3.74 2.86 -39.73
C CYS J 284 -4.81 1.81 -40.05
N PRO J 285 -6.05 2.02 -39.58
CA PRO J 285 -7.08 1.00 -39.79
C PRO J 285 -7.28 0.66 -41.26
N GLY J 286 -7.22 -0.64 -41.57
CA GLY J 286 -7.38 -1.11 -42.92
C GLY J 286 -6.33 -0.64 -43.90
N THR J 287 -5.06 -0.87 -43.59
CA THR J 287 -3.97 -0.50 -44.48
C THR J 287 -2.79 -1.43 -44.22
N LYS J 288 -1.95 -1.61 -45.23
CA LYS J 288 -0.71 -2.37 -45.08
C LYS J 288 0.43 -1.62 -45.76
N VAL J 289 1.63 -1.78 -45.20
CA VAL J 289 2.84 -1.14 -45.69
C VAL J 289 3.87 -2.22 -45.99
N HIS J 290 4.49 -2.14 -47.16
CA HIS J 290 5.43 -3.14 -47.60
C HIS J 290 6.85 -2.58 -47.56
N VAL J 291 7.83 -3.45 -47.86
CA VAL J 291 9.24 -3.09 -47.86
C VAL J 291 9.79 -3.40 -49.24
N GLU J 292 9.85 -2.38 -50.10
CA GLU J 292 10.48 -2.50 -51.42
C GLU J 292 11.48 -1.37 -51.59
N GLU J 293 12.68 -1.72 -52.06
CA GLU J 293 13.76 -0.74 -52.19
C GLU J 293 13.53 0.25 -53.33
N THR J 294 12.52 0.03 -54.16
CA THR J 294 12.24 0.91 -55.29
C THR J 294 11.31 2.05 -54.94
N CYS J 295 10.92 2.18 -53.68
CA CYS J 295 9.94 3.18 -53.27
C CYS J 295 10.52 4.59 -53.41
N GLY J 296 9.72 5.58 -53.04
CA GLY J 296 10.08 6.96 -53.26
C GLY J 296 11.09 7.49 -52.26
N THR J 297 11.20 8.82 -52.22
CA THR J 297 12.14 9.52 -51.35
C THR J 297 11.40 10.12 -50.17
N ARG J 298 12.16 10.50 -49.14
CA ARG J 298 11.59 11.16 -47.98
C ARG J 298 10.92 12.47 -48.38
N GLY J 299 9.76 12.73 -47.79
CA GLY J 299 9.02 13.93 -48.08
C GLY J 299 7.96 14.19 -47.04
N PRO J 300 7.05 15.12 -47.32
CA PRO J 300 6.03 15.50 -46.33
C PRO J 300 5.16 14.32 -45.95
N SER J 301 4.64 14.38 -44.72
CA SER J 301 3.79 13.32 -44.21
C SER J 301 2.41 13.35 -44.87
N LEU J 302 1.93 12.18 -45.28
CA LEU J 302 0.69 12.03 -46.00
C LEU J 302 -0.35 11.29 -45.14
N ARG J 303 -1.61 11.67 -45.28
CA ARG J 303 -2.64 10.92 -44.56
C ARG J 303 -2.94 9.61 -45.29
N SER J 304 -3.65 8.72 -44.57
CA SER J 304 -4.10 7.47 -45.14
C SER J 304 -5.42 7.61 -45.88
N THR J 305 -6.12 8.73 -45.75
CA THR J 305 -7.37 8.98 -46.45
C THR J 305 -7.25 10.23 -47.31
N THR J 306 -7.88 10.19 -48.48
CA THR J 306 -7.87 11.34 -49.38
C THR J 306 -8.88 12.38 -48.90
N ALA J 307 -8.92 13.51 -49.61
CA ALA J 307 -9.81 14.60 -49.21
C ALA J 307 -11.28 14.21 -49.24
N SER J 308 -11.63 13.19 -50.03
CA SER J 308 -13.00 12.70 -50.10
C SER J 308 -13.31 11.65 -49.04
N GLY J 309 -12.31 11.16 -48.32
CA GLY J 309 -12.51 10.09 -47.35
C GLY J 309 -12.14 8.71 -47.84
N ARG J 310 -11.51 8.59 -49.01
CA ARG J 310 -11.12 7.29 -49.55
C ARG J 310 -9.80 6.85 -48.93
N VAL J 311 -9.77 5.63 -48.42
CA VAL J 311 -8.60 5.10 -47.72
C VAL J 311 -7.70 4.38 -48.72
N ILE J 312 -6.43 4.78 -48.76
CA ILE J 312 -5.44 4.15 -49.63
C ILE J 312 -5.00 2.82 -49.02
N GLU J 313 -4.74 1.85 -49.88
CA GLU J 313 -4.50 0.48 -49.45
C GLU J 313 -3.07 0.00 -49.68
N GLU J 314 -2.20 0.82 -50.25
CA GLU J 314 -0.87 0.37 -50.64
C GLU J 314 0.15 1.46 -50.34
N TRP J 315 1.11 1.16 -49.46
CA TRP J 315 2.20 2.05 -49.15
C TRP J 315 3.50 1.26 -49.15
N CYS J 316 4.60 1.96 -49.44
CA CYS J 316 5.92 1.35 -49.44
C CYS J 316 6.89 2.20 -48.64
N CYS J 317 7.95 1.55 -48.16
CA CYS J 317 9.09 2.23 -47.57
C CYS J 317 10.36 1.56 -48.08
N ARG J 318 11.42 2.34 -48.21
CA ARG J 318 12.64 1.82 -48.81
C ARG J 318 13.48 1.06 -47.80
N GLU J 319 13.73 1.66 -46.63
CA GLU J 319 14.59 1.04 -45.62
C GLU J 319 14.04 1.23 -44.22
N CYS J 320 12.72 1.33 -44.07
CA CYS J 320 12.11 1.51 -42.77
C CYS J 320 12.07 0.17 -42.04
N THR J 321 11.35 0.10 -40.92
CA THR J 321 11.28 -1.11 -40.12
C THR J 321 9.85 -1.29 -39.59
N MET J 322 9.28 -2.46 -39.86
CA MET J 322 7.96 -2.77 -39.33
C MET J 322 8.01 -2.95 -37.82
N PRO J 323 6.97 -2.51 -37.08
CA PRO J 323 5.77 -1.80 -37.55
C PRO J 323 6.03 -0.32 -37.89
N PRO J 324 5.20 0.27 -38.73
CA PRO J 324 5.52 1.59 -39.28
C PRO J 324 5.15 2.74 -38.36
N LEU J 325 5.88 3.84 -38.52
CA LEU J 325 5.63 5.04 -37.74
C LEU J 325 4.40 5.77 -38.28
N SER J 326 3.47 6.10 -37.40
CA SER J 326 2.24 6.76 -37.80
C SER J 326 1.80 7.75 -36.73
N PHE J 327 1.16 8.82 -37.17
CA PHE J 327 0.64 9.86 -36.29
C PHE J 327 -0.88 9.75 -36.22
N ARG J 328 -1.44 9.99 -35.04
CA ARG J 328 -2.88 9.86 -34.81
C ARG J 328 -3.44 11.21 -34.39
N ALA J 329 -3.82 12.01 -35.38
CA ALA J 329 -4.51 13.26 -35.12
C ALA J 329 -6.00 12.98 -34.95
N LYS J 330 -6.76 14.03 -34.60
CA LYS J 330 -8.20 13.87 -34.45
C LYS J 330 -8.93 13.74 -35.78
N ASP J 331 -8.27 14.05 -36.90
CA ASP J 331 -8.91 14.02 -38.21
C ASP J 331 -8.03 13.32 -39.23
N GLY J 332 -7.51 12.16 -38.86
CA GLY J 332 -6.75 11.37 -39.82
C GLY J 332 -5.71 10.51 -39.11
N CYS J 333 -4.92 9.83 -39.93
CA CYS J 333 -3.87 8.93 -39.44
C CYS J 333 -2.74 8.98 -40.46
N TRP J 334 -1.75 9.83 -40.19
CA TRP J 334 -0.66 10.10 -41.11
C TRP J 334 0.44 9.06 -40.97
N TYR J 335 1.43 9.15 -41.85
CA TYR J 335 2.64 8.32 -41.79
C TYR J 335 3.89 9.17 -41.67
N GLY J 336 5.00 8.47 -41.48
CA GLY J 336 6.30 9.12 -41.45
C GLY J 336 6.77 9.51 -42.83
N MET J 337 7.87 10.26 -42.84
CA MET J 337 8.39 10.81 -44.09
C MET J 337 8.92 9.76 -45.05
N GLU J 338 9.23 8.56 -44.56
CA GLU J 338 9.85 7.52 -45.37
C GLU J 338 8.86 6.54 -45.99
N ILE J 339 7.56 6.72 -45.76
CA ILE J 339 6.54 5.79 -46.21
C ILE J 339 5.66 6.50 -47.23
N ARG J 340 5.66 5.99 -48.46
CA ARG J 340 4.95 6.59 -49.59
C ARG J 340 4.05 5.56 -50.23
N PRO J 341 2.98 6.00 -50.91
CA PRO J 341 2.06 5.03 -51.54
C PRO J 341 2.71 4.29 -52.70
N ARG J 342 2.29 3.03 -52.87
CA ARG J 342 2.85 2.19 -53.92
C ARG J 342 2.30 2.54 -55.29
N LYS J 343 1.00 2.87 -55.37
CA LYS J 343 0.35 3.09 -56.65
C LYS J 343 -0.18 4.51 -56.83
N GLU J 344 -0.97 5.00 -55.87
CA GLU J 344 -1.60 6.29 -56.02
C GLU J 344 -0.56 7.40 -56.11
N PRO J 345 -0.67 8.32 -57.06
CA PRO J 345 0.23 9.47 -57.08
C PRO J 345 -0.01 10.38 -55.88
N GLU J 346 1.03 11.09 -55.48
CA GLU J 346 0.98 11.90 -54.27
C GLU J 346 0.45 13.31 -54.50
N SER J 347 0.21 13.71 -55.75
CA SER J 347 -0.17 15.08 -56.03
C SER J 347 -1.62 15.39 -55.69
N ASN J 348 -2.44 14.38 -55.39
CA ASN J 348 -3.82 14.59 -55.01
C ASN J 348 -4.09 14.37 -53.53
N LEU J 349 -3.16 13.75 -52.81
CA LEU J 349 -3.32 13.58 -51.37
C LEU J 349 -3.10 14.91 -50.66
N VAL J 350 -3.33 14.90 -49.35
CA VAL J 350 -3.11 16.06 -48.50
C VAL J 350 -1.87 15.80 -47.65
N ARG J 351 -0.95 16.75 -47.66
CA ARG J 351 0.31 16.66 -46.94
C ARG J 351 0.47 17.86 -46.01
N SER J 352 1.42 17.75 -45.08
CA SER J 352 1.64 18.79 -44.09
C SER J 352 2.31 19.99 -44.73
N MET J 353 1.83 21.19 -44.37
CA MET J 353 2.35 22.45 -44.90
C MET J 353 3.34 23.12 -43.96
N VAL J 354 3.77 22.44 -42.90
CA VAL J 354 4.68 23.03 -41.92
C VAL J 354 5.95 22.20 -41.85
N THR J 355 7.04 22.85 -41.48
CA THR J 355 8.33 22.20 -41.31
C THR J 355 8.98 22.71 -40.02
N ALA J 356 9.84 21.88 -39.46
CA ALA J 356 10.53 22.22 -38.21
C ALA J 356 11.87 22.87 -38.49
N VAL K 2 29.68 47.61 -17.85
CA VAL K 2 30.43 46.40 -17.58
C VAL K 2 31.77 46.47 -18.30
N GLN K 3 32.54 45.39 -18.19
CA GLN K 3 33.82 45.28 -18.89
C GLN K 3 34.32 43.84 -18.84
N LEU K 4 34.72 43.30 -19.99
CA LEU K 4 35.29 41.97 -20.09
C LEU K 4 36.71 42.08 -20.63
N LEU K 5 37.63 41.30 -20.06
CA LEU K 5 39.03 41.38 -20.45
C LEU K 5 39.60 39.98 -20.63
N GLU K 6 40.18 39.73 -21.80
CA GLU K 6 40.78 38.45 -22.14
C GLU K 6 42.23 38.38 -21.69
N SER K 7 42.72 37.16 -21.54
CA SER K 7 44.08 36.94 -21.05
C SER K 7 44.53 35.55 -21.48
N GLY K 8 45.82 35.28 -21.26
CA GLY K 8 46.39 33.98 -21.54
C GLY K 8 46.94 33.79 -22.93
N GLY K 9 46.74 34.74 -23.83
CA GLY K 9 47.25 34.59 -25.18
C GLY K 9 48.76 34.70 -25.25
N GLY K 10 49.31 34.24 -26.35
CA GLY K 10 50.76 34.28 -26.53
C GLY K 10 51.18 33.39 -27.68
N LEU K 11 52.40 32.88 -27.58
CA LEU K 11 52.98 32.01 -28.58
C LEU K 11 53.11 30.60 -28.03
N ILE K 12 52.71 29.62 -28.83
CA ILE K 12 52.79 28.21 -28.45
C ILE K 12 53.16 27.41 -29.69
N GLN K 13 53.93 26.35 -29.49
CA GLN K 13 54.32 25.47 -30.58
C GLN K 13 53.21 24.47 -30.89
N PRO K 14 53.18 23.94 -32.11
CA PRO K 14 52.13 22.99 -32.48
C PRO K 14 52.11 21.77 -31.57
N GLY K 15 50.90 21.32 -31.24
CA GLY K 15 50.72 20.26 -30.26
C GLY K 15 50.73 20.72 -28.82
N GLY K 16 50.89 22.03 -28.57
CA GLY K 16 50.92 22.54 -27.22
C GLY K 16 49.56 22.85 -26.66
N SER K 17 49.53 23.18 -25.37
CA SER K 17 48.30 23.46 -24.65
C SER K 17 48.32 24.89 -24.15
N LEU K 18 47.22 25.61 -24.37
CA LEU K 18 47.05 26.96 -23.90
C LEU K 18 45.71 27.07 -23.19
N ARG K 19 45.59 28.05 -22.30
CA ARG K 19 44.39 28.22 -21.50
C ARG K 19 44.08 29.71 -21.40
N LEU K 20 43.03 30.15 -22.09
CA LEU K 20 42.63 31.54 -22.07
C LEU K 20 41.72 31.81 -20.88
N SER K 21 41.55 33.10 -20.58
CA SER K 21 40.68 33.54 -19.51
C SER K 21 39.94 34.80 -19.95
N CYS K 22 38.77 35.00 -19.37
CA CYS K 22 37.99 36.23 -19.60
C CYS K 22 37.43 36.67 -18.26
N ALA K 23 37.97 37.75 -17.72
CA ALA K 23 37.56 38.26 -16.42
C ALA K 23 36.38 39.22 -16.59
N ALA K 24 35.31 38.96 -15.86
CA ALA K 24 34.06 39.69 -16.01
C ALA K 24 33.87 40.66 -14.84
N SER K 25 33.54 41.91 -15.17
CA SER K 25 33.20 42.92 -14.18
C SER K 25 31.94 43.63 -14.63
N GLY K 26 30.98 43.80 -13.73
CA GLY K 26 29.70 44.38 -14.03
C GLY K 26 28.60 43.38 -14.28
N LEU K 27 28.94 42.13 -14.54
CA LEU K 27 27.97 41.06 -14.67
C LEU K 27 28.60 39.77 -14.18
N THR K 28 27.77 38.90 -13.61
CA THR K 28 28.22 37.59 -13.18
C THR K 28 27.98 36.56 -14.27
N VAL K 29 28.96 35.66 -14.44
CA VAL K 29 28.94 34.74 -15.57
C VAL K 29 28.03 33.55 -15.35
N SER K 30 27.58 33.30 -14.12
CA SER K 30 26.76 32.13 -13.86
C SER K 30 25.32 32.29 -14.33
N ASN K 31 24.87 33.51 -14.62
CA ASN K 31 23.52 33.74 -15.11
C ASN K 31 23.49 34.26 -16.54
N ASN K 32 24.54 34.01 -17.32
CA ASN K 32 24.62 34.52 -18.67
C ASN K 32 25.03 33.42 -19.64
N TYR K 33 24.61 33.56 -20.89
CA TYR K 33 25.13 32.73 -21.96
C TYR K 33 26.39 33.40 -22.50
N MET K 34 27.48 32.64 -22.58
CA MET K 34 28.78 33.19 -22.95
C MET K 34 29.33 32.45 -24.16
N ASN K 35 29.90 33.21 -25.10
CA ASN K 35 30.44 32.66 -26.32
C ASN K 35 31.95 32.90 -26.39
N TRP K 36 32.60 32.13 -27.27
CA TRP K 36 33.96 32.38 -27.69
C TRP K 36 33.96 32.48 -29.22
N VAL K 37 34.53 33.56 -29.74
CA VAL K 37 34.53 33.85 -31.17
C VAL K 37 35.95 34.16 -31.59
N ARG K 38 36.38 33.58 -32.71
CA ARG K 38 37.72 33.78 -33.22
C ARG K 38 37.70 34.30 -34.65
N GLN K 39 38.82 34.88 -35.07
CA GLN K 39 38.93 35.50 -36.38
C GLN K 39 40.36 35.36 -36.87
N ALA K 40 40.58 34.48 -37.84
CA ALA K 40 41.92 34.28 -38.39
C ALA K 40 42.38 35.55 -39.11
N PRO K 41 43.67 35.86 -39.06
CA PRO K 41 44.15 37.16 -39.58
C PRO K 41 43.86 37.32 -41.06
N GLY K 42 43.02 38.30 -41.39
CA GLY K 42 42.60 38.54 -42.75
C GLY K 42 41.37 37.78 -43.18
N LYS K 43 40.65 37.13 -42.27
CA LYS K 43 39.45 36.38 -42.58
C LYS K 43 38.30 36.86 -41.69
N GLY K 44 37.15 36.20 -41.80
CA GLY K 44 35.96 36.59 -41.09
C GLY K 44 35.81 35.92 -39.74
N LEU K 45 34.73 36.29 -39.06
CA LEU K 45 34.46 35.78 -37.73
C LEU K 45 34.01 34.33 -37.76
N GLU K 46 34.40 33.58 -36.73
CA GLU K 46 34.05 32.18 -36.59
C GLU K 46 33.61 31.91 -35.17
N TRP K 47 32.53 31.14 -35.02
CA TRP K 47 32.04 30.74 -33.70
C TRP K 47 32.78 29.51 -33.21
N VAL K 48 33.12 29.51 -31.92
CA VAL K 48 33.90 28.43 -31.32
C VAL K 48 33.05 27.58 -30.39
N SER K 49 32.51 28.16 -29.32
CA SER K 49 31.77 27.39 -28.34
C SER K 49 30.86 28.33 -27.54
N ILE K 50 29.91 27.73 -26.84
CA ILE K 50 28.95 28.45 -26.02
C ILE K 50 28.68 27.64 -24.76
N ILE K 51 28.40 28.34 -23.67
CA ILE K 51 27.96 27.72 -22.42
C ILE K 51 26.67 28.40 -21.98
N TYR K 52 25.64 27.61 -21.71
CA TYR K 52 24.37 28.17 -21.26
C TYR K 52 24.49 28.58 -19.79
N SER K 53 23.46 29.28 -19.31
CA SER K 53 23.43 29.64 -17.91
C SER K 53 23.12 28.46 -17.01
N SER K 54 22.60 27.38 -17.57
CA SER K 54 22.39 26.14 -16.83
C SER K 54 23.61 25.23 -16.84
N GLY K 55 24.60 25.50 -17.69
CA GLY K 55 25.81 24.71 -17.76
C GLY K 55 25.96 23.85 -19.00
N SER K 56 25.01 23.90 -19.92
CA SER K 56 25.13 23.13 -21.16
C SER K 56 26.14 23.78 -22.09
N THR K 57 26.94 22.95 -22.76
CA THR K 57 27.99 23.43 -23.64
C THR K 57 27.84 22.84 -25.03
N TYR K 58 28.22 23.63 -26.04
CA TYR K 58 28.22 23.19 -27.43
C TYR K 58 29.51 23.68 -28.08
N TYR K 59 29.94 22.98 -29.12
CA TYR K 59 31.18 23.29 -29.80
C TYR K 59 31.00 23.21 -31.30
N ALA K 60 31.88 23.88 -32.03
CA ALA K 60 31.93 23.78 -33.47
C ALA K 60 32.59 22.47 -33.89
N ASP K 61 32.34 22.08 -35.13
CA ASP K 61 32.90 20.83 -35.64
C ASP K 61 34.41 20.90 -35.83
N SER K 62 34.98 22.10 -35.93
CA SER K 62 36.42 22.23 -36.12
C SER K 62 37.20 22.00 -34.83
N VAL K 63 36.64 22.36 -33.69
CA VAL K 63 37.36 22.31 -32.42
C VAL K 63 36.80 21.25 -31.49
N LYS K 64 35.87 20.42 -31.97
CA LYS K 64 35.22 19.44 -31.12
C LYS K 64 36.20 18.31 -30.77
N GLY K 65 36.29 17.99 -29.48
CA GLY K 65 37.23 17.01 -29.00
C GLY K 65 38.56 17.58 -28.53
N ARG K 66 38.82 18.86 -28.76
CA ARG K 66 40.07 19.49 -28.37
C ARG K 66 39.89 20.66 -27.42
N PHE K 67 38.86 21.48 -27.62
CA PHE K 67 38.61 22.66 -26.81
C PHE K 67 37.59 22.32 -25.73
N THR K 68 37.62 23.08 -24.63
CA THR K 68 36.72 22.84 -23.51
C THR K 68 36.41 24.16 -22.85
N ILE K 69 35.17 24.64 -23.00
CA ILE K 69 34.73 25.85 -22.33
C ILE K 69 34.37 25.51 -20.89
N SER K 70 34.58 26.47 -20.00
CA SER K 70 34.32 26.26 -18.58
C SER K 70 34.15 27.63 -17.93
N ARG K 71 33.84 27.62 -16.64
CA ARG K 71 33.67 28.85 -15.87
C ARG K 71 33.89 28.56 -14.40
N ASP K 72 34.15 29.61 -13.65
CA ASP K 72 34.32 29.53 -12.20
C ASP K 72 33.37 30.50 -11.53
N THR K 73 32.63 30.01 -10.53
CA THR K 73 31.64 30.85 -9.86
C THR K 73 32.30 31.87 -8.94
N ARG K 74 33.31 31.43 -8.18
CA ARG K 74 33.89 32.30 -7.16
C ARG K 74 34.66 33.47 -7.78
N LYS K 75 35.50 33.19 -8.77
CA LYS K 75 36.30 34.24 -9.41
C LYS K 75 35.53 34.98 -10.49
N ASN K 76 34.39 34.48 -10.93
CA ASN K 76 33.54 35.13 -11.93
C ASN K 76 34.31 35.35 -13.23
N THR K 77 34.84 34.26 -13.78
CA THR K 77 35.64 34.32 -15.00
C THR K 77 35.29 33.16 -15.92
N LEU K 78 35.48 33.37 -17.22
CA LEU K 78 35.40 32.32 -18.22
C LEU K 78 36.76 31.67 -18.43
N TYR K 79 36.73 30.49 -19.04
CA TYR K 79 37.95 29.78 -19.39
C TYR K 79 37.75 29.08 -20.73
N LEU K 80 38.87 28.80 -21.39
CA LEU K 80 38.86 28.04 -22.64
C LEU K 80 40.15 27.22 -22.68
N GLN K 81 40.06 25.96 -22.27
CA GLN K 81 41.20 25.06 -22.34
C GLN K 81 41.40 24.59 -23.78
N MET K 82 42.65 24.57 -24.21
CA MET K 82 43.00 24.29 -25.60
C MET K 82 44.03 23.17 -25.60
N HIS K 83 43.84 22.19 -26.47
CA HIS K 83 44.74 21.04 -26.54
C HIS K 83 45.00 20.69 -27.99
N SER K 84 46.17 20.07 -28.23
CA SER K 84 46.55 19.58 -29.56
C SER K 84 46.42 20.67 -30.61
N LEU K 85 46.97 21.84 -30.31
CA LEU K 85 46.78 23.00 -31.18
C LEU K 85 47.41 22.77 -32.54
N ARG K 86 46.72 23.22 -33.57
CA ARG K 86 47.18 23.10 -34.95
C ARG K 86 47.58 24.47 -35.48
N VAL K 87 48.15 24.48 -36.68
CA VAL K 87 48.55 25.74 -37.30
C VAL K 87 47.33 26.58 -37.66
N GLU K 88 46.23 25.92 -38.06
CA GLU K 88 45.01 26.61 -38.44
C GLU K 88 44.21 27.13 -37.24
N ASP K 89 44.79 27.13 -36.05
CA ASP K 89 44.16 27.68 -34.86
C ASP K 89 44.70 29.06 -34.50
N THR K 90 45.46 29.68 -35.39
CA THR K 90 45.99 31.01 -35.17
C THR K 90 44.92 32.05 -35.50
N ALA K 91 44.54 32.85 -34.51
CA ALA K 91 43.48 33.83 -34.68
C ALA K 91 43.45 34.73 -33.43
N VAL K 92 42.46 35.61 -33.38
CA VAL K 92 42.19 36.45 -32.22
C VAL K 92 40.91 35.97 -31.57
N TYR K 93 40.92 35.81 -30.25
CA TYR K 93 39.82 35.19 -29.52
C TYR K 93 39.11 36.23 -28.66
N TYR K 94 37.79 36.31 -28.82
CA TYR K 94 36.94 37.20 -28.06
C TYR K 94 36.00 36.41 -27.16
N CYS K 95 35.71 36.97 -25.99
CA CYS K 95 34.59 36.50 -25.18
C CYS K 95 33.43 37.49 -25.31
N ALA K 96 32.21 36.98 -25.24
CA ALA K 96 31.05 37.82 -25.46
C ALA K 96 29.89 37.32 -24.62
N ARG K 97 28.93 38.20 -24.38
CA ARG K 97 27.71 37.89 -23.67
C ARG K 97 26.55 37.85 -24.66
N GLU K 98 25.70 36.83 -24.54
CA GLU K 98 24.59 36.63 -25.47
C GLU K 98 23.26 36.68 -24.74
N ARG K 99 22.36 37.52 -25.24
CA ARG K 99 20.98 37.61 -24.79
C ARG K 99 20.06 37.60 -25.99
N GLY K 100 20.38 36.75 -26.97
CA GLY K 100 19.82 36.82 -28.30
C GLY K 100 20.71 37.56 -29.28
N TRP K 101 21.64 38.36 -28.77
CA TRP K 101 22.60 39.11 -29.57
C TRP K 101 23.85 39.32 -28.73
N LEU K 102 24.97 39.55 -29.40
CA LEU K 102 26.24 39.78 -28.73
C LEU K 102 26.43 41.29 -28.56
N ASP K 103 26.10 41.79 -27.37
CA ASP K 103 26.13 43.23 -27.12
C ASP K 103 27.31 43.68 -26.28
N TYR K 104 28.04 42.75 -25.65
CA TYR K 104 29.21 43.03 -24.83
C TYR K 104 30.36 42.14 -25.28
N TRP K 105 31.30 42.72 -26.04
CA TRP K 105 32.49 42.02 -26.49
C TRP K 105 33.67 42.37 -25.60
N GLY K 106 34.72 41.56 -25.69
CA GLY K 106 35.98 41.85 -25.05
C GLY K 106 36.93 42.59 -25.98
N GLN K 107 38.12 42.85 -25.47
CA GLN K 107 39.14 43.49 -26.30
C GLN K 107 39.78 42.51 -27.28
N GLY K 108 39.93 41.26 -26.88
CA GLY K 108 40.52 40.24 -27.72
C GLY K 108 41.94 39.89 -27.32
N THR K 109 42.32 38.64 -27.55
CA THR K 109 43.67 38.17 -27.27
C THR K 109 44.17 37.39 -28.48
N LEU K 110 45.49 37.36 -28.64
CA LEU K 110 46.13 36.80 -29.82
C LEU K 110 46.80 35.48 -29.48
N VAL K 111 46.55 34.47 -30.31
CA VAL K 111 47.14 33.15 -30.16
C VAL K 111 47.83 32.77 -31.47
N THR K 112 49.10 32.42 -31.38
CA THR K 112 49.90 32.05 -32.54
C THR K 112 50.48 30.65 -32.34
N VAL K 113 50.40 29.84 -33.39
CA VAL K 113 50.92 28.48 -33.37
C VAL K 113 51.91 28.35 -34.51
N SER K 114 53.19 28.15 -34.17
CA SER K 114 54.26 28.05 -35.16
C SER K 114 55.52 27.57 -34.45
N SER K 115 56.61 27.50 -35.21
CA SER K 115 57.90 27.09 -34.67
C SER K 115 58.92 28.22 -34.73
N ILE L 2 22.51 26.01 -40.87
CA ILE L 2 22.06 27.22 -41.53
C ILE L 2 23.25 28.03 -42.01
N TRP L 3 23.51 27.99 -43.31
CA TRP L 3 24.56 28.80 -43.91
C TRP L 3 24.03 30.18 -44.24
N MET L 4 24.89 31.18 -44.11
CA MET L 4 24.52 32.57 -44.35
C MET L 4 25.39 33.12 -45.48
N THR L 5 24.74 33.54 -46.57
CA THR L 5 25.42 34.10 -47.73
C THR L 5 25.14 35.59 -47.77
N GLN L 6 26.20 36.40 -47.77
CA GLN L 6 26.09 37.84 -47.68
C GLN L 6 26.69 38.47 -48.93
N SER L 7 25.88 39.22 -49.66
CA SER L 7 26.31 39.89 -50.88
C SER L 7 25.91 41.36 -50.83
N PRO L 8 26.70 42.25 -51.46
CA PRO L 8 27.93 41.98 -52.20
C PRO L 8 29.14 41.75 -51.30
N SER L 9 30.20 41.16 -51.84
CA SER L 9 31.40 40.92 -51.05
C SER L 9 32.08 42.22 -50.66
N SER L 10 32.12 43.19 -51.56
CA SER L 10 32.71 44.49 -51.28
C SER L 10 31.85 45.58 -51.91
N LEU L 11 31.98 46.79 -51.37
CA LEU L 11 31.15 47.91 -51.81
C LEU L 11 31.93 49.21 -51.67
N SER L 12 31.77 50.09 -52.65
CA SER L 12 32.40 51.41 -52.62
C SER L 12 31.36 52.44 -53.02
N ALA L 13 31.23 53.49 -52.21
CA ALA L 13 30.29 54.57 -52.49
C ALA L 13 30.71 55.80 -51.69
N SER L 14 30.23 56.96 -52.13
CA SER L 14 30.65 58.22 -51.54
C SER L 14 29.68 58.67 -50.46
N VAL L 15 29.96 59.84 -49.89
CA VAL L 15 29.21 60.35 -48.75
C VAL L 15 27.87 60.86 -49.21
N GLY L 16 26.81 60.50 -48.47
CA GLY L 16 25.46 60.94 -48.75
C GLY L 16 24.61 59.94 -49.50
N ASP L 17 25.21 58.90 -50.07
CA ASP L 17 24.47 57.92 -50.84
C ASP L 17 23.81 56.90 -49.91
N ARG L 18 22.95 56.07 -50.50
CA ARG L 18 22.30 54.98 -49.81
C ARG L 18 22.84 53.65 -50.33
N VAL L 19 23.34 52.81 -49.43
CA VAL L 19 23.90 51.51 -49.77
C VAL L 19 23.17 50.45 -48.95
N THR L 20 22.89 49.32 -49.58
CA THR L 20 22.16 48.23 -48.95
C THR L 20 23.01 46.96 -48.99
N ILE L 21 23.17 46.34 -47.83
CA ILE L 21 23.87 45.06 -47.71
C ILE L 21 22.83 43.97 -47.51
N THR L 22 22.99 42.86 -48.22
CA THR L 22 21.98 41.81 -48.28
C THR L 22 22.53 40.53 -47.68
N CYS L 23 21.75 39.91 -46.79
CA CYS L 23 22.10 38.64 -46.18
C CYS L 23 20.98 37.63 -46.46
N ARG L 24 21.38 36.38 -46.64
CA ARG L 24 20.44 35.31 -46.94
C ARG L 24 20.73 34.11 -46.03
N ALA L 25 19.66 33.39 -45.67
CA ALA L 25 19.75 32.20 -44.84
C ALA L 25 19.22 31.01 -45.62
N SER L 26 19.96 29.90 -45.57
CA SER L 26 19.54 28.70 -46.32
C SER L 26 18.35 28.00 -45.71
N GLN L 27 17.95 28.39 -44.50
CA GLN L 27 16.83 27.77 -43.81
C GLN L 27 15.98 28.87 -43.18
N SER L 28 15.02 28.47 -42.36
CA SER L 28 14.17 29.41 -41.65
C SER L 28 14.79 29.77 -40.31
N VAL L 29 14.93 31.07 -40.07
CA VAL L 29 15.21 31.62 -38.75
C VAL L 29 14.00 32.44 -38.36
N SER L 30 13.57 32.33 -37.10
CA SER L 30 12.32 32.96 -36.73
C SER L 30 12.41 34.47 -36.89
N SER L 31 13.18 35.13 -36.02
CA SER L 31 13.57 36.51 -36.26
C SER L 31 14.96 36.80 -35.72
N HIS L 32 15.79 35.77 -35.53
CA HIS L 32 17.04 35.91 -34.78
C HIS L 32 18.18 36.21 -35.74
N LEU L 33 18.20 37.45 -36.22
CA LEU L 33 19.24 37.94 -37.10
C LEU L 33 19.79 39.25 -36.56
N ASN L 34 21.11 39.37 -36.52
CA ASN L 34 21.78 40.55 -35.98
C ASN L 34 22.84 41.04 -36.95
N TRP L 35 23.06 42.35 -36.94
CA TRP L 35 24.05 43.00 -37.79
C TRP L 35 25.13 43.62 -36.93
N TYR L 36 26.39 43.34 -37.25
CA TYR L 36 27.53 43.84 -36.51
C TYR L 36 28.44 44.66 -37.41
N GLN L 37 29.21 45.55 -36.80
CA GLN L 37 30.16 46.39 -37.51
C GLN L 37 31.53 46.28 -36.84
N GLN L 38 32.55 46.03 -37.64
CA GLN L 38 33.91 45.88 -37.13
C GLN L 38 34.86 46.78 -37.90
N LYS L 39 35.69 47.52 -37.18
CA LYS L 39 36.73 48.36 -37.72
C LYS L 39 38.09 47.71 -37.51
N PRO L 40 39.09 48.05 -38.32
CA PRO L 40 40.38 47.37 -38.22
C PRO L 40 41.03 47.56 -36.86
N GLY L 41 41.43 46.45 -36.24
CA GLY L 41 42.08 46.45 -34.96
C GLY L 41 41.16 46.56 -33.75
N LYS L 42 39.86 46.61 -33.96
CA LYS L 42 38.90 46.77 -32.87
C LYS L 42 37.90 45.62 -32.87
N ALA L 43 37.32 45.37 -31.70
CA ALA L 43 36.31 44.34 -31.57
C ALA L 43 35.04 44.74 -32.31
N PRO L 44 34.23 43.79 -32.75
CA PRO L 44 32.97 44.13 -33.42
C PRO L 44 32.02 44.86 -32.49
N LYS L 45 31.03 45.49 -33.11
CA LYS L 45 30.04 46.27 -32.38
C LYS L 45 28.66 45.94 -32.92
N LEU L 46 27.71 45.68 -32.02
CA LEU L 46 26.35 45.35 -32.44
C LEU L 46 25.63 46.60 -32.91
N LEU L 47 25.05 46.53 -34.10
CA LEU L 47 24.27 47.62 -34.67
C LEU L 47 22.78 47.31 -34.65
N ILE L 48 22.38 46.24 -35.32
CA ILE L 48 20.93 45.91 -35.44
C ILE L 48 20.69 44.51 -34.89
N TYR L 49 19.59 44.29 -34.17
CA TYR L 49 19.24 42.92 -33.68
C TYR L 49 17.78 42.64 -33.99
N ALA L 50 17.33 41.40 -33.75
CA ALA L 50 15.92 41.01 -34.01
C ALA L 50 15.47 41.51 -35.38
N VAL L 51 16.30 41.35 -36.43
CA VAL L 51 15.96 41.75 -37.83
C VAL L 51 15.95 43.28 -37.99
N SER L 52 15.16 44.02 -37.20
CA SER L 52 15.03 45.49 -37.40
C SER L 52 15.36 46.28 -36.13
N SER L 53 15.10 45.71 -34.95
CA SER L 53 15.32 46.44 -33.66
C SER L 53 16.69 47.12 -33.64
N LEU L 54 16.73 48.42 -33.34
CA LEU L 54 18.01 49.19 -33.34
C LEU L 54 18.63 49.20 -31.95
N GLN L 55 19.97 49.14 -31.87
CA GLN L 55 20.68 49.14 -30.61
C GLN L 55 20.91 50.58 -30.13
N SER L 56 20.85 50.76 -28.81
CA SER L 56 21.03 52.08 -28.22
C SER L 56 22.42 52.62 -28.53
N GLY L 57 22.49 53.93 -28.80
CA GLY L 57 23.72 54.58 -29.16
C GLY L 57 24.04 54.55 -30.64
N VAL L 58 23.45 53.62 -31.37
CA VAL L 58 23.60 53.62 -32.84
C VAL L 58 22.75 54.72 -33.43
N PRO L 59 23.28 55.56 -34.31
CA PRO L 59 22.47 56.64 -34.90
C PRO L 59 21.32 56.08 -35.73
N SER L 60 20.46 56.99 -36.17
CA SER L 60 19.25 56.62 -36.88
C SER L 60 19.48 56.36 -38.37
N ARG L 61 20.71 56.52 -38.86
CA ARG L 61 20.99 56.28 -40.27
C ARG L 61 20.95 54.81 -40.65
N PHE L 62 20.88 53.91 -39.67
CA PHE L 62 20.90 52.48 -39.91
C PHE L 62 19.50 51.91 -39.71
N SER L 63 19.08 51.05 -40.64
CA SER L 63 17.80 50.37 -40.51
C SER L 63 17.87 49.07 -41.30
N GLY L 64 17.24 48.01 -40.76
CA GLY L 64 17.23 46.72 -41.40
C GLY L 64 15.82 46.19 -41.56
N GLY L 65 15.74 44.97 -42.09
CA GLY L 65 14.47 44.30 -42.24
C GLY L 65 14.11 44.03 -43.68
N ASP L 66 13.53 42.85 -43.94
CA ASP L 66 13.06 42.53 -45.27
C ASP L 66 12.04 41.41 -45.17
N SER L 67 11.28 41.23 -46.24
CA SER L 67 10.24 40.22 -46.32
C SER L 67 10.75 39.00 -47.08
N GLY L 68 10.24 37.84 -46.70
CA GLY L 68 10.62 36.60 -47.35
C GLY L 68 11.73 35.86 -46.64
N THR L 69 12.59 35.22 -47.42
CA THR L 69 13.73 34.49 -46.88
C THR L 69 15.02 35.30 -46.93
N ASP L 70 14.92 36.60 -47.23
CA ASP L 70 16.06 37.47 -47.41
C ASP L 70 16.01 38.63 -46.42
N PHE L 71 17.18 39.14 -46.06
CA PHE L 71 17.31 40.23 -45.11
C PHE L 71 18.26 41.29 -45.66
N THR L 72 18.01 42.54 -45.30
CA THR L 72 18.78 43.65 -45.81
C THR L 72 19.13 44.63 -44.69
N LEU L 73 20.30 45.26 -44.82
CA LEU L 73 20.71 46.36 -43.95
C LEU L 73 20.94 47.59 -44.80
N THR L 74 20.41 48.72 -44.36
CA THR L 74 20.37 49.95 -45.15
C THR L 74 21.07 51.08 -44.42
N ILE L 75 21.81 51.89 -45.16
CA ILE L 75 22.50 53.07 -44.64
C ILE L 75 21.82 54.30 -45.23
N ALA L 76 21.50 55.28 -44.38
CA ALA L 76 20.80 56.47 -44.85
C ALA L 76 21.77 57.48 -45.46
N SER L 77 22.70 57.99 -44.67
CA SER L 77 23.67 58.98 -45.11
C SER L 77 25.06 58.44 -44.81
N LEU L 78 25.85 58.19 -45.85
CA LEU L 78 27.15 57.54 -45.71
C LEU L 78 28.14 58.54 -45.13
N GLN L 79 28.09 58.70 -43.81
CA GLN L 79 29.04 59.55 -43.12
C GLN L 79 30.45 58.99 -43.30
N PRO L 80 31.48 59.83 -43.23
CA PRO L 80 32.84 59.35 -43.49
C PRO L 80 33.47 58.57 -42.35
N GLU L 81 32.77 58.43 -41.22
CA GLU L 81 33.18 57.55 -40.13
C GLU L 81 32.39 56.25 -40.12
N ASP L 82 31.81 55.87 -41.26
CA ASP L 82 30.97 54.69 -41.38
C ASP L 82 31.51 53.74 -42.44
N PHE L 83 32.82 53.57 -42.47
CA PHE L 83 33.48 52.67 -43.43
C PHE L 83 34.16 51.56 -42.65
N ALA L 84 33.65 50.35 -42.77
CA ALA L 84 34.09 49.21 -41.99
C ALA L 84 33.55 47.95 -42.65
N THR L 85 33.69 46.81 -41.95
CA THR L 85 33.14 45.54 -42.40
C THR L 85 31.90 45.21 -41.59
N TYR L 86 30.88 44.69 -42.26
CA TYR L 86 29.59 44.36 -41.65
C TYR L 86 29.29 42.88 -41.82
N TYR L 87 28.78 42.26 -40.77
CA TYR L 87 28.45 40.84 -40.76
C TYR L 87 27.01 40.64 -40.30
N CYS L 88 26.40 39.55 -40.75
CA CYS L 88 25.10 39.10 -40.26
C CYS L 88 25.28 37.79 -39.52
N GLN L 89 24.46 37.59 -38.48
CA GLN L 89 24.54 36.41 -37.64
C GLN L 89 23.13 35.91 -37.33
N GLN L 90 23.00 34.59 -37.20
CA GLN L 90 21.79 33.97 -36.70
C GLN L 90 22.05 33.36 -35.33
N THR L 91 21.13 33.56 -34.41
CA THR L 91 21.21 33.03 -33.05
C THR L 91 20.04 32.11 -32.77
N TYR L 92 19.61 31.36 -33.77
CA TYR L 92 18.44 30.50 -33.67
C TYR L 92 18.79 29.03 -33.47
N THR L 93 19.91 28.57 -34.03
CA THR L 93 20.25 27.17 -34.03
C THR L 93 21.74 27.02 -33.69
N ILE L 94 22.07 25.90 -33.05
CA ILE L 94 23.47 25.52 -32.84
C ILE L 94 23.89 24.66 -34.02
N PRO L 95 25.03 24.95 -34.68
CA PRO L 95 26.01 26.00 -34.35
C PRO L 95 25.60 27.39 -34.79
N ARG L 96 26.10 28.41 -34.08
CA ARG L 96 25.93 29.78 -34.50
C ARG L 96 26.76 30.03 -35.75
N THR L 97 26.18 30.75 -36.72
CA THR L 97 26.85 31.02 -37.98
C THR L 97 26.85 32.51 -38.27
N PHE L 98 27.94 32.98 -38.89
CA PHE L 98 28.09 34.34 -39.36
C PHE L 98 28.04 34.35 -40.88
N GLY L 99 28.14 35.55 -41.44
CA GLY L 99 28.35 35.72 -42.86
C GLY L 99 29.79 36.04 -43.17
N GLN L 100 30.18 35.91 -44.44
CA GLN L 100 31.56 36.14 -44.83
C GLN L 100 31.97 37.60 -44.72
N GLY L 101 31.02 38.52 -44.60
CA GLY L 101 31.37 39.92 -44.42
C GLY L 101 31.29 40.70 -45.72
N THR L 102 31.04 42.00 -45.57
CA THR L 102 30.99 42.92 -46.70
C THR L 102 31.74 44.18 -46.32
N LYS L 103 32.75 44.54 -47.11
CA LYS L 103 33.60 45.69 -46.83
C LYS L 103 33.08 46.92 -47.56
N VAL L 104 32.89 48.01 -46.83
CA VAL L 104 32.47 49.28 -47.39
C VAL L 104 33.65 50.24 -47.32
N GLU L 105 34.09 50.71 -48.48
CA GLU L 105 35.27 51.56 -48.58
C GLU L 105 34.88 52.90 -49.21
N ILE L 106 35.73 53.91 -48.95
CA ILE L 106 35.48 55.25 -49.47
C ILE L 106 35.70 55.27 -50.97
N LYS L 107 34.78 55.89 -51.68
CA LYS L 107 34.88 56.01 -53.14
C LYS L 107 35.49 57.34 -53.54
#